data_4PWS
# 
_entry.id   4PWS 
# 
_audit_conform.dict_name       mmcif_pdbx.dic 
_audit_conform.dict_version    5.381 
_audit_conform.dict_location   http://mmcif.pdb.org/dictionaries/ascii/mmcif_pdbx.dic 
# 
loop_
_database_2.database_id 
_database_2.database_code 
_database_2.pdbx_database_accession 
_database_2.pdbx_DOI 
PDB   4PWS         pdb_00004pws 10.2210/pdb4pws/pdb 
RCSB  RCSB085316   ?            ?                   
WWPDB D_1000085316 ?            ?                   
# 
_pdbx_database_status.entry_id                        4PWS 
_pdbx_database_status.methods_development_category    ? 
_pdbx_database_status.deposit_site                    RCSB 
_pdbx_database_status.process_site                    PDBJ 
_pdbx_database_status.recvd_initial_deposition_date   2014-03-21 
_pdbx_database_status.status_code                     REL 
_pdbx_database_status.status_code_sf                  REL 
_pdbx_database_status.status_code_mr                  ? 
_pdbx_database_status.SG_entry                        ? 
_pdbx_database_status.status_code_cs                  ? 
_pdbx_database_status.pdb_format_compatible           Y 
_pdbx_database_status.status_code_nmr_data            ? 
# 
loop_
_audit_author.name 
_audit_author.pdbx_ordinal 
_audit_author.identifier_ORCID 
'Kundu, P.'             1 ? 
'Biswas, R.'            2 ? 
'Mukherjee, S.'         3 ? 
'Reinhard, L.'          4 ? 
'Mueller-dieckmann, J.' 5 ? 
'Weiss, M.S.'           6 ? 
'Das, A.K.'             7 ? 
# 
_citation.id                        primary 
_citation.title                     'Structure-based Epitope Mapping of Mycobacterium tuberculosis Secretary Antigen MTC28' 
_citation.journal_abbrev            J.Biol.Chem. 
_citation.journal_volume            291 
_citation.page_first                13943 
_citation.page_last                 13954 
_citation.year                      2016 
_citation.journal_id_ASTM           JBCHA3 
_citation.country                   US 
_citation.journal_id_ISSN           0021-9258 
_citation.journal_id_CSD            0071 
_citation.book_publisher            ? 
_citation.pdbx_database_id_PubMed   27189947 
_citation.pdbx_database_id_DOI      10.1074/jbc.M116.726422 
# 
loop_
_citation_author.citation_id 
_citation_author.name 
_citation_author.ordinal 
_citation_author.identifier_ORCID 
primary 'Kundu, P.'             1 ? 
primary 'Biswas, R.'            2 ? 
primary 'Mukherjee, S.'         3 ? 
primary 'Reinhard, L.'          4 ? 
primary 'Dutta, A.'             5 ? 
primary 'Mueller-Dieckmann, J.' 6 ? 
primary 'Weiss, M.S.'           7 ? 
primary 'Pal, N.K.'             8 ? 
primary 'Das, A.K.'             9 ? 
# 
_cell.length_a           101.410 
_cell.length_b           101.410 
_cell.length_c           67.690 
_cell.angle_alpha        90.000 
_cell.angle_beta         90.000 
_cell.angle_gamma        120.000 
_cell.entry_id           4PWS 
_cell.pdbx_unique_axis   ? 
_cell.Z_PDB              6 
_cell.length_a_esd       ? 
_cell.length_b_esd       ? 
_cell.length_c_esd       ? 
_cell.angle_alpha_esd    ? 
_cell.angle_beta_esd     ? 
_cell.angle_gamma_esd    ? 
# 
_symmetry.space_group_name_H-M             'P 31 2 1' 
_symmetry.entry_id                         4PWS 
_symmetry.Int_Tables_number                152 
_symmetry.pdbx_full_space_group_name_H-M   ? 
_symmetry.cell_setting                     ? 
_symmetry.space_group_name_Hall            ? 
# 
loop_
_entity.id 
_entity.type 
_entity.src_method 
_entity.pdbx_description 
_entity.formula_weight 
_entity.pdbx_number_of_molecules 
_entity.pdbx_ec 
_entity.pdbx_mutation 
_entity.pdbx_fragment 
_entity.details 
1 polymer     man 'Proline-rich 28 kDa antigen' 29899.729 1  ? ? 'UNP residues 32-310' ? 
2 non-polymer syn 'CHLORIDE ION'                35.453    1  ? ? ?                     ? 
3 water       nat water                         18.015    47 ? ? ?                     ? 
# 
_entity_poly.entity_id                      1 
_entity_poly.type                           'polypeptide(L)' 
_entity_poly.nstd_linkage                   no 
_entity_poly.nstd_monomer                   no 
_entity_poly.pdbx_seq_one_letter_code       
;HHHHHHGSACADPLLPPPPIPAPVSAPATVPPVQNLTALPGGSSNRFSPAPAPAPIASPIPVGAPGSTAVPPLPPPVTPA
ISGTLRDHLREKGVKLEAQRPHGFKALDITLPMPPRWTQVPDPNVPDAFVVIADRLGNSVYTSNAQLVVYRLIGDFDPAE
AITHGYIDSQKLLAWQTTNASMANFDGFPSSIIEGTYRENDMTLNTSRRHVIATSGADKYLVSLSVTTALSQAVTDGPAT
DAIVNGFQVVAHAAPAQAPAPAPGSAPVGLPGQAPGYPPAGTLTPVPPR
;
_entity_poly.pdbx_seq_one_letter_code_can   
;HHHHHHGSACADPLLPPPPIPAPVSAPATVPPVQNLTALPGGSSNRFSPAPAPAPIASPIPVGAPGSTAVPPLPPPVTPA
ISGTLRDHLREKGVKLEAQRPHGFKALDITLPMPPRWTQVPDPNVPDAFVVIADRLGNSVYTSNAQLVVYRLIGDFDPAE
AITHGYIDSQKLLAWQTTNASMANFDGFPSSIIEGTYRENDMTLNTSRRHVIATSGADKYLVSLSVTTALSQAVTDGPAT
DAIVNGFQVVAHAAPAQAPAPAPGSAPVGLPGQAPGYPPAGTLTPVPPR
;
_entity_poly.pdbx_strand_id                 A 
_entity_poly.pdbx_target_identifier         ? 
# 
loop_
_entity_poly_seq.entity_id 
_entity_poly_seq.num 
_entity_poly_seq.mon_id 
_entity_poly_seq.hetero 
1 1   HIS n 
1 2   HIS n 
1 3   HIS n 
1 4   HIS n 
1 5   HIS n 
1 6   HIS n 
1 7   GLY n 
1 8   SER n 
1 9   ALA n 
1 10  CYS n 
1 11  ALA n 
1 12  ASP n 
1 13  PRO n 
1 14  LEU n 
1 15  LEU n 
1 16  PRO n 
1 17  PRO n 
1 18  PRO n 
1 19  PRO n 
1 20  ILE n 
1 21  PRO n 
1 22  ALA n 
1 23  PRO n 
1 24  VAL n 
1 25  SER n 
1 26  ALA n 
1 27  PRO n 
1 28  ALA n 
1 29  THR n 
1 30  VAL n 
1 31  PRO n 
1 32  PRO n 
1 33  VAL n 
1 34  GLN n 
1 35  ASN n 
1 36  LEU n 
1 37  THR n 
1 38  ALA n 
1 39  LEU n 
1 40  PRO n 
1 41  GLY n 
1 42  GLY n 
1 43  SER n 
1 44  SER n 
1 45  ASN n 
1 46  ARG n 
1 47  PHE n 
1 48  SER n 
1 49  PRO n 
1 50  ALA n 
1 51  PRO n 
1 52  ALA n 
1 53  PRO n 
1 54  ALA n 
1 55  PRO n 
1 56  ILE n 
1 57  ALA n 
1 58  SER n 
1 59  PRO n 
1 60  ILE n 
1 61  PRO n 
1 62  VAL n 
1 63  GLY n 
1 64  ALA n 
1 65  PRO n 
1 66  GLY n 
1 67  SER n 
1 68  THR n 
1 69  ALA n 
1 70  VAL n 
1 71  PRO n 
1 72  PRO n 
1 73  LEU n 
1 74  PRO n 
1 75  PRO n 
1 76  PRO n 
1 77  VAL n 
1 78  THR n 
1 79  PRO n 
1 80  ALA n 
1 81  ILE n 
1 82  SER n 
1 83  GLY n 
1 84  THR n 
1 85  LEU n 
1 86  ARG n 
1 87  ASP n 
1 88  HIS n 
1 89  LEU n 
1 90  ARG n 
1 91  GLU n 
1 92  LYS n 
1 93  GLY n 
1 94  VAL n 
1 95  LYS n 
1 96  LEU n 
1 97  GLU n 
1 98  ALA n 
1 99  GLN n 
1 100 ARG n 
1 101 PRO n 
1 102 HIS n 
1 103 GLY n 
1 104 PHE n 
1 105 LYS n 
1 106 ALA n 
1 107 LEU n 
1 108 ASP n 
1 109 ILE n 
1 110 THR n 
1 111 LEU n 
1 112 PRO n 
1 113 MET n 
1 114 PRO n 
1 115 PRO n 
1 116 ARG n 
1 117 TRP n 
1 118 THR n 
1 119 GLN n 
1 120 VAL n 
1 121 PRO n 
1 122 ASP n 
1 123 PRO n 
1 124 ASN n 
1 125 VAL n 
1 126 PRO n 
1 127 ASP n 
1 128 ALA n 
1 129 PHE n 
1 130 VAL n 
1 131 VAL n 
1 132 ILE n 
1 133 ALA n 
1 134 ASP n 
1 135 ARG n 
1 136 LEU n 
1 137 GLY n 
1 138 ASN n 
1 139 SER n 
1 140 VAL n 
1 141 TYR n 
1 142 THR n 
1 143 SER n 
1 144 ASN n 
1 145 ALA n 
1 146 GLN n 
1 147 LEU n 
1 148 VAL n 
1 149 VAL n 
1 150 TYR n 
1 151 ARG n 
1 152 LEU n 
1 153 ILE n 
1 154 GLY n 
1 155 ASP n 
1 156 PHE n 
1 157 ASP n 
1 158 PRO n 
1 159 ALA n 
1 160 GLU n 
1 161 ALA n 
1 162 ILE n 
1 163 THR n 
1 164 HIS n 
1 165 GLY n 
1 166 TYR n 
1 167 ILE n 
1 168 ASP n 
1 169 SER n 
1 170 GLN n 
1 171 LYS n 
1 172 LEU n 
1 173 LEU n 
1 174 ALA n 
1 175 TRP n 
1 176 GLN n 
1 177 THR n 
1 178 THR n 
1 179 ASN n 
1 180 ALA n 
1 181 SER n 
1 182 MET n 
1 183 ALA n 
1 184 ASN n 
1 185 PHE n 
1 186 ASP n 
1 187 GLY n 
1 188 PHE n 
1 189 PRO n 
1 190 SER n 
1 191 SER n 
1 192 ILE n 
1 193 ILE n 
1 194 GLU n 
1 195 GLY n 
1 196 THR n 
1 197 TYR n 
1 198 ARG n 
1 199 GLU n 
1 200 ASN n 
1 201 ASP n 
1 202 MET n 
1 203 THR n 
1 204 LEU n 
1 205 ASN n 
1 206 THR n 
1 207 SER n 
1 208 ARG n 
1 209 ARG n 
1 210 HIS n 
1 211 VAL n 
1 212 ILE n 
1 213 ALA n 
1 214 THR n 
1 215 SER n 
1 216 GLY n 
1 217 ALA n 
1 218 ASP n 
1 219 LYS n 
1 220 TYR n 
1 221 LEU n 
1 222 VAL n 
1 223 SER n 
1 224 LEU n 
1 225 SER n 
1 226 VAL n 
1 227 THR n 
1 228 THR n 
1 229 ALA n 
1 230 LEU n 
1 231 SER n 
1 232 GLN n 
1 233 ALA n 
1 234 VAL n 
1 235 THR n 
1 236 ASP n 
1 237 GLY n 
1 238 PRO n 
1 239 ALA n 
1 240 THR n 
1 241 ASP n 
1 242 ALA n 
1 243 ILE n 
1 244 VAL n 
1 245 ASN n 
1 246 GLY n 
1 247 PHE n 
1 248 GLN n 
1 249 VAL n 
1 250 VAL n 
1 251 ALA n 
1 252 HIS n 
1 253 ALA n 
1 254 ALA n 
1 255 PRO n 
1 256 ALA n 
1 257 GLN n 
1 258 ALA n 
1 259 PRO n 
1 260 ALA n 
1 261 PRO n 
1 262 ALA n 
1 263 PRO n 
1 264 GLY n 
1 265 SER n 
1 266 ALA n 
1 267 PRO n 
1 268 VAL n 
1 269 GLY n 
1 270 LEU n 
1 271 PRO n 
1 272 GLY n 
1 273 GLN n 
1 274 ALA n 
1 275 PRO n 
1 276 GLY n 
1 277 TYR n 
1 278 PRO n 
1 279 PRO n 
1 280 ALA n 
1 281 GLY n 
1 282 THR n 
1 283 LEU n 
1 284 THR n 
1 285 PRO n 
1 286 VAL n 
1 287 PRO n 
1 288 PRO n 
1 289 ARG n 
# 
_entity_src_gen.entity_id                          1 
_entity_src_gen.pdbx_src_id                        1 
_entity_src_gen.pdbx_alt_source_flag               sample 
_entity_src_gen.pdbx_seq_type                      ? 
_entity_src_gen.pdbx_beg_seq_num                   ? 
_entity_src_gen.pdbx_end_seq_num                   ? 
_entity_src_gen.gene_src_common_name               ? 
_entity_src_gen.gene_src_genus                     ? 
_entity_src_gen.pdbx_gene_src_gene                 'MT0046, mtc28, MTCY21D4.03c, Rv0040c' 
_entity_src_gen.gene_src_species                   ? 
_entity_src_gen.gene_src_strain                    H37Rv 
_entity_src_gen.gene_src_tissue                    ? 
_entity_src_gen.gene_src_tissue_fraction           ? 
_entity_src_gen.gene_src_details                   ? 
_entity_src_gen.pdbx_gene_src_fragment             ? 
_entity_src_gen.pdbx_gene_src_scientific_name      'Mycobacterium tuberculosis' 
_entity_src_gen.pdbx_gene_src_ncbi_taxonomy_id     1773 
_entity_src_gen.pdbx_gene_src_variant              ? 
_entity_src_gen.pdbx_gene_src_cell_line            ? 
_entity_src_gen.pdbx_gene_src_atcc                 ? 
_entity_src_gen.pdbx_gene_src_organ                ? 
_entity_src_gen.pdbx_gene_src_organelle            ? 
_entity_src_gen.pdbx_gene_src_cell                 ? 
_entity_src_gen.pdbx_gene_src_cellular_location    ? 
_entity_src_gen.host_org_common_name               ? 
_entity_src_gen.pdbx_host_org_scientific_name      'Escherichia coli' 
_entity_src_gen.pdbx_host_org_ncbi_taxonomy_id     562 
_entity_src_gen.host_org_genus                     ? 
_entity_src_gen.pdbx_host_org_gene                 ? 
_entity_src_gen.pdbx_host_org_organ                ? 
_entity_src_gen.host_org_species                   ? 
_entity_src_gen.pdbx_host_org_tissue               ? 
_entity_src_gen.pdbx_host_org_tissue_fraction      ? 
_entity_src_gen.pdbx_host_org_strain               M15 
_entity_src_gen.pdbx_host_org_variant              ? 
_entity_src_gen.pdbx_host_org_cell_line            ? 
_entity_src_gen.pdbx_host_org_atcc                 ? 
_entity_src_gen.pdbx_host_org_culture_collection   ? 
_entity_src_gen.pdbx_host_org_cell                 ? 
_entity_src_gen.pdbx_host_org_organelle            ? 
_entity_src_gen.pdbx_host_org_cellular_location    ? 
_entity_src_gen.pdbx_host_org_vector_type          plasmid 
_entity_src_gen.pdbx_host_org_vector               ? 
_entity_src_gen.host_org_details                   ? 
_entity_src_gen.expression_system_id               ? 
_entity_src_gen.plasmid_name                       pQE30 
_entity_src_gen.plasmid_details                    ? 
_entity_src_gen.pdbx_description                   ? 
# 
_struct_ref.id                         1 
_struct_ref.db_name                    UNP 
_struct_ref.db_code                    PR28_MYCTU 
_struct_ref.pdbx_db_accession          P0A5Q6 
_struct_ref.entity_id                  1 
_struct_ref.pdbx_seq_one_letter_code   
;ADPLLPPPPIPAPVSAPATVPPVQNLTALPGGSSNRFSPAPAPAPIASPIPVGAPGSTAVPPLPPPVTPAISGTLRDHLR
EKGVKLEAQRPHGFKALDITLPMPPRWTQVPDPNVPDAFVVIADRLGNSVYTSNAQLVVYRLIGDFDPAEAITHGYIDSQ
KLLAWQTTNASMANFDGFPSSIIEGTYRENDMTLNTSRRHVIATSGADKYLVSLSVTTALSQAVTDGPATDAIVNGFQVV
AHAAPAQAPAPAPGSAPVGLPGQAPGYPPAGTLTPVPPR
;
_struct_ref.pdbx_align_begin           32 
_struct_ref.pdbx_db_isoform            ? 
# 
_struct_ref_seq.align_id                      1 
_struct_ref_seq.ref_id                        1 
_struct_ref_seq.pdbx_PDB_id_code              4PWS 
_struct_ref_seq.pdbx_strand_id                A 
_struct_ref_seq.seq_align_beg                 11 
_struct_ref_seq.pdbx_seq_align_beg_ins_code   ? 
_struct_ref_seq.seq_align_end                 289 
_struct_ref_seq.pdbx_seq_align_end_ins_code   ? 
_struct_ref_seq.pdbx_db_accession             P0A5Q6 
_struct_ref_seq.db_align_beg                  32 
_struct_ref_seq.pdbx_db_align_beg_ins_code    ? 
_struct_ref_seq.db_align_end                  310 
_struct_ref_seq.pdbx_db_align_end_ins_code    ? 
_struct_ref_seq.pdbx_auth_seq_align_beg       32 
_struct_ref_seq.pdbx_auth_seq_align_end       310 
# 
loop_
_struct_ref_seq_dif.align_id 
_struct_ref_seq_dif.pdbx_pdb_id_code 
_struct_ref_seq_dif.mon_id 
_struct_ref_seq_dif.pdbx_pdb_strand_id 
_struct_ref_seq_dif.seq_num 
_struct_ref_seq_dif.pdbx_pdb_ins_code 
_struct_ref_seq_dif.pdbx_seq_db_name 
_struct_ref_seq_dif.pdbx_seq_db_accession_code 
_struct_ref_seq_dif.db_mon_id 
_struct_ref_seq_dif.pdbx_seq_db_seq_num 
_struct_ref_seq_dif.details 
_struct_ref_seq_dif.pdbx_auth_seq_num 
_struct_ref_seq_dif.pdbx_ordinal 
1 4PWS HIS A 1  ? UNP P0A5Q6 ? ? 'expression tag' 22 1  
1 4PWS HIS A 2  ? UNP P0A5Q6 ? ? 'expression tag' 23 2  
1 4PWS HIS A 3  ? UNP P0A5Q6 ? ? 'expression tag' 24 3  
1 4PWS HIS A 4  ? UNP P0A5Q6 ? ? 'expression tag' 25 4  
1 4PWS HIS A 5  ? UNP P0A5Q6 ? ? 'expression tag' 26 5  
1 4PWS HIS A 6  ? UNP P0A5Q6 ? ? 'expression tag' 27 6  
1 4PWS GLY A 7  ? UNP P0A5Q6 ? ? 'expression tag' 28 7  
1 4PWS SER A 8  ? UNP P0A5Q6 ? ? 'expression tag' 29 8  
1 4PWS ALA A 9  ? UNP P0A5Q6 ? ? 'expression tag' 30 9  
1 4PWS CYS A 10 ? UNP P0A5Q6 ? ? 'expression tag' 31 10 
# 
loop_
_chem_comp.id 
_chem_comp.type 
_chem_comp.mon_nstd_flag 
_chem_comp.name 
_chem_comp.pdbx_synonyms 
_chem_comp.formula 
_chem_comp.formula_weight 
ALA 'L-peptide linking' y ALANINE         ? 'C3 H7 N O2'     89.093  
ARG 'L-peptide linking' y ARGININE        ? 'C6 H15 N4 O2 1' 175.209 
ASN 'L-peptide linking' y ASPARAGINE      ? 'C4 H8 N2 O3'    132.118 
ASP 'L-peptide linking' y 'ASPARTIC ACID' ? 'C4 H7 N O4'     133.103 
CL  non-polymer         . 'CHLORIDE ION'  ? 'Cl -1'          35.453  
CYS 'L-peptide linking' y CYSTEINE        ? 'C3 H7 N O2 S'   121.158 
GLN 'L-peptide linking' y GLUTAMINE       ? 'C5 H10 N2 O3'   146.144 
GLU 'L-peptide linking' y 'GLUTAMIC ACID' ? 'C5 H9 N O4'     147.129 
GLY 'peptide linking'   y GLYCINE         ? 'C2 H5 N O2'     75.067  
HIS 'L-peptide linking' y HISTIDINE       ? 'C6 H10 N3 O2 1' 156.162 
HOH non-polymer         . WATER           ? 'H2 O'           18.015  
ILE 'L-peptide linking' y ISOLEUCINE      ? 'C6 H13 N O2'    131.173 
LEU 'L-peptide linking' y LEUCINE         ? 'C6 H13 N O2'    131.173 
LYS 'L-peptide linking' y LYSINE          ? 'C6 H15 N2 O2 1' 147.195 
MET 'L-peptide linking' y METHIONINE      ? 'C5 H11 N O2 S'  149.211 
PHE 'L-peptide linking' y PHENYLALANINE   ? 'C9 H11 N O2'    165.189 
PRO 'L-peptide linking' y PROLINE         ? 'C5 H9 N O2'     115.130 
SER 'L-peptide linking' y SERINE          ? 'C3 H7 N O3'     105.093 
THR 'L-peptide linking' y THREONINE       ? 'C4 H9 N O3'     119.119 
TRP 'L-peptide linking' y TRYPTOPHAN      ? 'C11 H12 N2 O2'  204.225 
TYR 'L-peptide linking' y TYROSINE        ? 'C9 H11 N O3'    181.189 
VAL 'L-peptide linking' y VALINE          ? 'C5 H11 N O2'    117.146 
# 
_exptl.crystals_number   1 
_exptl.entry_id          4PWS 
_exptl.method            'X-RAY DIFFRACTION' 
# 
_exptl_crystal.id                    1 
_exptl_crystal.pdbx_mosaicity        ? 
_exptl_crystal.pdbx_mosaicity_esd    ? 
_exptl_crystal.density_Matthews      3.36 
_exptl_crystal.density_diffrn        ? 
_exptl_crystal.density_meas          ? 
_exptl_crystal.density_meas_temp     ? 
_exptl_crystal.density_percent_sol   63.40 
_exptl_crystal.size_max              ? 
_exptl_crystal.size_mid              ? 
_exptl_crystal.size_min              ? 
_exptl_crystal.size_rad              ? 
_exptl_crystal.description           ? 
_exptl_crystal.F_000                 ? 
_exptl_crystal.preparation           ? 
# 
_exptl_crystal_grow.crystal_id      1 
_exptl_crystal_grow.method          'VAPOR DIFFUSION, HANGING DROP' 
_exptl_crystal_grow.pH              7.0 
_exptl_crystal_grow.temp            298 
_exptl_crystal_grow.temp_details    ? 
_exptl_crystal_grow.pdbx_details    
'2.25M Sodium Chloride, 100mM Bis-Tris propane, pH 7.0, VAPOR DIFFUSION, HANGING DROP, temperature 298K' 
_exptl_crystal_grow.pdbx_pH_range   . 
# 
_diffrn.id                     1 
_diffrn.ambient_temp           100 
_diffrn.ambient_temp_details   ? 
_diffrn.crystal_id             1 
# 
_diffrn_detector.diffrn_id              1 
_diffrn_detector.detector               CCD 
_diffrn_detector.type                   'ADSC QUANTUM 315r' 
_diffrn_detector.pdbx_collection_date   2009-11-25 
_diffrn_detector.details                ? 
# 
_diffrn_radiation.diffrn_id                        1 
_diffrn_radiation.wavelength_id                    1 
_diffrn_radiation.pdbx_diffrn_protocol             'SINGLE WAVELENGTH' 
_diffrn_radiation.monochromator                    'Si(111)' 
_diffrn_radiation.pdbx_monochromatic_or_laue_m_l   M 
_diffrn_radiation.pdbx_scattering_type             x-ray 
# 
_diffrn_radiation_wavelength.id           1 
_diffrn_radiation_wavelength.wavelength   1.771 
_diffrn_radiation_wavelength.wt           1.0 
# 
_diffrn_source.diffrn_id                   1 
_diffrn_source.source                      SYNCHROTRON 
_diffrn_source.type                        'ESRF BEAMLINE ID29' 
_diffrn_source.pdbx_wavelength             ? 
_diffrn_source.pdbx_wavelength_list        1.771 
_diffrn_source.pdbx_synchrotron_site       ESRF 
_diffrn_source.pdbx_synchrotron_beamline   ID29 
# 
_reflns.entry_id                     4PWS 
_reflns.d_resolution_high            2.150 
_reflns.number_obs                   42287 
_reflns.pdbx_Rmerge_I_obs            0.104 
_reflns.pdbx_netI_over_sigmaI        14.190 
_reflns.pdbx_chi_squared             1.037 
_reflns.percent_possible_obs         99.800 
_reflns.B_iso_Wilson_estimate        41.257 
_reflns.observed_criterion_sigma_I   -3.000 
_reflns.observed_criterion_sigma_F   ? 
_reflns.d_resolution_low             ? 
_reflns.number_all                   ? 
_reflns.pdbx_Rsym_value              ? 
_reflns.pdbx_redundancy              ? 
_reflns.R_free_details               ? 
_reflns.limit_h_max                  ? 
_reflns.limit_h_min                  ? 
_reflns.limit_k_max                  ? 
_reflns.limit_k_min                  ? 
_reflns.limit_l_max                  ? 
_reflns.limit_l_min                  ? 
_reflns.observed_criterion_F_max     ? 
_reflns.observed_criterion_F_min     ? 
_reflns.pdbx_scaling_rejects         ? 
_reflns.pdbx_ordinal                 1 
_reflns.pdbx_diffrn_id               1 
_reflns.pdbx_CC_half                 ? 
_reflns.pdbx_Rpim_I_all              ? 
_reflns.pdbx_Rrim_I_all              ? 
# 
loop_
_reflns_shell.d_res_high 
_reflns_shell.d_res_low 
_reflns_shell.number_measured_obs 
_reflns_shell.number_measured_all 
_reflns_shell.number_unique_obs 
_reflns_shell.pdbx_rejects 
_reflns_shell.Rmerge_I_obs 
_reflns_shell.meanI_over_sigI_obs 
_reflns_shell.pdbx_Rsym_value 
_reflns_shell.pdbx_chi_squared 
_reflns_shell.pdbx_redundancy 
_reflns_shell.percent_possible_obs 
_reflns_shell.pdbx_netI_over_sigmaI_obs 
_reflns_shell.number_possible 
_reflns_shell.number_unique_all 
_reflns_shell.Rmerge_F_all 
_reflns_shell.Rmerge_F_obs 
_reflns_shell.Rmerge_I_all 
_reflns_shell.meanI_over_sigI_all 
_reflns_shell.percent_possible_all 
_reflns_shell.pdbx_Rrim_I_all 
_reflns_shell.pdbx_Rpim_I_all 
_reflns_shell.pdbx_ordinal 
_reflns_shell.pdbx_diffrn_id 
_reflns_shell.pdbx_CC_half 
2.150 2.210 17342 ? 3117 0 1.171 1.980  ? ? ? ? ? 3129 ? ? 0.741 ? ? 99.600  1.291 ? 1  1 ? 
2.210 2.270 17163 ? 3066 0 1.171 2.510  ? ? ? ? ? 3072 ? ? 0.800 ? ? 99.800  1.088 ? 2  1 ? 
2.270 2.330 16567 ? 2947 0 1.171 3.090  ? ? ? ? ? 2953 ? ? 0.864 ? ? 99.800  0.896 ? 3  1 ? 
2.330 2.400 16242 ? 2875 0 1.171 3.630  ? ? ? ? ? 2877 ? ? 0.891 ? ? 99.900  0.789 ? 4  1 ? 
2.400 2.480 15968 ? 2805 0 1.171 4.430  ? ? ? ? ? 2829 ? ? 0.951 ? ? 99.200  0.612 ? 5  1 ? 
2.480 2.570 15173 ? 2666 0 1.171 5.680  ? ? ? ? ? 2670 ? ? 0.955 ? ? 99.900  0.480 ? 6  1 ? 
2.570 2.670 15036 ? 2630 0 1.171 7.380  ? ? ? ? ? 2632 ? ? 0.972 ? ? 99.900  0.351 ? 7  1 ? 
2.670 2.780 14381 ? 2511 0 1.171 9.410  ? ? ? ? ? 2515 ? ? 0.983 ? ? 99.800  0.261 ? 8  1 ? 
2.780 2.900 13952 ? 2428 0 1.171 10.990 ? ? ? ? ? 2432 ? ? 0.988 ? ? 99.800  0.214 ? 9  1 ? 
2.900 3.040 13031 ? 2276 0 1.171 14.010 ? ? ? ? ? 2278 ? ? 0.992 ? ? 99.900  0.156 ? 10 1 ? 
3.040 3.210 12457 ? 2195 0 1.171 18.020 ? ? ? ? ? 2199 ? ? 0.996 ? ? 99.800  0.111 ? 11 1 ? 
3.210 3.400 11684 ? 2068 0 1.171 21.050 ? ? ? ? ? 2069 ? ? 0.996 ? ? 100.000 0.090 ? 12 1 ? 
3.400 3.630 10705 ? 1930 0 1.171 25.430 ? ? ? ? ? 1935 ? ? 0.997 ? ? 99.700  0.071 ? 13 1 ? 
3.630 3.930 9863  ? 1823 0 1.171 29.870 ? ? ? ? ? 1823 ? ? 0.997 ? ? 100.000 0.058 ? 14 1 ? 
3.930 4.300 9544  ? 1644 0 1.171 32.580 ? ? ? ? ? 1644 ? ? 0.998 ? ? 100.000 0.051 ? 15 1 ? 
4.300 4.810 8774  ? 1512 0 1.171 36.090 ? ? ? ? ? 1513 ? ? 0.999 ? ? 99.900  0.044 ? 16 1 ? 
4.810 5.550 7936  ? 1335 0 1.171 36.000 ? ? ? ? ? 1335 ? ? 0.999 ? ? 100.000 0.043 ? 17 1 ? 
5.550 6.800 6705  ? 1123 0 1.171 35.640 ? ? ? ? ? 1124 ? ? 0.999 ? ? 99.900  0.042 ? 18 1 ? 
6.800 9.620 5134  ? 864  0 1.171 40.230 ? ? ? ? ? 864  ? ? 0.999 ? ? 100.000 0.035 ? 19 1 ? 
9.620 ?     2686  ? 472  0 1.171 41.810 ? ? ? ? ? 479  ? ? 0.999 ? ? 98.500  0.033 ? 20 1 ? 
# 
_refine.entry_id                                 4PWS 
_refine.ls_d_res_high                            2.1500 
_refine.ls_d_res_low                             43.9500 
_refine.pdbx_ls_sigma_F                          0.000 
_refine.pdbx_data_cutoff_high_absF               ? 
_refine.pdbx_data_cutoff_low_absF                ? 
_refine.ls_percent_reflns_obs                    99.8100 
_refine.ls_number_reflns_obs                     22143 
_refine.ls_number_reflns_all                     ? 
_refine.pdbx_ls_cross_valid_method               THROUGHOUT 
_refine.pdbx_R_Free_selection_details            RANDOM 
_refine.details                                  
'HYDROGENS HAVE BEEN ADDED IN THE RIDING POSITIONS U VALUES      : REFINED INDIVIDUALLY' 
_refine.ls_R_factor_all                          ? 
_refine.ls_R_factor_obs                          0.1905 
_refine.ls_R_factor_R_work                       0.1892 
_refine.ls_wR_factor_R_work                      0.1852 
_refine.ls_R_factor_R_free                       0.2155 
_refine.ls_wR_factor_R_free                      0.2125 
_refine.ls_percent_reflns_R_free                 5.1000 
_refine.ls_number_reflns_R_free                  1132 
_refine.ls_R_factor_R_free_error                 ? 
_refine.B_iso_mean                               40.7350 
_refine.solvent_model_param_bsol                 ? 
_refine.solvent_model_param_ksol                 ? 
_refine.pdbx_isotropic_thermal_model             ? 
_refine.aniso_B[1][1]                            1.0300 
_refine.aniso_B[2][2]                            1.0300 
_refine.aniso_B[3][3]                            -3.3600 
_refine.aniso_B[1][2]                            1.0300 
_refine.aniso_B[1][3]                            0.0000 
_refine.aniso_B[2][3]                            0.0000 
_refine.correlation_coeff_Fo_to_Fc               0.9570 
_refine.correlation_coeff_Fo_to_Fc_free          0.9470 
_refine.overall_SU_R_Cruickshank_DPI             0.1242 
_refine.overall_SU_R_free                        0.1213 
_refine.pdbx_overall_ESU_R                       0.1240 
_refine.pdbx_overall_ESU_R_Free                  0.1210 
_refine.overall_SU_ML                            0.0840 
_refine.overall_SU_B                             3.2780 
_refine.solvent_model_details                    MASK 
_refine.pdbx_solvent_vdw_probe_radii             1.2000 
_refine.pdbx_solvent_ion_probe_radii             0.8000 
_refine.pdbx_solvent_shrinkage_radii             0.8000 
_refine.ls_number_parameters                     ? 
_refine.ls_number_restraints                     ? 
_refine.pdbx_starting_model                      4OL4 
_refine.pdbx_method_to_determine_struct          'MOLECULAR REPLACEMENT' 
_refine.pdbx_stereochemistry_target_values       'MAXIMUM LIKELIHOOD' 
_refine.pdbx_stereochem_target_val_spec_case     ? 
_refine.overall_FOM_work_R_set                   0.8703 
_refine.B_iso_max                                131.540 
_refine.B_iso_min                                20.330 
_refine.pdbx_overall_phase_error                 ? 
_refine.occupancy_max                            ? 
_refine.occupancy_min                            ? 
_refine.pdbx_ls_sigma_I                          ? 
_refine.ls_redundancy_reflns_obs                 ? 
_refine.ls_R_factor_R_free_error_details         ? 
_refine.pdbx_data_cutoff_high_rms_absF           ? 
_refine.overall_FOM_free_R_set                   ? 
_refine.pdbx_diffrn_id                           1 
_refine.pdbx_refine_id                           'X-RAY DIFFRACTION' 
_refine.pdbx_TLS_residual_ADP_flag               ? 
_refine.pdbx_overall_SU_R_free_Cruickshank_DPI   ? 
_refine.pdbx_overall_SU_R_Blow_DPI               ? 
_refine.pdbx_overall_SU_R_free_Blow_DPI          ? 
# 
_refine_hist.pdbx_refine_id                   'X-RAY DIFFRACTION' 
_refine_hist.cycle_id                         LAST 
_refine_hist.pdbx_number_atoms_protein        1341 
_refine_hist.pdbx_number_atoms_nucleic_acid   0 
_refine_hist.pdbx_number_atoms_ligand         1 
_refine_hist.number_atoms_solvent             47 
_refine_hist.number_atoms_total               1389 
_refine_hist.d_res_high                       2.1500 
_refine_hist.d_res_low                        43.9500 
# 
loop_
_refine_ls_restr.type 
_refine_ls_restr.number 
_refine_ls_restr.dev_ideal 
_refine_ls_restr.dev_ideal_target 
_refine_ls_restr.weight 
_refine_ls_restr.pdbx_restraint_function 
_refine_ls_restr.pdbx_refine_id 
r_bond_refined_d       1371 0.026  0.019  ? ? 'X-RAY DIFFRACTION' 
r_bond_other_d         1299 0.001  0.020  ? ? 'X-RAY DIFFRACTION' 
r_angle_refined_deg    1875 2.476  1.952  ? ? 'X-RAY DIFFRACTION' 
r_angle_other_deg      2982 1.061  3.000  ? ? 'X-RAY DIFFRACTION' 
r_dihedral_angle_1_deg 175  6.888  5.000  ? ? 'X-RAY DIFFRACTION' 
r_dihedral_angle_2_deg 58   39.990 23.966 ? ? 'X-RAY DIFFRACTION' 
r_dihedral_angle_3_deg 209  19.309 15.000 ? ? 'X-RAY DIFFRACTION' 
r_dihedral_angle_4_deg 9    13.269 15.000 ? ? 'X-RAY DIFFRACTION' 
r_chiral_restr         221  0.182  0.200  ? ? 'X-RAY DIFFRACTION' 
r_gen_planes_refined   1563 0.012  0.021  ? ? 'X-RAY DIFFRACTION' 
r_gen_planes_other     306  0.001  0.020  ? ? 'X-RAY DIFFRACTION' 
# 
_refine_ls_shell.d_res_high                       2.1500 
_refine_ls_shell.d_res_low                        2.2060 
_refine_ls_shell.pdbx_total_number_of_bins_used   20 
_refine_ls_shell.percent_reflns_obs               99.6900 
_refine_ls_shell.number_reflns_R_work             1536 
_refine_ls_shell.R_factor_all                     ? 
_refine_ls_shell.R_factor_R_work                  0.2480 
_refine_ls_shell.R_factor_R_free                  0.2680 
_refine_ls_shell.percent_reflns_R_free            ? 
_refine_ls_shell.number_reflns_R_free             72 
_refine_ls_shell.R_factor_R_free_error            ? 
_refine_ls_shell.number_reflns_all                1608 
_refine_ls_shell.number_reflns_obs                ? 
_refine_ls_shell.pdbx_refine_id                   'X-RAY DIFFRACTION' 
_refine_ls_shell.redundancy_reflns_obs            ? 
_refine_ls_shell.R_factor_obs                     ? 
# 
_struct.entry_id                  4PWS 
_struct.title                     
'Crystal structure of secreted proline rich antigen MTC28 (Rv0040c) at 2.15 A with bound chloride from Mycobacterium tuberculosis' 
_struct.pdbx_model_details        ? 
_struct.pdbx_CASP_flag            ? 
_struct.pdbx_model_type_details   ? 
# 
_struct_keywords.entry_id        4PWS 
_struct_keywords.pdbx_keywords   'IMMUNE SYSTEM' 
_struct_keywords.text            'Probable lipoprotein LpqN, IMMUNE SYSTEM' 
# 
loop_
_struct_asym.id 
_struct_asym.pdbx_blank_PDB_chainid_flag 
_struct_asym.pdbx_modified 
_struct_asym.entity_id 
_struct_asym.details 
A N N 1 ? 
B N N 2 ? 
C N N 3 ? 
# 
loop_
_struct_conf.conf_type_id 
_struct_conf.id 
_struct_conf.pdbx_PDB_helix_id 
_struct_conf.beg_label_comp_id 
_struct_conf.beg_label_asym_id 
_struct_conf.beg_label_seq_id 
_struct_conf.pdbx_beg_PDB_ins_code 
_struct_conf.end_label_comp_id 
_struct_conf.end_label_asym_id 
_struct_conf.end_label_seq_id 
_struct_conf.pdbx_end_PDB_ins_code 
_struct_conf.beg_auth_comp_id 
_struct_conf.beg_auth_asym_id 
_struct_conf.beg_auth_seq_id 
_struct_conf.end_auth_comp_id 
_struct_conf.end_auth_asym_id 
_struct_conf.end_auth_seq_id 
_struct_conf.pdbx_PDB_helix_class 
_struct_conf.details 
_struct_conf.pdbx_PDB_helix_length 
HELX_P HELX_P1 1 THR A 84  ? LYS A 92  ? THR A 105 LYS A 113 1 ? 9  
HELX_P HELX_P2 2 ASP A 157 ? ILE A 162 ? ASP A 178 ILE A 183 1 ? 6  
HELX_P HELX_P3 3 THR A 163 ? GLY A 165 ? THR A 184 GLY A 186 5 ? 3  
HELX_P HELX_P4 4 TYR A 166 ? LYS A 171 ? TYR A 187 LYS A 192 1 ? 6  
HELX_P HELX_P5 5 SER A 231 ? ALA A 233 ? SER A 252 ALA A 254 5 ? 3  
HELX_P HELX_P6 6 ASP A 236 ? PHE A 247 ? ASP A 257 PHE A 268 1 ? 12 
# 
_struct_conf_type.id          HELX_P 
_struct_conf_type.criteria    ? 
_struct_conf_type.reference   ? 
# 
loop_
_struct_sheet.id 
_struct_sheet.type 
_struct_sheet.number_strands 
_struct_sheet.details 
A ? 4 ? 
B ? 6 ? 
C ? 2 ? 
# 
loop_
_struct_sheet_order.sheet_id 
_struct_sheet_order.range_id_1 
_struct_sheet_order.range_id_2 
_struct_sheet_order.offset 
_struct_sheet_order.sense 
A 1 2 ? anti-parallel 
A 2 3 ? anti-parallel 
A 3 4 ? anti-parallel 
B 1 2 ? anti-parallel 
B 2 3 ? anti-parallel 
B 3 4 ? anti-parallel 
B 4 5 ? anti-parallel 
B 5 6 ? anti-parallel 
C 1 2 ? anti-parallel 
# 
loop_
_struct_sheet_range.sheet_id 
_struct_sheet_range.id 
_struct_sheet_range.beg_label_comp_id 
_struct_sheet_range.beg_label_asym_id 
_struct_sheet_range.beg_label_seq_id 
_struct_sheet_range.pdbx_beg_PDB_ins_code 
_struct_sheet_range.end_label_comp_id 
_struct_sheet_range.end_label_asym_id 
_struct_sheet_range.end_label_seq_id 
_struct_sheet_range.pdbx_end_PDB_ins_code 
_struct_sheet_range.beg_auth_comp_id 
_struct_sheet_range.beg_auth_asym_id 
_struct_sheet_range.beg_auth_seq_id 
_struct_sheet_range.end_auth_comp_id 
_struct_sheet_range.end_auth_asym_id 
_struct_sheet_range.end_auth_seq_id 
A 1 LYS A 95  ? ALA A 98  ? LYS A 116 ALA A 119 
A 2 ASN A 144 ? ILE A 153 ? ASN A 165 ILE A 174 
A 3 ALA A 128 ? ALA A 133 ? ALA A 149 ALA A 154 
A 4 THR A 118 ? GLN A 119 ? THR A 139 GLN A 140 
B 1 LYS A 95  ? ALA A 98  ? LYS A 116 ALA A 119 
B 2 ASN A 144 ? ILE A 153 ? ASN A 165 ILE A 174 
B 3 ASP A 218 ? ALA A 229 ? ASP A 239 ALA A 250 
B 4 MET A 202 ? SER A 215 ? MET A 223 SER A 236 
B 5 SER A 190 ? GLU A 199 ? SER A 211 GLU A 220 
B 6 GLN A 176 ? SER A 181 ? GLN A 197 SER A 202 
C 1 ASP A 108 ? THR A 110 ? ASP A 129 THR A 131 
C 2 GLN A 248 ? VAL A 250 ? GLN A 269 VAL A 271 
# 
loop_
_pdbx_struct_sheet_hbond.sheet_id 
_pdbx_struct_sheet_hbond.range_id_1 
_pdbx_struct_sheet_hbond.range_id_2 
_pdbx_struct_sheet_hbond.range_1_label_atom_id 
_pdbx_struct_sheet_hbond.range_1_label_comp_id 
_pdbx_struct_sheet_hbond.range_1_label_asym_id 
_pdbx_struct_sheet_hbond.range_1_label_seq_id 
_pdbx_struct_sheet_hbond.range_1_PDB_ins_code 
_pdbx_struct_sheet_hbond.range_1_auth_atom_id 
_pdbx_struct_sheet_hbond.range_1_auth_comp_id 
_pdbx_struct_sheet_hbond.range_1_auth_asym_id 
_pdbx_struct_sheet_hbond.range_1_auth_seq_id 
_pdbx_struct_sheet_hbond.range_2_label_atom_id 
_pdbx_struct_sheet_hbond.range_2_label_comp_id 
_pdbx_struct_sheet_hbond.range_2_label_asym_id 
_pdbx_struct_sheet_hbond.range_2_label_seq_id 
_pdbx_struct_sheet_hbond.range_2_PDB_ins_code 
_pdbx_struct_sheet_hbond.range_2_auth_atom_id 
_pdbx_struct_sheet_hbond.range_2_auth_comp_id 
_pdbx_struct_sheet_hbond.range_2_auth_asym_id 
_pdbx_struct_sheet_hbond.range_2_auth_seq_id 
A 1 2 N LYS A 95  ? N LYS A 116 O ILE A 153 ? O ILE A 174 
A 2 3 O LEU A 147 ? O LEU A 168 N PHE A 129 ? N PHE A 150 
A 3 4 O ALA A 133 ? O ALA A 154 N THR A 118 ? N THR A 139 
B 1 2 N LYS A 95  ? N LYS A 116 O ILE A 153 ? O ILE A 174 
B 2 3 N LEU A 152 ? N LEU A 173 O LYS A 219 ? O LYS A 240 
B 3 4 O ASP A 218 ? O ASP A 239 N SER A 215 ? N SER A 236 
B 4 5 O THR A 206 ? O THR A 227 N GLY A 195 ? N GLY A 216 
B 5 6 O GLU A 194 ? O GLU A 215 N ASN A 179 ? N ASN A 200 
C 1 2 N ASP A 108 ? N ASP A 129 O VAL A 250 ? O VAL A 271 
# 
_struct_site.id                   AC1 
_struct_site.pdbx_evidence_code   Software 
_struct_site.pdbx_auth_asym_id    A 
_struct_site.pdbx_auth_comp_id    CL 
_struct_site.pdbx_auth_seq_id     401 
_struct_site.pdbx_auth_ins_code   ? 
_struct_site.pdbx_num_residues    2 
_struct_site.details              'BINDING SITE FOR RESIDUE CL A 401' 
# 
loop_
_struct_site_gen.id 
_struct_site_gen.site_id 
_struct_site_gen.pdbx_num_res 
_struct_site_gen.label_comp_id 
_struct_site_gen.label_asym_id 
_struct_site_gen.label_seq_id 
_struct_site_gen.pdbx_auth_ins_code 
_struct_site_gen.auth_comp_id 
_struct_site_gen.auth_asym_id 
_struct_site_gen.auth_seq_id 
_struct_site_gen.label_atom_id 
_struct_site_gen.label_alt_id 
_struct_site_gen.symmetry 
_struct_site_gen.details 
1 AC1 2 LYS A 105 ? LYS A 126 . ? 1_555 ? 
2 AC1 2 ALA A 106 ? ALA A 127 . ? 1_555 ? 
# 
_atom_sites.entry_id                    4PWS 
_atom_sites.fract_transf_matrix[1][1]   0.01082169 
_atom_sites.fract_transf_matrix[1][2]   0.00074800 
_atom_sites.fract_transf_matrix[1][3]   -0.00346138 
_atom_sites.fract_transf_matrix[2][1]   0.00521392 
_atom_sites.fract_transf_matrix[2][2]   0.01011923 
_atom_sites.fract_transf_matrix[2][3]   -0.00023920 
_atom_sites.fract_transf_matrix[3][1]   0.00458510 
_atom_sites.fract_transf_matrix[3][2]   -0.00203401 
_atom_sites.fract_transf_matrix[3][3]   0.01389537 
_atom_sites.fract_transf_vector[1]      0.186425 
_atom_sites.fract_transf_vector[2]      0.597350 
_atom_sites.fract_transf_vector[3]      0.096158 
# 
loop_
_atom_type.symbol 
C  
CL 
N  
O  
S  
# 
loop_
_atom_site.group_PDB 
_atom_site.id 
_atom_site.type_symbol 
_atom_site.label_atom_id 
_atom_site.label_alt_id 
_atom_site.label_comp_id 
_atom_site.label_asym_id 
_atom_site.label_entity_id 
_atom_site.label_seq_id 
_atom_site.pdbx_PDB_ins_code 
_atom_site.Cartn_x 
_atom_site.Cartn_y 
_atom_site.Cartn_z 
_atom_site.occupancy 
_atom_site.B_iso_or_equiv 
_atom_site.pdbx_formal_charge 
_atom_site.auth_seq_id 
_atom_site.auth_comp_id 
_atom_site.auth_asym_id 
_atom_site.auth_atom_id 
_atom_site.pdbx_PDB_model_num 
ATOM   1    N  N   . PRO A 1 76  ? 15.250  -6.659  -13.615 1.00 79.95  ? 97  PRO A N   1 
ATOM   2    C  CA  . PRO A 1 76  ? 14.710  -7.572  -14.687 1.00 78.73  ? 97  PRO A CA  1 
ATOM   3    C  C   . PRO A 1 76  ? 13.423  -7.031  -15.280 1.00 71.03  ? 97  PRO A C   1 
ATOM   4    O  O   . PRO A 1 76  ? 13.204  -7.213  -16.490 1.00 76.89  ? 97  PRO A O   1 
ATOM   5    C  CB  . PRO A 1 76  ? 14.469  -8.920  -13.974 1.00 74.82  ? 97  PRO A CB  1 
ATOM   6    C  CG  . PRO A 1 76  ? 14.812  -8.668  -12.514 1.00 72.76  ? 97  PRO A CG  1 
ATOM   7    C  CD  . PRO A 1 76  ? 15.139  -7.219  -12.261 1.00 72.82  ? 97  PRO A CD  1 
ATOM   8    N  N   . VAL A 1 77  ? 12.595  -6.391  -14.417 1.00 70.28  ? 98  VAL A N   1 
ATOM   9    C  CA  . VAL A 1 77  ? 11.374  -5.607  -14.814 1.00 57.46  ? 98  VAL A CA  1 
ATOM   10   C  C   . VAL A 1 77  ? 11.644  -4.117  -14.721 1.00 51.19  ? 98  VAL A C   1 
ATOM   11   O  O   . VAL A 1 77  ? 12.024  -3.603  -13.685 1.00 45.26  ? 98  VAL A O   1 
ATOM   12   C  CB  . VAL A 1 77  ? 10.165  -5.795  -13.903 1.00 58.11  ? 98  VAL A CB  1 
ATOM   13   C  CG1 . VAL A 1 77  ? 8.921   -5.232  -14.565 1.00 47.28  ? 98  VAL A CG1 1 
ATOM   14   C  CG2 . VAL A 1 77  ? 10.003  -7.260  -13.516 1.00 63.06  ? 98  VAL A CG2 1 
ATOM   15   N  N   . THR A 1 78  ? 11.447  -3.406  -15.811 1.00 44.85  ? 99  THR A N   1 
ATOM   16   C  CA  . THR A 1 78  ? 11.884  -2.029  -15.882 1.00 38.49  ? 99  THR A CA  1 
ATOM   17   C  C   . THR A 1 78  ? 10.701  -1.171  -15.476 1.00 30.27  ? 99  THR A C   1 
ATOM   18   O  O   . THR A 1 78  ? 9.602   -1.370  -16.000 1.00 31.98  ? 99  THR A O   1 
ATOM   19   C  CB  . THR A 1 78  ? 12.268  -1.743  -17.321 1.00 35.29  ? 99  THR A CB  1 
ATOM   20   O  OG1 . THR A 1 78  ? 13.372  -2.575  -17.636 1.00 48.32  ? 99  THR A OG1 1 
ATOM   21   C  CG2 . THR A 1 78  ? 12.690  -0.378  -17.492 1.00 44.67  ? 99  THR A CG2 1 
ATOM   22   N  N   . PRO A 1 79  ? 10.928  -0.138  -14.675 1.00 30.85  ? 100 PRO A N   1 
ATOM   23   C  CA  . PRO A 1 79  ? 9.826   0.682   -14.277 1.00 31.95  ? 100 PRO A CA  1 
ATOM   24   C  C   . PRO A 1 79  ? 9.526   1.809   -15.297 1.00 29.68  ? 100 PRO A C   1 
ATOM   25   O  O   . PRO A 1 79  ? 10.364  2.211   -16.059 1.00 30.65  ? 100 PRO A O   1 
ATOM   26   C  CB  . PRO A 1 79  ? 10.286  1.279   -12.969 1.00 31.54  ? 100 PRO A CB  1 
ATOM   27   C  CG  . PRO A 1 79  ? 11.760  1.264   -13.074 1.00 31.28  ? 100 PRO A CG  1 
ATOM   28   C  CD  . PRO A 1 79  ? 12.074  0.039   -13.791 1.00 34.37  ? 100 PRO A CD  1 
ATOM   29   N  N   . ALA A 1 80  ? 8.272   2.241   -15.306 1.00 29.46  ? 101 ALA A N   1 
ATOM   30   C  CA  . ALA A 1 80  ? 7.820   3.339   -16.102 1.00 29.77  ? 101 ALA A CA  1 
ATOM   31   C  C   . ALA A 1 80  ? 8.178   4.548   -15.246 1.00 28.63  ? 101 ALA A C   1 
ATOM   32   O  O   . ALA A 1 80  ? 8.389   4.433   -14.028 1.00 31.11  ? 101 ALA A O   1 
ATOM   33   C  CB  . ALA A 1 80  ? 6.314   3.262   -16.308 1.00 33.95  ? 101 ALA A CB  1 
ATOM   34   N  N   . ILE A 1 81  ? 8.124   5.702   -15.853 1.00 27.45  ? 102 ILE A N   1 
ATOM   35   C  CA  . ILE A 1 81  ? 8.386   6.921   -15.138 1.00 26.68  ? 102 ILE A CA  1 
ATOM   36   C  C   . ILE A 1 81  ? 7.210   7.896   -15.185 1.00 25.91  ? 102 ILE A C   1 
ATOM   37   O  O   . ILE A 1 81  ? 7.084   8.810   -14.328 1.00 29.79  ? 102 ILE A O   1 
ATOM   38   C  CB  . ILE A 1 81  ? 9.656   7.583   -15.819 1.00 31.89  ? 102 ILE A CB  1 
ATOM   39   C  CG1 . ILE A 1 81  ? 10.904  6.691   -15.700 1.00 33.01  ? 102 ILE A CG1 1 
ATOM   40   C  CG2 . ILE A 1 81  ? 9.950   8.934   -15.140 1.00 32.08  ? 102 ILE A CG2 1 
ATOM   41   C  CD1 . ILE A 1 81  ? 11.276  6.289   -14.240 1.00 40.35  ? 102 ILE A CD1 1 
ATOM   42   N  N   . SER A 1 82  ? 6.420   7.864   -16.258 1.00 27.28  ? 103 SER A N   1 
ATOM   43   C  CA  . SER A 1 82  ? 5.318   8.815   -16.493 1.00 26.56  ? 103 SER A CA  1 
ATOM   44   C  C   . SER A 1 82  ? 3.991   8.232   -16.018 1.00 28.60  ? 103 SER A C   1 
ATOM   45   O  O   . SER A 1 82  ? 3.624   7.143   -16.440 1.00 30.98  ? 103 SER A O   1 
ATOM   46   C  CB  . SER A 1 82  ? 5.129   8.993   -17.979 1.00 26.44  ? 103 SER A CB  1 
ATOM   47   O  OG  . SER A 1 82  ? 4.114   9.998   -18.263 1.00 30.24  ? 103 SER A OG  1 
ATOM   48   N  N   . GLY A 1 83  ? 3.323   8.894   -15.097 1.00 32.36  ? 104 GLY A N   1 
ATOM   49   C  CA  . GLY A 1 83  ? 2.011   8.450   -14.703 1.00 30.35  ? 104 GLY A CA  1 
ATOM   50   C  C   . GLY A 1 83  ? 1.979   7.515   -13.512 1.00 29.50  ? 104 GLY A C   1 
ATOM   51   O  O   . GLY A 1 83  ? 2.466   6.406   -13.475 1.00 26.43  ? 104 GLY A O   1 
ATOM   52   N  N   . THR A 1 84  ? 1.356   8.006   -12.481 1.00 24.41  ? 105 THR A N   1 
ATOM   53   C  CA  . THR A 1 84  ? 1.125   7.226   -11.300 1.00 28.62  ? 105 THR A CA  1 
ATOM   54   C  C   . THR A 1 84  ? 0.224   6.017   -11.681 1.00 25.63  ? 105 THR A C   1 
ATOM   55   O  O   . THR A 1 84  ? -0.447  6.007   -12.745 1.00 24.13  ? 105 THR A O   1 
ATOM   56   C  CB  . THR A 1 84  ? 0.358   8.265   -10.529 1.00 38.04  ? 105 THR A CB  1 
ATOM   57   O  OG1 . THR A 1 84  ? 1.055   8.709   -9.398  1.00 44.02  ? 105 THR A OG1 1 
ATOM   58   C  CG2 . THR A 1 84  ? -1.012  8.025   -10.431 1.00 30.01  ? 105 THR A CG2 1 
ATOM   59   N  N   . LEU A 1 85  ? 0.264   4.993   -10.884 1.00 25.87  ? 106 LEU A N   1 
ATOM   60   C  CA  . LEU A 1 85  ? -0.555  3.759   -11.185 1.00 30.64  ? 106 LEU A CA  1 
ATOM   61   C  C   . LEU A 1 85  ? -2.038  4.145   -11.388 1.00 32.86  ? 106 LEU A C   1 
ATOM   62   O  O   . LEU A 1 85  ? -2.655  3.793   -12.351 1.00 32.40  ? 106 LEU A O   1 
ATOM   63   C  CB  . LEU A 1 85  ? -0.441  2.844   -10.038 1.00 30.01  ? 106 LEU A CB  1 
ATOM   64   C  CG  . LEU A 1 85  ? -0.582  1.398   -10.272 1.00 40.61  ? 106 LEU A CG  1 
ATOM   65   C  CD1 . LEU A 1 85  ? -0.690  0.615   -8.993  1.00 41.92  ? 106 LEU A CD1 1 
ATOM   66   C  CD2 . LEU A 1 85  ? -1.628  1.000   -11.198 1.00 44.11  ? 106 LEU A CD2 1 
ATOM   67   N  N   . ARG A 1 86  ? -2.551  4.997   -10.530 1.00 32.16  ? 107 ARG A N   1 
ATOM   68   C  CA  . ARG A 1 86  ? -3.937  5.408   -10.680 1.00 44.46  ? 107 ARG A CA  1 
ATOM   69   C  C   . ARG A 1 86  ? -4.204  6.148   -11.911 1.00 41.37  ? 107 ARG A C   1 
ATOM   70   O  O   . ARG A 1 86  ? -5.201  5.875   -12.554 1.00 37.61  ? 107 ARG A O   1 
ATOM   71   C  CB  . ARG A 1 86  ? -4.493  6.139   -9.425  1.00 40.50  ? 107 ARG A CB  1 
ATOM   72   C  CG  . ARG A 1 86  ? -4.441  5.071   -8.340  1.00 48.45  ? 107 ARG A CG  1 
ATOM   73   C  CD  . ARG A 1 86  ? -5.351  5.113   -7.127  1.00 62.60  ? 107 ARG A CD  1 
ATOM   74   N  NE  . ARG A 1 86  ? -4.861  5.915   -6.026  1.00 61.57  ? 107 ARG A NE  1 
ATOM   75   C  CZ  . ARG A 1 86  ? -5.198  7.171   -5.824  1.00 78.72  ? 107 ARG A CZ  1 
ATOM   76   N  NH1 . ARG A 1 86  ? -5.998  7.795   -6.694  1.00 90.92  ? 107 ARG A NH1 1 
ATOM   77   N  NH2 . ARG A 1 86  ? -4.707  7.813   -4.773  1.00 80.08  ? 107 ARG A NH2 1 
ATOM   78   N  N   . ASP A 1 87  ? -3.319  7.031   -12.301 1.00 39.79  ? 108 ASP A N   1 
ATOM   79   C  CA  . ASP A 1 87  ? -3.564  7.824   -13.515 1.00 42.95  ? 108 ASP A CA  1 
ATOM   80   C  C   . ASP A 1 87  ? -3.432  6.997   -14.741 1.00 41.03  ? 108 ASP A C   1 
ATOM   81   O  O   . ASP A 1 87  ? -4.126  7.222   -15.720 1.00 37.31  ? 108 ASP A O   1 
ATOM   82   C  CB  . ASP A 1 87  ? -2.631  9.028   -13.601 1.00 48.94  ? 108 ASP A CB  1 
ATOM   83   C  CG  . ASP A 1 87  ? -2.984  10.065  -12.537 1.00 63.03  ? 108 ASP A CG  1 
ATOM   84   O  OD1 . ASP A 1 87  ? -4.074  9.924   -11.918 1.00 70.63  ? 108 ASP A OD1 1 
ATOM   85   O  OD2 . ASP A 1 87  ? -2.220  11.001  -12.295 1.00 60.16  ? 108 ASP A OD2 1 
ATOM   86   N  N   . HIS A 1 88  ? -2.551  6.024   -14.698 1.00 34.46  ? 109 HIS A N   1 
ATOM   87   C  CA  . HIS A 1 88  ? -2.416  5.156   -15.857 1.00 32.35  ? 109 HIS A CA  1 
ATOM   88   C  C   . HIS A 1 88  ? -3.695  4.340   -16.051 1.00 40.24  ? 109 HIS A C   1 
ATOM   89   O  O   . HIS A 1 88  ? -4.173  4.171   -17.169 1.00 29.75  ? 109 HIS A O   1 
ATOM   90   C  CB  . HIS A 1 88  ? -1.312  4.216   -15.566 1.00 32.15  ? 109 HIS A CB  1 
ATOM   91   C  CG  . HIS A 1 88  ? -1.154  3.134   -16.553 1.00 37.15  ? 109 HIS A CG  1 
ATOM   92   N  ND1 . HIS A 1 88  ? -1.686  1.870   -16.351 1.00 44.03  ? 109 HIS A ND1 1 
ATOM   93   C  CD2 . HIS A 1 88  ? -0.426  3.066   -17.682 1.00 34.94  ? 109 HIS A CD2 1 
ATOM   94   C  CE1 . HIS A 1 88  ? -1.341  1.092   -17.356 1.00 40.35  ? 109 HIS A CE1 1 
ATOM   95   N  NE2 . HIS A 1 88  ? -0.561  1.784   -18.160 1.00 39.88  ? 109 HIS A NE2 1 
ATOM   96   N  N   . LEU A 1 89  ? -4.193  3.755   -14.967 1.00 33.70  ? 110 LEU A N   1 
ATOM   97   C  CA  . LEU A 1 89  ? -5.478  3.068   -15.058 1.00 38.86  ? 110 LEU A CA  1 
ATOM   98   C  C   . LEU A 1 89  ? -6.615  4.010   -15.486 1.00 33.18  ? 110 LEU A C   1 
ATOM   99   O  O   . LEU A 1 89  ? -7.313  3.663   -16.368 1.00 34.73  ? 110 LEU A O   1 
ATOM   100  C  CB  . LEU A 1 89  ? -5.856  2.420   -13.738 1.00 35.18  ? 110 LEU A CB  1 
ATOM   101  C  CG  . LEU A 1 89  ? -4.886  1.448   -13.279 1.00 36.26  ? 110 LEU A CG  1 
ATOM   102  C  CD1 . LEU A 1 89  ? -5.042  1.350   -11.780 1.00 38.81  ? 110 LEU A CD1 1 
ATOM   103  C  CD2 . LEU A 1 89  ? -5.071  0.128   -13.959 1.00 37.28  ? 110 LEU A CD2 1 
ATOM   104  N  N   . ARG A 1 90  ? -6.766  5.203   -14.931 1.00 43.31  ? 111 ARG A N   1 
ATOM   105  C  CA  . ARG A 1 90  ? -7.698  6.184   -15.524 1.00 45.66  ? 111 ARG A CA  1 
ATOM   106  C  C   . ARG A 1 90  ? -7.544  6.299   -17.033 1.00 50.59  ? 111 ARG A C   1 
ATOM   107  O  O   . ARG A 1 90  ? -8.506  6.095   -17.789 1.00 49.07  ? 111 ARG A O   1 
ATOM   108  C  CB  . ARG A 1 90  ? -7.476  7.598   -14.994 1.00 55.49  ? 111 ARG A CB  1 
ATOM   109  C  CG  . ARG A 1 90  ? -8.432  8.031   -13.919 1.00 67.24  ? 111 ARG A CG  1 
ATOM   110  C  CD  . ARG A 1 90  ? -8.553  6.929   -12.885 1.00 73.58  ? 111 ARG A CD  1 
ATOM   111  N  NE  . ARG A 1 90  ? -8.883  7.411   -11.538 1.00 89.52  ? 111 ARG A NE  1 
ATOM   112  C  CZ  . ARG A 1 90  ? -8.051  8.048   -10.706 1.00 90.28  ? 111 ARG A CZ  1 
ATOM   113  N  NH1 . ARG A 1 90  ? -6.819  8.393   -11.062 1.00 93.65  ? 111 ARG A NH1 1 
ATOM   114  N  NH2 . ARG A 1 90  ? -8.471  8.364   -9.499  1.00 90.08  ? 111 ARG A NH2 1 
ATOM   115  N  N   . GLU A 1 91  ? -6.347  6.665   -17.487 1.00 51.68  ? 112 GLU A N   1 
ATOM   116  C  CA  . GLU A 1 91  ? -6.116  6.846   -18.898 1.00 46.90  ? 112 GLU A CA  1 
ATOM   117  C  C   . GLU A 1 91  ? -6.403  5.540   -19.648 1.00 44.99  ? 112 GLU A C   1 
ATOM   118  O  O   . GLU A 1 91  ? -6.815  5.557   -20.774 1.00 41.26  ? 112 GLU A O   1 
ATOM   119  C  CB  . GLU A 1 91  ? -4.707  7.322   -19.166 1.00 49.92  ? 112 GLU A CB  1 
ATOM   120  C  CG  . GLU A 1 91  ? -4.281  6.948   -20.572 1.00 60.28  ? 112 GLU A CG  1 
ATOM   121  C  CD  . GLU A 1 91  ? -3.060  7.715   -21.112 1.00 71.40  ? 112 GLU A CD  1 
ATOM   122  O  OE1 . GLU A 1 91  ? -2.624  8.712   -20.475 1.00 65.42  ? 112 GLU A OE1 1 
ATOM   123  O  OE2 . GLU A 1 91  ? -2.575  7.323   -22.221 1.00 57.71  ? 112 GLU A OE2 1 
ATOM   124  N  N   . LYS A 1 92  ? -6.240  4.376   -19.060 1.00 40.88  ? 113 LYS A N   1 
ATOM   125  C  CA  . LYS A 1 92  ? -6.635  3.208   -19.816 1.00 44.50  ? 113 LYS A CA  1 
ATOM   126  C  C   . LYS A 1 92  ? -8.156  3.062   -19.797 1.00 46.24  ? 113 LYS A C   1 
ATOM   127  O  O   . LYS A 1 92  ? -8.636  2.083   -20.238 1.00 43.72  ? 113 LYS A O   1 
ATOM   128  C  CB  . LYS A 1 92  ? -6.033  1.911   -19.291 1.00 52.61  ? 113 LYS A CB  1 
ATOM   129  C  CG  . LYS A 1 92  ? -4.620  1.567   -19.697 1.00 57.36  ? 113 LYS A CG  1 
ATOM   130  C  CD  . LYS A 1 92  ? -3.790  2.777   -20.077 1.00 71.86  ? 113 LYS A CD  1 
ATOM   131  C  CE  . LYS A 1 92  ? -3.475  2.795   -21.559 1.00 72.85  ? 113 LYS A CE  1 
ATOM   132  N  NZ  . LYS A 1 92  ? -2.253  1.986   -21.734 1.00 74.94  ? 113 LYS A NZ  1 
ATOM   133  N  N   . GLY A 1 93  ? -8.917  4.015   -19.306 1.00 45.88  ? 114 GLY A N   1 
ATOM   134  C  CA  . GLY A 1 93  ? -10.346 3.822   -19.194 1.00 53.62  ? 114 GLY A CA  1 
ATOM   135  C  C   . GLY A 1 93  ? -10.795 2.948   -18.022 1.00 61.91  ? 114 GLY A C   1 
ATOM   136  O  O   . GLY A 1 93  ? -11.946 2.506   -18.023 1.00 55.72  ? 114 GLY A O   1 
ATOM   137  N  N   . VAL A 1 94  ? -9.944  2.684   -17.015 1.00 52.80  ? 115 VAL A N   1 
ATOM   138  C  CA  . VAL A 1 94  ? -10.467 1.908   -15.916 1.00 45.09  ? 115 VAL A CA  1 
ATOM   139  C  C   . VAL A 1 94  ? -11.057 2.728   -14.797 1.00 42.74  ? 115 VAL A C   1 
ATOM   140  O  O   . VAL A 1 94  ? -10.659 3.853   -14.526 1.00 40.94  ? 115 VAL A O   1 
ATOM   141  C  CB  . VAL A 1 94  ? -9.692  0.639   -15.522 1.00 51.20  ? 115 VAL A CB  1 
ATOM   142  C  CG1 . VAL A 1 94  ? -8.547  0.270   -16.464 1.00 47.11  ? 115 VAL A CG1 1 
ATOM   143  C  CG2 . VAL A 1 94  ? -9.378  0.573   -14.068 1.00 50.27  ? 115 VAL A CG2 1 
ATOM   144  N  N   . LYS A 1 95  ? -12.140 2.191   -14.244 1.00 41.65  ? 116 LYS A N   1 
ATOM   145  C  CA  . LYS A 1 95  ? -12.769 2.851   -13.130 1.00 45.74  ? 116 LYS A CA  1 
ATOM   146  C  C   . LYS A 1 95  ? -12.361 2.132   -11.871 1.00 36.35  ? 116 LYS A C   1 
ATOM   147  O  O   . LYS A 1 95  ? -12.324 0.895   -11.835 1.00 38.40  ? 116 LYS A O   1 
ATOM   148  C  CB  . LYS A 1 95  ? -14.312 2.833   -13.265 1.00 53.12  ? 116 LYS A CB  1 
ATOM   149  C  CG  . LYS A 1 95  ? -14.965 4.205   -13.079 1.00 68.93  ? 116 LYS A CG  1 
ATOM   150  C  CD  . LYS A 1 95  ? -14.459 5.014   -11.858 1.00 79.18  ? 116 LYS A CD  1 
ATOM   151  C  CE  . LYS A 1 95  ? -13.271 5.961   -12.202 1.00 75.68  ? 116 LYS A CE  1 
ATOM   152  N  NZ  . LYS A 1 95  ? -12.287 6.249   -11.114 1.00 53.34  ? 116 LYS A NZ  1 
ATOM   153  N  N   . LEU A 1 96  ? -12.086 2.930   -10.869 1.00 38.56  ? 117 LEU A N   1 
ATOM   154  C  CA  . LEU A 1 96  ? -11.669 2.458   -9.548  1.00 43.66  ? 117 LEU A CA  1 
ATOM   155  C  C   . LEU A 1 96  ? -12.824 2.631   -8.543  1.00 48.85  ? 117 LEU A C   1 
ATOM   156  O  O   . LEU A 1 96  ? -13.280 3.734   -8.289  1.00 42.03  ? 117 LEU A O   1 
ATOM   157  C  CB  . LEU A 1 96  ? -10.533 3.308   -9.063  1.00 37.13  ? 117 LEU A CB  1 
ATOM   158  C  CG  . LEU A 1 96  ? -9.186  2.807   -9.619  1.00 43.32  ? 117 LEU A CG  1 
ATOM   159  C  CD1 . LEU A 1 96  ? -9.034  3.070   -11.071 1.00 42.70  ? 117 LEU A CD1 1 
ATOM   160  C  CD2 . LEU A 1 96  ? -8.018  3.421   -8.893  1.00 45.92  ? 117 LEU A CD2 1 
ATOM   161  N  N   . GLU A 1 97  ? -13.276 1.547   -7.962  1.00 45.01  ? 118 GLU A N   1 
ATOM   162  C  CA  . GLU A 1 97  ? -14.343 1.682   -6.979  1.00 41.80  ? 118 GLU A CA  1 
ATOM   163  C  C   . GLU A 1 97  ? -13.829 1.184   -5.616  1.00 31.75  ? 118 GLU A C   1 
ATOM   164  O  O   . GLU A 1 97  ? -13.558 0.006   -5.447  1.00 30.42  ? 118 GLU A O   1 
ATOM   165  C  CB  . GLU A 1 97  ? -15.498 0.803   -7.446  1.00 57.90  ? 118 GLU A CB  1 
ATOM   166  C  CG  . GLU A 1 97  ? -16.834 1.526   -7.533  1.00 74.61  ? 118 GLU A CG  1 
ATOM   167  C  CD  . GLU A 1 97  ? -17.872 0.743   -8.339  1.00 85.55  ? 118 GLU A CD  1 
ATOM   168  O  OE1 . GLU A 1 97  ? -18.919 1.349   -8.662  1.00 93.22  ? 118 GLU A OE1 1 
ATOM   169  O  OE2 . GLU A 1 97  ? -17.650 -0.467  -8.644  1.00 78.88  ? 118 GLU A OE2 1 
ATOM   170  N  N   . ALA A 1 98  ? -13.743 2.093   -4.682  1.00 32.43  ? 119 ALA A N   1 
ATOM   171  C  CA  . ALA A 1 98  ? -13.253 1.830   -3.339  1.00 39.41  ? 119 ALA A CA  1 
ATOM   172  C  C   . ALA A 1 98  ? -14.168 0.843   -2.584  1.00 40.95  ? 119 ALA A C   1 
ATOM   173  O  O   . ALA A 1 98  ? -15.347 1.078   -2.520  1.00 45.95  ? 119 ALA A O   1 
ATOM   174  C  CB  . ALA A 1 98  ? -13.164 3.125   -2.594  1.00 36.47  ? 119 ALA A CB  1 
ATOM   175  N  N   . GLN A 1 99  ? -13.610 -0.272  -2.125  1.00 32.59  ? 120 GLN A N   1 
ATOM   176  C  CA  . GLN A 1 99  ? -14.250 -1.243  -1.334  1.00 35.02  ? 120 GLN A CA  1 
ATOM   177  C  C   . GLN A 1 99  ? -14.097 -0.977  0.145   1.00 40.73  ? 120 GLN A C   1 
ATOM   178  O  O   . GLN A 1 99  ? -13.260 -0.169  0.594   1.00 40.37  ? 120 GLN A O   1 
ATOM   179  C  CB  . GLN A 1 99  ? -13.671 -2.582  -1.642  1.00 35.26  ? 120 GLN A CB  1 
ATOM   180  C  CG  . GLN A 1 99  ? -13.593 -2.809  -3.098  1.00 39.33  ? 120 GLN A CG  1 
ATOM   181  C  CD  . GLN A 1 99  ? -14.986 -2.851  -3.755  1.00 42.73  ? 120 GLN A CD  1 
ATOM   182  O  OE1 . GLN A 1 99  ? -15.445 -1.909  -4.411  1.00 44.49  ? 120 GLN A OE1 1 
ATOM   183  N  NE2 . GLN A 1 99  ? -15.637 -3.937  -3.568  1.00 39.17  ? 120 GLN A NE2 1 
ATOM   184  N  N   . ARG A 1 100 ? -14.925 -1.664  0.921   1.00 39.28  ? 121 ARG A N   1 
ATOM   185  C  CA  . ARG A 1 100 ? -14.959 -1.534  2.364   1.00 36.92  ? 121 ARG A CA  1 
ATOM   186  C  C   . ARG A 1 100 ? -15.028 -2.910  2.872   1.00 32.60  ? 121 ARG A C   1 
ATOM   187  O  O   . ARG A 1 100 ? -15.457 -3.789  2.186   1.00 36.48  ? 121 ARG A O   1 
ATOM   188  C  CB  . ARG A 1 100 ? -16.143 -0.795  2.809   1.00 42.16  ? 121 ARG A CB  1 
ATOM   189  C  CG  . ARG A 1 100 ? -16.118 0.614   2.334   1.00 45.26  ? 121 ARG A CG  1 
ATOM   190  C  CD  . ARG A 1 100 ? -15.611 1.459   3.438   1.00 53.64  ? 121 ARG A CD  1 
ATOM   191  N  NE  . ARG A 1 100 ? -14.708 2.407   2.903   1.00 64.36  ? 121 ARG A NE  1 
ATOM   192  C  CZ  . ARG A 1 100 ? -15.054 3.419   2.133   1.00 73.98  ? 121 ARG A CZ  1 
ATOM   193  N  NH1 . ARG A 1 100 ? -16.327 3.595   1.806   1.00 72.59  ? 121 ARG A NH1 1 
ATOM   194  N  NH2 . ARG A 1 100 ? -14.103 4.244   1.688   1.00 72.53  ? 121 ARG A NH2 1 
ATOM   195  N  N   . PRO A 1 101 ? -14.509 -3.143  4.084   1.00 31.93  ? 122 PRO A N   1 
ATOM   196  C  CA  . PRO A 1 101 ? -14.329 -4.505  4.417   1.00 32.36  ? 122 PRO A CA  1 
ATOM   197  C  C   . PRO A 1 101 ? -15.666 -5.163  4.726   1.00 35.59  ? 122 PRO A C   1 
ATOM   198  O  O   . PRO A 1 101 ? -15.769 -6.355  4.547   1.00 31.47  ? 122 PRO A O   1 
ATOM   199  C  CB  . PRO A 1 101 ? -13.483 -4.480  5.668   1.00 33.28  ? 122 PRO A CB  1 
ATOM   200  C  CG  . PRO A 1 101 ? -13.440 -3.087  6.109   1.00 31.16  ? 122 PRO A CG  1 
ATOM   201  C  CD  . PRO A 1 101 ? -14.069 -2.195  5.113   1.00 32.68  ? 122 PRO A CD  1 
ATOM   202  N  N   . HIS A 1 102 ? -16.652 -4.448  5.263   1.00 35.49  ? 123 HIS A N   1 
ATOM   203  C  CA  . HIS A 1 102 ? -17.807 -5.274  5.846   1.00 40.62  ? 123 HIS A CA  1 
ATOM   204  C  C   . HIS A 1 102 ? -18.524 -5.860  4.628   1.00 42.45  ? 123 HIS A C   1 
ATOM   205  O  O   . HIS A 1 102 ? -18.860 -5.108  3.711   1.00 46.71  ? 123 HIS A O   1 
ATOM   206  C  CB  . HIS A 1 102 ? -18.821 -4.480  6.701   1.00 39.75  ? 123 HIS A CB  1 
ATOM   207  C  CG  . HIS A 1 102 ? -19.960 -5.356  7.173   1.00 49.37  ? 123 HIS A CG  1 
ATOM   208  N  ND1 . HIS A 1 102 ? -19.812 -6.291  8.181   1.00 43.78  ? 123 HIS A ND1 1 
ATOM   209  C  CD2 . HIS A 1 102 ? -21.203 -5.549  6.662   1.00 46.49  ? 123 HIS A CD2 1 
ATOM   210  C  CE1 . HIS A 1 102 ? -20.908 -7.017  8.269   1.00 54.97  ? 123 HIS A CE1 1 
ATOM   211  N  NE2 . HIS A 1 102 ? -21.776 -6.567  7.379   1.00 60.45  ? 123 HIS A NE2 1 
ATOM   212  N  N   . GLY A 1 103 ? -18.722 -7.161  4.589   1.00 45.68  ? 124 GLY A N   1 
ATOM   213  C  CA  . GLY A 1 103 ? -19.308 -7.742  3.391   1.00 56.49  ? 124 GLY A CA  1 
ATOM   214  C  C   . GLY A 1 103 ? -18.379 -8.167  2.261   1.00 61.14  ? 124 GLY A C   1 
ATOM   215  O  O   . GLY A 1 103 ? -18.793 -8.902  1.358   1.00 57.59  ? 124 GLY A O   1 
ATOM   216  N  N   . PHE A 1 104 ? -17.110 -7.777  2.322   1.00 56.54  ? 125 PHE A N   1 
ATOM   217  C  CA  . PHE A 1 104 ? -16.219 -8.018  1.220   1.00 44.40  ? 125 PHE A CA  1 
ATOM   218  C  C   . PHE A 1 104 ? -15.765 -9.462  1.168   1.00 43.23  ? 125 PHE A C   1 
ATOM   219  O  O   . PHE A 1 104 ? -15.163 -9.963  2.062   1.00 39.08  ? 125 PHE A O   1 
ATOM   220  C  CB  . PHE A 1 104 ? -15.026 -7.046  1.302   1.00 52.39  ? 125 PHE A CB  1 
ATOM   221  C  CG  . PHE A 1 104 ? -14.077 -7.113  0.123   1.00 46.89  ? 125 PHE A CG  1 
ATOM   222  C  CD1 . PHE A 1 104 ? -12.875 -7.762  0.234   1.00 47.65  ? 125 PHE A CD1 1 
ATOM   223  C  CD2 . PHE A 1 104 ? -14.400 -6.517  -1.073  1.00 43.44  ? 125 PHE A CD2 1 
ATOM   224  C  CE1 . PHE A 1 104 ? -11.969 -7.792  -0.815  1.00 43.25  ? 125 PHE A CE1 1 
ATOM   225  C  CE2 . PHE A 1 104 ? -13.526 -6.572  -2.142  1.00 44.36  ? 125 PHE A CE2 1 
ATOM   226  C  CZ  . PHE A 1 104 ? -12.305 -7.196  -2.002  1.00 40.22  ? 125 PHE A CZ  1 
ATOM   227  N  N   . LYS A 1 105 ? -16.017 -10.141 0.057   1.00 47.30  ? 126 LYS A N   1 
ATOM   228  C  CA  . LYS A 1 105 ? -15.603 -11.517 -0.072  1.00 51.91  ? 126 LYS A CA  1 
ATOM   229  C  C   . LYS A 1 105 ? -14.618 -11.777 -1.196  1.00 39.22  ? 126 LYS A C   1 
ATOM   230  O  O   . LYS A 1 105 ? -13.971 -12.787 -1.179  1.00 43.04  ? 126 LYS A O   1 
ATOM   231  C  CB  . LYS A 1 105 ? -16.842 -12.405 -0.344  1.00 61.91  ? 126 LYS A CB  1 
ATOM   232  C  CG  . LYS A 1 105 ? -17.485 -12.953 0.912   1.00 80.90  ? 126 LYS A CG  1 
ATOM   233  C  CD  . LYS A 1 105 ? -18.859 -12.357 1.123   1.00 89.66  ? 126 LYS A CD  1 
ATOM   234  C  CE  . LYS A 1 105 ? -19.868 -12.957 0.155   1.00 89.86  ? 126 LYS A CE  1 
ATOM   235  N  NZ  . LYS A 1 105 ? -21.180 -12.305 0.421   1.00 100.22 ? 126 LYS A NZ  1 
ATOM   236  N  N   . ALA A 1 106 ? -14.556 -10.933 -2.219  1.00 40.58  ? 127 ALA A N   1 
ATOM   237  C  CA  . ALA A 1 106 ? -13.781 -11.314 -3.424  1.00 36.47  ? 127 ALA A CA  1 
ATOM   238  C  C   . ALA A 1 106 ? -12.374 -11.708 -3.068  1.00 36.96  ? 127 ALA A C   1 
ATOM   239  O  O   . ALA A 1 106 ? -11.789 -12.623 -3.661  1.00 38.27  ? 127 ALA A O   1 
ATOM   240  C  CB  . ALA A 1 106 ? -13.793 -10.203 -4.418  1.00 40.54  ? 127 ALA A CB  1 
ATOM   241  N  N   . LEU A 1 107 ? -11.845 -11.082 -2.022  1.00 35.93  ? 128 LEU A N   1 
ATOM   242  C  CA  . LEU A 1 107 ? -10.497 -11.426 -1.590  1.00 39.66  ? 128 LEU A CA  1 
ATOM   243  C  C   . LEU A 1 107 ? -10.427 -11.660 -0.106  1.00 36.84  ? 128 LEU A C   1 
ATOM   244  O  O   . LEU A 1 107 ? -11.064 -10.984 0.660   1.00 37.38  ? 128 LEU A O   1 
ATOM   245  C  CB  . LEU A 1 107 ? -9.588  -10.247 -1.907  1.00 40.80  ? 128 LEU A CB  1 
ATOM   246  C  CG  . LEU A 1 107 ? -8.836  -10.084 -3.212  1.00 43.76  ? 128 LEU A CG  1 
ATOM   247  C  CD1 . LEU A 1 107 ? -8.981  -11.120 -4.295  1.00 46.10  ? 128 LEU A CD1 1 
ATOM   248  C  CD2 . LEU A 1 107 ? -8.936  -8.629  -3.686  1.00 46.02  ? 128 LEU A CD2 1 
ATOM   249  N  N   . ASP A 1 108 ? -9.598  -12.598 0.287   1.00 39.44  ? 129 ASP A N   1 
ATOM   250  C  CA  . ASP A 1 108 ? -9.236  -12.739 1.687   1.00 44.72  ? 129 ASP A CA  1 
ATOM   251  C  C   . ASP A 1 108 ? -7.829  -12.094 1.923   1.00 43.99  ? 129 ASP A C   1 
ATOM   252  O  O   . ASP A 1 108 ? -6.808  -12.625 1.502   1.00 37.71  ? 129 ASP A O   1 
ATOM   253  C  CB  . ASP A 1 108 ? -9.128  -14.218 2.069   1.00 44.80  ? 129 ASP A CB  1 
ATOM   254  C  CG  . ASP A 1 108 ? -8.790  -14.384 3.520   1.00 58.34  ? 129 ASP A CG  1 
ATOM   255  O  OD1 . ASP A 1 108 ? -9.012  -13.428 4.318   1.00 70.05  ? 129 ASP A OD1 1 
ATOM   256  O  OD2 . ASP A 1 108 ? -8.300  -15.474 3.861   1.00 76.23  ? 129 ASP A OD2 1 
ATOM   257  N  N   . ILE A 1 109 ? -7.817  -10.993 2.618   1.00 38.62  ? 130 ILE A N   1 
ATOM   258  C  CA  . ILE A 1 109 ? -6.622  -10.273 2.866   1.00 39.74  ? 130 ILE A CA  1 
ATOM   259  C  C   . ILE A 1 109 ? -6.238  -10.400 4.303   1.00 37.71  ? 130 ILE A C   1 
ATOM   260  O  O   . ILE A 1 109 ? -6.975  -10.054 5.165   1.00 41.26  ? 130 ILE A O   1 
ATOM   261  C  CB  . ILE A 1 109 ? -6.830  -8.799  2.512   1.00 36.52  ? 130 ILE A CB  1 
ATOM   262  C  CG1 . ILE A 1 109 ? -7.053  -8.708  1.025   1.00 36.84  ? 130 ILE A CG1 1 
ATOM   263  C  CG2 . ILE A 1 109 ? -5.577  -8.000  2.823   1.00 39.49  ? 130 ILE A CG2 1 
ATOM   264  C  CD1 . ILE A 1 109 ? -7.724  -7.453  0.625   1.00 36.81  ? 130 ILE A CD1 1 
ATOM   265  N  N   . THR A 1 110 ? -5.034  -10.847 4.546   1.00 38.93  ? 131 THR A N   1 
ATOM   266  C  CA  . THR A 1 110 ? -4.456  -10.818 5.898   1.00 40.75  ? 131 THR A CA  1 
ATOM   267  C  C   . THR A 1 110 ? -3.629  -9.593  6.090   1.00 34.85  ? 131 THR A C   1 
ATOM   268  O  O   . THR A 1 110 ? -2.728  -9.328  5.320   1.00 36.29  ? 131 THR A O   1 
ATOM   269  C  CB  . THR A 1 110 ? -3.439  -11.936 6.008   1.00 39.60  ? 131 THR A CB  1 
ATOM   270  O  OG1 . THR A 1 110 ? -4.098  -13.112 5.567   1.00 45.49  ? 131 THR A OG1 1 
ATOM   271  C  CG2 . THR A 1 110 ? -2.883  -12.059 7.450   1.00 42.01  ? 131 THR A CG2 1 
ATOM   272  N  N   . LEU A 1 111 ? -3.908  -8.875  7.149   1.00 36.72  ? 132 LEU A N   1 
ATOM   273  C  CA  . LEU A 1 111 ? -3.121  -7.732  7.533   1.00 32.71  ? 132 LEU A CA  1 
ATOM   274  C  C   . LEU A 1 111 ? -2.823  -7.875  8.987   1.00 35.86  ? 132 LEU A C   1 
ATOM   275  O  O   . LEU A 1 111 ? -3.675  -7.565  9.817   1.00 34.44  ? 132 LEU A O   1 
ATOM   276  C  CB  . LEU A 1 111 ? -3.858  -6.459  7.326   1.00 32.80  ? 132 LEU A CB  1 
ATOM   277  C  CG  . LEU A 1 111 ? -2.996  -5.248  7.643   1.00 33.72  ? 132 LEU A CG  1 
ATOM   278  C  CD1 . LEU A 1 111 ? -2.020  -5.041  6.538   1.00 36.35  ? 132 LEU A CD1 1 
ATOM   279  C  CD2 . LEU A 1 111 ? -3.915  -4.048  7.716   1.00 38.29  ? 132 LEU A CD2 1 
ATOM   280  N  N   . PRO A 1 112 ? -1.606  -8.338  9.331   1.00 35.64  ? 133 PRO A N   1 
ATOM   281  C  CA  . PRO A 1 112 ? -1.349  -8.665  10.712  1.00 36.13  ? 133 PRO A CA  1 
ATOM   282  C  C   . PRO A 1 112 ? -1.529  -7.460  11.564  1.00 33.95  ? 133 PRO A C   1 
ATOM   283  O  O   . PRO A 1 112 ? -1.246  -6.380  11.147  1.00 34.22  ? 133 PRO A O   1 
ATOM   284  C  CB  . PRO A 1 112 ? 0.136   -9.037  10.674  1.00 34.51  ? 133 PRO A CB  1 
ATOM   285  C  CG  . PRO A 1 112 ? 0.240   -9.714  9.352   1.00 34.58  ? 133 PRO A CG  1 
ATOM   286  C  CD  . PRO A 1 112 ? -0.469  -8.722  8.494   1.00 34.23  ? 133 PRO A CD  1 
ATOM   287  N  N   . MET A 1 113 ? -1.932  -7.662  12.797  1.00 38.19  ? 134 MET A N   1 
ATOM   288  C  CA  . MET A 1 113 ? -2.097  -6.578  13.716  1.00 44.91  ? 134 MET A CA  1 
ATOM   289  C  C   . MET A 1 113 ? -1.136  -6.749  14.878  1.00 39.64  ? 134 MET A C   1 
ATOM   290  O  O   . MET A 1 113 ? -1.307  -7.580  15.690  1.00 43.36  ? 134 MET A O   1 
ATOM   291  C  CB  . MET A 1 113 ? -3.509  -6.560  14.257  1.00 51.58  ? 134 MET A CB  1 
ATOM   292  C  CG  . MET A 1 113 ? -3.631  -5.498  15.321  1.00 54.42  ? 134 MET A CG  1 
ATOM   293  S  SD  . MET A 1 113 ? -4.548  -4.065  14.761  1.00 60.91  ? 134 MET A SD  1 
ATOM   294  C  CE  . MET A 1 113 ? -6.149  -4.826  14.658  1.00 37.81  ? 134 MET A CE  1 
ATOM   295  N  N   . PRO A 1 114 ? -0.124  -5.926  14.961  1.00 38.13  ? 135 PRO A N   1 
ATOM   296  C  CA  . PRO A 1 114 ? 0.850   -6.273  15.994  1.00 40.40  ? 135 PRO A CA  1 
ATOM   297  C  C   . PRO A 1 114 ? 0.346   -5.908  17.383  1.00 43.49  ? 135 PRO A C   1 
ATOM   298  O  O   . PRO A 1 114 ? -0.538  -5.053  17.567  1.00 38.51  ? 135 PRO A O   1 
ATOM   299  C  CB  . PRO A 1 114 ? 2.031   -5.339  15.698  1.00 36.89  ? 135 PRO A CB  1 
ATOM   300  C  CG  . PRO A 1 114 ? 1.701   -4.604  14.422  1.00 43.28  ? 135 PRO A CG  1 
ATOM   301  C  CD  . PRO A 1 114 ? 0.222   -4.733  14.188  1.00 34.78  ? 135 PRO A CD  1 
ATOM   302  N  N   . PRO A 1 115 ? 1.041   -6.409  18.370  1.00 47.02  ? 136 PRO A N   1 
ATOM   303  C  CA  . PRO A 1 115 ? 0.716   -6.100  19.762  1.00 49.48  ? 136 PRO A CA  1 
ATOM   304  C  C   . PRO A 1 115 ? 0.603   -4.610  19.956  1.00 43.10  ? 136 PRO A C   1 
ATOM   305  O  O   . PRO A 1 115 ? 1.490   -3.856  19.498  1.00 51.17  ? 136 PRO A O   1 
ATOM   306  C  CB  . PRO A 1 115 ? 1.924   -6.643  20.561  1.00 53.08  ? 136 PRO A CB  1 
ATOM   307  C  CG  . PRO A 1 115 ? 2.780   -7.373  19.567  1.00 56.93  ? 136 PRO A CG  1 
ATOM   308  C  CD  . PRO A 1 115 ? 2.114   -7.405  18.224  1.00 52.07  ? 136 PRO A CD  1 
ATOM   309  N  N   . ARG A 1 116 ? -0.471  -4.192  20.632  1.00 41.28  ? 137 ARG A N   1 
ATOM   310  C  CA  . ARG A 1 116 ? -0.670  -2.797  20.986  1.00 42.92  ? 137 ARG A CA  1 
ATOM   311  C  C   . ARG A 1 116 ? -1.216  -1.921  19.860  1.00 39.62  ? 137 ARG A C   1 
ATOM   312  O  O   . ARG A 1 116 ? -1.471  -0.734  20.066  1.00 42.09  ? 137 ARG A O   1 
ATOM   313  C  CB  . ARG A 1 116 ? 0.653   -2.196  21.446  1.00 51.65  ? 137 ARG A CB  1 
ATOM   314  C  CG  . ARG A 1 116 ? 0.467   -0.919  22.250  1.00 67.43  ? 137 ARG A CG  1 
ATOM   315  C  CD  . ARG A 1 116 ? 1.622   -0.713  23.228  1.00 70.05  ? 137 ARG A CD  1 
ATOM   316  N  NE  . ARG A 1 116 ? 2.844   -0.245  22.576  1.00 71.90  ? 137 ARG A NE  1 
ATOM   317  C  CZ  . ARG A 1 116 ? 3.057   1.008   22.178  1.00 73.13  ? 137 ARG A CZ  1 
ATOM   318  N  NH1 . ARG A 1 116 ? 2.115   1.890   22.318  1.00 86.83  ? 137 ARG A NH1 1 
ATOM   319  N  NH2 . ARG A 1 116 ? 4.189   1.398   21.615  1.00 65.53  ? 137 ARG A NH2 1 
ATOM   320  N  N   . TRP A 1 117 ? -1.292  -2.458  18.647  1.00 30.94  ? 138 TRP A N   1 
ATOM   321  C  CA  . TRP A 1 117 ? -1.843  -1.690  17.576  1.00 33.78  ? 138 TRP A CA  1 
ATOM   322  C  C   . TRP A 1 117 ? -3.370  -1.893  17.615  1.00 33.78  ? 138 TRP A C   1 
ATOM   323  O  O   . TRP A 1 117 ? -3.859  -2.956  17.950  1.00 34.07  ? 138 TRP A O   1 
ATOM   324  C  CB  . TRP A 1 117 ? -1.266  -2.211  16.250  1.00 33.02  ? 138 TRP A CB  1 
ATOM   325  C  CG  . TRP A 1 117 ? 0.118   -1.677  15.967  1.00 30.77  ? 138 TRP A CG  1 
ATOM   326  C  CD1 . TRP A 1 117 ? 1.218   -1.724  16.811  1.00 30.78  ? 138 TRP A CD1 1 
ATOM   327  C  CD2 . TRP A 1 117 ? 0.540   -1.024  14.773  1.00 29.04  ? 138 TRP A CD2 1 
ATOM   328  N  NE1 . TRP A 1 117 ? 2.317   -1.106  16.174  1.00 31.07  ? 138 TRP A NE1 1 
ATOM   329  C  CE2 . TRP A 1 117 ? 1.927   -0.724  14.907  1.00 29.30  ? 138 TRP A CE2 1 
ATOM   330  C  CE3 . TRP A 1 117 ? -0.099  -0.716  13.564  1.00 31.05  ? 138 TRP A CE3 1 
ATOM   331  C  CZ2 . TRP A 1 117 ? 2.645   -0.036  13.910  1.00 26.89  ? 138 TRP A CZ2 1 
ATOM   332  C  CZ3 . TRP A 1 117 ? 0.652   -0.090  12.539  1.00 32.76  ? 138 TRP A CZ3 1 
ATOM   333  C  CH2 . TRP A 1 117 ? 2.013   0.202   12.707  1.00 24.34  ? 138 TRP A CH2 1 
ATOM   334  N  N   . THR A 1 118 ? -4.121  -0.934  17.149  1.00 37.66  ? 139 THR A N   1 
ATOM   335  C  CA  . THR A 1 118 ? -5.547  -1.184  16.989  1.00 41.55  ? 139 THR A CA  1 
ATOM   336  C  C   . THR A 1 118 ? -6.079  -0.577  15.709  1.00 40.12  ? 139 THR A C   1 
ATOM   337  O  O   . THR A 1 118 ? -5.514  0.366   15.134  1.00 28.67  ? 139 THR A O   1 
ATOM   338  C  CB  . THR A 1 118 ? -6.282  -0.452  18.107  1.00 40.53  ? 139 THR A CB  1 
ATOM   339  O  OG1 . THR A 1 118 ? -5.834  0.904   18.126  1.00 41.48  ? 139 THR A OG1 1 
ATOM   340  C  CG2 . THR A 1 118 ? -5.894  -1.002  19.398  1.00 44.11  ? 139 THR A CG2 1 
ATOM   341  N  N   . GLN A 1 119 ? -7.207  -1.083  15.280  1.00 37.09  ? 140 GLN A N   1 
ATOM   342  C  CA  . GLN A 1 119 ? -7.939  -0.427  14.205  1.00 37.40  ? 140 GLN A CA  1 
ATOM   343  C  C   . GLN A 1 119 ? -8.375  0.989   14.572  1.00 40.90  ? 140 GLN A C   1 
ATOM   344  O  O   . GLN A 1 119 ? -8.820  1.240   15.636  1.00 51.24  ? 140 GLN A O   1 
ATOM   345  C  CB  . GLN A 1 119 ? -9.071  -1.341  13.778  1.00 34.71  ? 140 GLN A CB  1 
ATOM   346  C  CG  . GLN A 1 119 ? -9.994  -0.710  12.785  1.00 33.38  ? 140 GLN A CG  1 
ATOM   347  C  CD  . GLN A 1 119 ? -10.832 -1.742  12.102  1.00 37.85  ? 140 GLN A CD  1 
ATOM   348  O  OE1 . GLN A 1 119 ? -11.024 -2.887  12.554  1.00 34.56  ? 140 GLN A OE1 1 
ATOM   349  N  NE2 . GLN A 1 119 ? -11.313 -1.357  10.966  1.00 41.87  ? 140 GLN A NE2 1 
ATOM   350  N  N   . VAL A 1 120 ? -8.206  1.924   13.670  1.00 43.12  ? 141 VAL A N   1 
ATOM   351  C  CA  . VAL A 1 120 ? -8.398  3.301   13.933  1.00 45.63  ? 141 VAL A CA  1 
ATOM   352  C  C   . VAL A 1 120 ? -9.802  3.508   13.414  1.00 54.77  ? 141 VAL A C   1 
ATOM   353  O  O   . VAL A 1 120 ? -10.012 3.437   12.217  1.00 55.19  ? 141 VAL A O   1 
ATOM   354  C  CB  . VAL A 1 120 ? -7.457  4.221   13.125  1.00 48.60  ? 141 VAL A CB  1 
ATOM   355  C  CG1 . VAL A 1 120 ? -8.109  5.599   12.840  1.00 53.21  ? 141 VAL A CG1 1 
ATOM   356  C  CG2 . VAL A 1 120 ? -6.150  4.393   13.812  1.00 48.31  ? 141 VAL A CG2 1 
ATOM   357  N  N   . PRO A 1 121 ? -10.770 3.732   14.335  1.00 70.50  ? 142 PRO A N   1 
ATOM   358  C  CA  . PRO A 1 121 ? -12.081 4.135   13.844  1.00 73.62  ? 142 PRO A CA  1 
ATOM   359  C  C   . PRO A 1 121 ? -11.932 5.526   13.278  1.00 67.68  ? 142 PRO A C   1 
ATOM   360  O  O   . PRO A 1 121 ? -11.209 6.358   13.829  1.00 67.74  ? 142 PRO A O   1 
ATOM   361  C  CB  . PRO A 1 121 ? -12.975 4.156   15.112  1.00 70.42  ? 142 PRO A CB  1 
ATOM   362  C  CG  . PRO A 1 121 ? -12.104 3.801   16.273  1.00 77.01  ? 142 PRO A CG  1 
ATOM   363  C  CD  . PRO A 1 121 ? -10.670 3.824   15.809  1.00 73.92  ? 142 PRO A CD  1 
ATOM   364  N  N   . ASP A 1 122 ? -12.607 5.778   12.187  1.00 64.59  ? 143 ASP A N   1 
ATOM   365  C  CA  . ASP A 1 122 ? -12.720 7.142   11.698  1.00 79.66  ? 143 ASP A CA  1 
ATOM   366  C  C   . ASP A 1 122 ? -11.325 7.699   11.317  1.00 72.40  ? 143 ASP A C   1 
ATOM   367  O  O   . ASP A 1 122 ? -10.908 8.749   11.786  1.00 71.71  ? 143 ASP A O   1 
ATOM   368  C  CB  . ASP A 1 122 ? -13.492 8.068   12.708  1.00 97.68  ? 143 ASP A CB  1 
ATOM   369  C  CG  . ASP A 1 122 ? -14.901 7.493   13.165  1.00 119.34 ? 143 ASP A CG  1 
ATOM   370  O  OD1 . ASP A 1 122 ? -15.899 8.255   13.167  1.00 131.34 ? 143 ASP A OD1 1 
ATOM   371  O  OD2 . ASP A 1 122 ? -15.031 6.300   13.539  1.00 131.54 ? 143 ASP A OD2 1 
ATOM   372  N  N   . PRO A 1 123 ? -10.621 7.002   10.414  1.00 68.39  ? 144 PRO A N   1 
ATOM   373  C  CA  . PRO A 1 123 ? -9.291  7.356   9.978   1.00 60.20  ? 144 PRO A CA  1 
ATOM   374  C  C   . PRO A 1 123 ? -9.028  8.637   9.155   1.00 55.72  ? 144 PRO A C   1 
ATOM   375  O  O   . PRO A 1 123 ? -7.945  9.134   9.247   1.00 63.47  ? 144 PRO A O   1 
ATOM   376  C  CB  . PRO A 1 123 ? -8.907  6.135   9.140   1.00 68.57  ? 144 PRO A CB  1 
ATOM   377  C  CG  . PRO A 1 123 ? -10.212 5.639   8.597   1.00 68.28  ? 144 PRO A CG  1 
ATOM   378  C  CD  . PRO A 1 123 ? -11.042 5.709   9.832   1.00 62.85  ? 144 PRO A CD  1 
ATOM   379  N  N   . ASN A 1 124 ? -9.918  9.167   8.331   1.00 69.39  ? 145 ASN A N   1 
ATOM   380  C  CA  . ASN A 1 124 ? -9.530  10.358  7.474   1.00 80.38  ? 145 ASN A CA  1 
ATOM   381  C  C   . ASN A 1 124 ? -8.413  10.087  6.500   1.00 74.98  ? 145 ASN A C   1 
ATOM   382  O  O   . ASN A 1 124 ? -7.517  10.887  6.276   1.00 76.47  ? 145 ASN A O   1 
ATOM   383  C  CB  . ASN A 1 124 ? -9.140  11.555  8.303   1.00 87.48  ? 145 ASN A CB  1 
ATOM   384  C  CG  . ASN A 1 124 ? -10.239 11.944  9.218   1.00 96.13  ? 145 ASN A CG  1 
ATOM   385  O  OD1 . ASN A 1 124 ? -11.207 11.203  9.349   1.00 95.42  ? 145 ASN A OD1 1 
ATOM   386  N  ND2 . ASN A 1 124 ? -10.122 13.094  9.847   1.00 106.77 ? 145 ASN A ND2 1 
ATOM   387  N  N   . VAL A 1 125 ? -8.477  8.871   6.005   1.00 70.94  ? 146 VAL A N   1 
ATOM   388  C  CA  . VAL A 1 125 ? -7.789  8.428   4.854   1.00 62.23  ? 146 VAL A CA  1 
ATOM   389  C  C   . VAL A 1 125 ? -8.956  8.113   3.893   1.00 57.75  ? 146 VAL A C   1 
ATOM   390  O  O   . VAL A 1 125 ? -9.836  7.171   4.100   1.00 44.03  ? 146 VAL A O   1 
ATOM   391  C  CB  . VAL A 1 125 ? -6.972  7.175   5.156   1.00 57.20  ? 146 VAL A CB  1 
ATOM   392  C  CG1 . VAL A 1 125 ? -6.443  6.567   3.871   1.00 54.63  ? 146 VAL A CG1 1 
ATOM   393  C  CG2 . VAL A 1 125 ? -5.869  7.511   6.116   1.00 57.80  ? 146 VAL A CG2 1 
ATOM   394  N  N   . PRO A 1 126 ? -9.009  8.919   2.858   1.00 58.39  ? 147 PRO A N   1 
ATOM   395  C  CA  . PRO A 1 126 ? -10.032 8.701   1.859   1.00 62.52  ? 147 PRO A CA  1 
ATOM   396  C  C   . PRO A 1 126 ? -9.815  7.322   1.250   1.00 57.97  ? 147 PRO A C   1 
ATOM   397  O  O   . PRO A 1 126 ? -8.629  6.893   1.041   1.00 51.04  ? 147 PRO A O   1 
ATOM   398  C  CB  . PRO A 1 126 ? -9.722  9.779   0.826   1.00 70.81  ? 147 PRO A CB  1 
ATOM   399  C  CG  . PRO A 1 126 ? -8.230  9.946   0.915   1.00 69.54  ? 147 PRO A CG  1 
ATOM   400  C  CD  . PRO A 1 126 ? -7.902  9.776   2.375   1.00 65.19  ? 147 PRO A CD  1 
ATOM   401  N  N   . ASP A 1 127 ? -10.929 6.625   1.045   1.00 43.73  ? 148 ASP A N   1 
ATOM   402  C  CA  . ASP A 1 127 ? -10.931 5.325   0.400   1.00 41.11  ? 148 ASP A CA  1 
ATOM   403  C  C   . ASP A 1 127 ? -10.389 4.216   1.249   1.00 35.17  ? 148 ASP A C   1 
ATOM   404  O  O   . ASP A 1 127 ? -10.177 3.088   0.733   1.00 39.02  ? 148 ASP A O   1 
ATOM   405  C  CB  . ASP A 1 127 ? -10.121 5.341   -0.869  1.00 47.91  ? 148 ASP A CB  1 
ATOM   406  C  CG  . ASP A 1 127 ? -10.700 6.273   -1.925  1.00 52.50  ? 148 ASP A CG  1 
ATOM   407  O  OD1 . ASP A 1 127 ? -11.720 6.925   -1.707  1.00 55.86  ? 148 ASP A OD1 1 
ATOM   408  O  OD2 . ASP A 1 127 ? -10.106 6.333   -3.000  1.00 59.24  ? 148 ASP A OD2 1 
ATOM   409  N  N   . ALA A 1 128 ? -10.188 4.499   2.530   1.00 38.57  ? 149 ALA A N   1 
ATOM   410  C  CA  . ALA A 1 128 ? -9.617  3.505   3.437   1.00 40.61  ? 149 ALA A CA  1 
ATOM   411  C  C   . ALA A 1 128 ? -10.419 2.259   3.423   1.00 37.16  ? 149 ALA A C   1 
ATOM   412  O  O   . ALA A 1 128 ? -11.577 2.306   3.393   1.00 41.05  ? 149 ALA A O   1 
ATOM   413  C  CB  . ALA A 1 128 ? -9.596  4.049   4.807   1.00 43.09  ? 149 ALA A CB  1 
ATOM   414  N  N   . PHE A 1 129 ? -9.780  1.116   3.460   1.00 34.82  ? 150 PHE A N   1 
ATOM   415  C  CA  . PHE A 1 129 ? -10.459 -0.107  3.617   1.00 34.29  ? 150 PHE A CA  1 
ATOM   416  C  C   . PHE A 1 129 ? -10.278 -0.457  5.107   1.00 41.94  ? 150 PHE A C   1 
ATOM   417  O  O   . PHE A 1 129 ? -11.239 -0.796  5.761   1.00 38.82  ? 150 PHE A O   1 
ATOM   418  C  CB  . PHE A 1 129 ? -9.840  -1.081  2.642   1.00 33.38  ? 150 PHE A CB  1 
ATOM   419  C  CG  . PHE A 1 129 ? -10.345 -2.481  2.695   1.00 29.92  ? 150 PHE A CG  1 
ATOM   420  C  CD1 . PHE A 1 129 ? -11.431 -2.881  1.946   1.00 38.28  ? 150 PHE A CD1 1 
ATOM   421  C  CD2 . PHE A 1 129 ? -9.691  -3.429  3.438   1.00 35.66  ? 150 PHE A CD2 1 
ATOM   422  C  CE1 . PHE A 1 129 ? -11.825 -4.203  1.888   1.00 29.61  ? 150 PHE A CE1 1 
ATOM   423  C  CE2 . PHE A 1 129 ? -10.113 -4.750  3.443   1.00 34.35  ? 150 PHE A CE2 1 
ATOM   424  C  CZ  . PHE A 1 129 ? -11.199 -5.123  2.669   1.00 32.76  ? 150 PHE A CZ  1 
ATOM   425  N  N   . VAL A 1 130 ? -9.040  -0.400  5.612   1.00 39.21  ? 151 VAL A N   1 
ATOM   426  C  CA  . VAL A 1 130 ? -8.716  -0.517  7.056   1.00 38.62  ? 151 VAL A CA  1 
ATOM   427  C  C   . VAL A 1 130 ? -7.436  0.247   7.368   1.00 37.86  ? 151 VAL A C   1 
ATOM   428  O  O   . VAL A 1 130 ? -6.546  0.364   6.536   1.00 36.84  ? 151 VAL A O   1 
ATOM   429  C  CB  . VAL A 1 130 ? -8.633  -1.990  7.550   1.00 41.13  ? 151 VAL A CB  1 
ATOM   430  C  CG1 . VAL A 1 130 ? -7.919  -2.839  6.618   1.00 51.73  ? 151 VAL A CG1 1 
ATOM   431  C  CG2 . VAL A 1 130 ? -7.882  -2.119  8.851   1.00 44.61  ? 151 VAL A CG2 1 
ATOM   432  N  N   . VAL A 1 131 ? -7.437  0.896   8.507   1.00 31.96  ? 152 VAL A N   1 
ATOM   433  C  CA  . VAL A 1 131 ? -6.331  1.607   8.995   1.00 33.77  ? 152 VAL A CA  1 
ATOM   434  C  C   . VAL A 1 131 ? -6.095  1.148   10.410  1.00 39.47  ? 152 VAL A C   1 
ATOM   435  O  O   . VAL A 1 131 ? -7.068  1.060   11.182  1.00 36.08  ? 152 VAL A O   1 
ATOM   436  C  CB  . VAL A 1 131 ? -6.497  3.085   8.948   1.00 30.61  ? 152 VAL A CB  1 
ATOM   437  C  CG1 . VAL A 1 131 ? -5.265  3.751   9.475   1.00 31.40  ? 152 VAL A CG1 1 
ATOM   438  C  CG2 . VAL A 1 131 ? -6.715  3.606   7.550   1.00 34.35  ? 152 VAL A CG2 1 
ATOM   439  N  N   . ILE A 1 132 ? -4.848  0.693   10.667  1.00 32.87  ? 153 ILE A N   1 
ATOM   440  C  CA  . ILE A 1 132 ? -4.369  0.303   11.955  1.00 26.28  ? 153 ILE A CA  1 
ATOM   441  C  C   . ILE A 1 132 ? -3.241  1.192   12.409  1.00 29.89  ? 153 ILE A C   1 
ATOM   442  O  O   . ILE A 1 132 ? -2.564  1.826   11.593  1.00 29.35  ? 153 ILE A O   1 
ATOM   443  C  CB  . ILE A 1 132 ? -4.012  -1.138  12.052  1.00 29.68  ? 153 ILE A CB  1 
ATOM   444  C  CG1 . ILE A 1 132 ? -2.893  -1.529  11.088  1.00 28.80  ? 153 ILE A CG1 1 
ATOM   445  C  CG2 . ILE A 1 132 ? -5.221  -2.065  11.873  1.00 30.23  ? 153 ILE A CG2 1 
ATOM   446  C  CD1 . ILE A 1 132 ? -2.423  -2.901  11.366  1.00 32.62  ? 153 ILE A CD1 1 
ATOM   447  N  N   . ALA A 1 133 ? -3.078  1.336   13.717  1.00 27.66  ? 154 ALA A N   1 
ATOM   448  C  CA  . ALA A 1 133 ? -2.150  2.294   14.216  1.00 30.02  ? 154 ALA A CA  1 
ATOM   449  C  C   . ALA A 1 133 ? -1.772  1.939   15.640  1.00 35.66  ? 154 ALA A C   1 
ATOM   450  O  O   . ALA A 1 133 ? -2.462  1.138   16.355  1.00 31.06  ? 154 ALA A O   1 
ATOM   451  C  CB  . ALA A 1 133 ? -2.683  3.715   14.159  1.00 30.32  ? 154 ALA A CB  1 
ATOM   452  N  N   . ASP A 1 134 ? -0.644  2.492   16.027  1.00 32.79  ? 155 ASP A N   1 
ATOM   453  C  CA  . ASP A 1 134 ? -0.125  2.268   17.377  1.00 41.74  ? 155 ASP A CA  1 
ATOM   454  C  C   . ASP A 1 134 ? -0.388  3.558   18.086  1.00 39.66  ? 155 ASP A C   1 
ATOM   455  O  O   . ASP A 1 134 ? 0.394   4.523   17.975  1.00 42.66  ? 155 ASP A O   1 
ATOM   456  C  CB  . ASP A 1 134 ? 1.399   2.024   17.396  1.00 39.69  ? 155 ASP A CB  1 
ATOM   457  C  CG  . ASP A 1 134 ? 1.926   1.809   18.847  1.00 44.96  ? 155 ASP A CG  1 
ATOM   458  O  OD1 . ASP A 1 134 ? 1.111   1.662   19.787  1.00 48.92  ? 155 ASP A OD1 1 
ATOM   459  O  OD2 . ASP A 1 134 ? 3.134   1.770   19.023  1.00 44.11  ? 155 ASP A OD2 1 
ATOM   460  N  N   . ARG A 1 135 ? -1.483  3.662   18.763  1.00 46.42  ? 156 ARG A N   1 
ATOM   461  C  CA  . ARG A 1 135 ? -1.818  5.030   19.255  1.00 61.72  ? 156 ARG A CA  1 
ATOM   462  C  C   . ARG A 1 135 ? -1.061  5.458   20.488  1.00 61.24  ? 156 ARG A C   1 
ATOM   463  O  O   . ARG A 1 135 ? -0.863  6.629   20.709  1.00 63.46  ? 156 ARG A O   1 
ATOM   464  C  CB  . ARG A 1 135 ? -3.287  5.156   19.506  1.00 70.11  ? 156 ARG A CB  1 
ATOM   465  C  CG  . ARG A 1 135 ? -3.922  6.046   18.481  1.00 76.29  ? 156 ARG A CG  1 
ATOM   466  C  CD  . ARG A 1 135 ? -5.272  5.478   18.200  1.00 83.38  ? 156 ARG A CD  1 
ATOM   467  N  NE  . ARG A 1 135 ? -6.148  6.497   17.678  1.00 89.07  ? 156 ARG A NE  1 
ATOM   468  C  CZ  . ARG A 1 135 ? -7.444  6.315   17.469  1.00 83.80  ? 156 ARG A CZ  1 
ATOM   469  N  NH1 . ARG A 1 135 ? -8.031  5.140   17.728  1.00 79.50  ? 156 ARG A NH1 1 
ATOM   470  N  NH2 . ARG A 1 135 ? -8.149  7.320   16.986  1.00 77.45  ? 156 ARG A NH2 1 
ATOM   471  N  N   . LEU A 1 136 ? -0.587  4.481   21.237  1.00 57.17  ? 157 LEU A N   1 
ATOM   472  C  CA  . LEU A 1 136 ? 0.272   4.737   22.375  1.00 62.37  ? 157 LEU A CA  1 
ATOM   473  C  C   . LEU A 1 136 ? 1.762   4.969   22.090  1.00 64.09  ? 157 LEU A C   1 
ATOM   474  O  O   . LEU A 1 136 ? 2.556   4.950   23.003  1.00 61.15  ? 157 LEU A O   1 
ATOM   475  C  CB  . LEU A 1 136 ? 0.135   3.545   23.306  1.00 65.57  ? 157 LEU A CB  1 
ATOM   476  C  CG  . LEU A 1 136 ? -1.302  3.222   23.698  1.00 70.52  ? 157 LEU A CG  1 
ATOM   477  C  CD1 . LEU A 1 136 ? -1.357  1.968   24.587  1.00 71.20  ? 157 LEU A CD1 1 
ATOM   478  C  CD2 . LEU A 1 136 ? -1.889  4.479   24.336  1.00 64.65  ? 157 LEU A CD2 1 
ATOM   479  N  N   . GLY A 1 137 ? 2.178   5.143   20.841  1.00 64.65  ? 158 GLY A N   1 
ATOM   480  C  CA  . GLY A 1 137 ? 3.581   5.402   20.576  1.00 60.76  ? 158 GLY A CA  1 
ATOM   481  C  C   . GLY A 1 137 ? 4.113   6.710   21.216  1.00 69.85  ? 158 GLY A C   1 
ATOM   482  O  O   . GLY A 1 137 ? 3.351   7.557   21.687  1.00 63.94  ? 158 GLY A O   1 
ATOM   483  N  N   . ASN A 1 138 ? 5.437   6.837   21.278  1.00 69.88  ? 159 ASN A N   1 
ATOM   484  C  CA  . ASN A 1 138 ? 6.072   8.119   21.432  1.00 74.25  ? 159 ASN A CA  1 
ATOM   485  C  C   . ASN A 1 138 ? 5.869   8.721   20.040  1.00 75.87  ? 159 ASN A C   1 
ATOM   486  O  O   . ASN A 1 138 ? 4.949   8.354   19.285  1.00 86.40  ? 159 ASN A O   1 
ATOM   487  C  CB  . ASN A 1 138 ? 7.570   7.954   21.798  1.00 75.56  ? 159 ASN A CB  1 
ATOM   488  N  N   . SER A 1 139 ? 6.747   9.618   19.668  1.00 68.63  ? 160 SER A N   1 
ATOM   489  C  CA  . SER A 1 139 ? 6.622   10.342  18.410  1.00 52.93  ? 160 SER A CA  1 
ATOM   490  C  C   . SER A 1 139 ? 5.351   11.103  18.219  1.00 41.24  ? 160 SER A C   1 
ATOM   491  O  O   . SER A 1 139 ? 4.252   10.663  18.465  1.00 47.63  ? 160 SER A O   1 
ATOM   492  C  CB  . SER A 1 139 ? 6.826   9.445   17.181  1.00 53.49  ? 160 SER A CB  1 
ATOM   493  O  OG  . SER A 1 139 ? 7.141   10.309  16.091  1.00 48.01  ? 160 SER A OG  1 
ATOM   494  N  N   . VAL A 1 140 ? 5.534   12.269  17.693  1.00 46.00  ? 161 VAL A N   1 
ATOM   495  C  CA  . VAL A 1 140 ? 4.466   13.090  17.205  1.00 49.46  ? 161 VAL A CA  1 
ATOM   496  C  C   . VAL A 1 140 ? 3.780   12.393  16.027  1.00 52.63  ? 161 VAL A C   1 
ATOM   497  O  O   . VAL A 1 140 ? 2.641   12.702  15.732  1.00 50.26  ? 161 VAL A O   1 
ATOM   498  C  CB  . VAL A 1 140 ? 5.064   14.476  16.790  1.00 56.83  ? 161 VAL A CB  1 
ATOM   499  C  CG1 . VAL A 1 140 ? 4.273   15.158  15.696  1.00 59.72  ? 161 VAL A CG1 1 
ATOM   500  C  CG2 . VAL A 1 140 ? 5.189   15.385  18.008  1.00 61.47  ? 161 VAL A CG2 1 
ATOM   501  N  N   . TYR A 1 141 ? 4.445   11.471  15.334  1.00 46.92  ? 162 TYR A N   1 
ATOM   502  C  CA  . TYR A 1 141 ? 3.775   10.779  14.246  1.00 36.80  ? 162 TYR A CA  1 
ATOM   503  C  C   . TYR A 1 141 ? 3.346   9.466   14.742  1.00 35.52  ? 162 TYR A C   1 
ATOM   504  O  O   . TYR A 1 141 ? 4.145   8.690   15.248  1.00 34.45  ? 162 TYR A O   1 
ATOM   505  C  CB  . TYR A 1 141 ? 4.751   10.647  13.078  1.00 38.14  ? 162 TYR A CB  1 
ATOM   506  C  CG  . TYR A 1 141 ? 4.074   10.051  11.888  1.00 37.00  ? 162 TYR A CG  1 
ATOM   507  C  CD1 . TYR A 1 141 ? 3.342   10.839  11.002  1.00 35.43  ? 162 TYR A CD1 1 
ATOM   508  C  CD2 . TYR A 1 141 ? 4.129   8.691   11.665  1.00 34.14  ? 162 TYR A CD2 1 
ATOM   509  C  CE1 . TYR A 1 141 ? 2.692   10.271  9.886   1.00 36.03  ? 162 TYR A CE1 1 
ATOM   510  C  CE2 . TYR A 1 141 ? 3.522   8.147   10.573  1.00 35.64  ? 162 TYR A CE2 1 
ATOM   511  C  CZ  . TYR A 1 141 ? 2.808   8.929   9.700   1.00 33.43  ? 162 TYR A CZ  1 
ATOM   512  O  OH  . TYR A 1 141 ? 2.203   8.275   8.705   1.00 32.56  ? 162 TYR A OH  1 
ATOM   513  N  N   . THR A 1 142 ? 2.084   9.140   14.575  1.00 37.77  ? 163 THR A N   1 
ATOM   514  C  CA  . THR A 1 142 ? 1.581   7.825   15.006  1.00 35.60  ? 163 THR A CA  1 
ATOM   515  C  C   . THR A 1 142 ? 1.842   6.793   13.920  1.00 33.22  ? 163 THR A C   1 
ATOM   516  O  O   . THR A 1 142 ? 1.423   6.957   12.809  1.00 34.60  ? 163 THR A O   1 
ATOM   517  C  CB  . THR A 1 142 ? 0.035   7.887   15.151  1.00 40.22  ? 163 THR A CB  1 
ATOM   518  O  OG1 . THR A 1 142 ? -0.249  8.867   16.103  1.00 46.12  ? 163 THR A OG1 1 
ATOM   519  C  CG2 . THR A 1 142 ? -0.509  6.570   15.648  1.00 36.25  ? 163 THR A CG2 1 
ATOM   520  N  N   . SER A 1 143 ? 2.537   5.749   14.258  1.00 30.79  ? 164 SER A N   1 
ATOM   521  C  CA  . SER A 1 143 ? 2.856   4.682   13.354  1.00 29.85  ? 164 SER A CA  1 
ATOM   522  C  C   . SER A 1 143 ? 1.570   4.006   12.917  1.00 35.03  ? 164 SER A C   1 
ATOM   523  O  O   . SER A 1 143 ? 0.676   3.735   13.733  1.00 32.68  ? 164 SER A O   1 
ATOM   524  C  CB  . SER A 1 143 ? 3.805   3.664   14.060  1.00 29.34  ? 164 SER A CB  1 
ATOM   525  O  OG  . SER A 1 143 ? 5.086   4.284   14.223  1.00 30.59  ? 164 SER A OG  1 
ATOM   526  N  N   . ASN A 1 144 ? 1.483   3.737   11.620  1.00 32.66  ? 165 ASN A N   1 
ATOM   527  C  CA  . ASN A 1 144 ? 0.266   3.184   11.064  1.00 32.72  ? 165 ASN A CA  1 
ATOM   528  C  C   . ASN A 1 144 ? 0.470   2.442   9.787   1.00 28.41  ? 165 ASN A C   1 
ATOM   529  O  O   . ASN A 1 144 ? 1.475   2.617   9.068   1.00 29.57  ? 165 ASN A O   1 
ATOM   530  C  CB  . ASN A 1 144 ? -0.713  4.333   10.801  1.00 30.62  ? 165 ASN A CB  1 
ATOM   531  C  CG  . ASN A 1 144 ? -0.217  5.265   9.675   1.00 27.66  ? 165 ASN A CG  1 
ATOM   532  O  OD1 . ASN A 1 144 ? -0.554  5.072   8.493   1.00 33.23  ? 165 ASN A OD1 1 
ATOM   533  N  ND2 . ASN A 1 144 ? 0.625   6.218   10.001  1.00 27.63  ? 165 ASN A ND2 1 
ATOM   534  N  N   . ALA A 1 145 ? -0.508  1.606   9.503   1.00 28.55  ? 166 ALA A N   1 
ATOM   535  C  CA  . ALA A 1 145 ? -0.673  0.968   8.217   1.00 27.61  ? 166 ALA A CA  1 
ATOM   536  C  C   . ALA A 1 145 ? -2.042  1.320   7.633   1.00 29.07  ? 166 ALA A C   1 
ATOM   537  O  O   . ALA A 1 145 ? -3.095  1.230   8.357   1.00 30.04  ? 166 ALA A O   1 
ATOM   538  C  CB  . ALA A 1 145 ? -0.543  -0.528  8.382   1.00 26.58  ? 166 ALA A CB  1 
ATOM   539  N  N   . GLN A 1 146 ? -2.034  1.620   6.333   1.00 25.88  ? 167 GLN A N   1 
ATOM   540  C  CA  . GLN A 1 146 ? -3.237  1.918   5.543   1.00 27.20  ? 167 GLN A CA  1 
ATOM   541  C  C   . GLN A 1 146 ? -3.370  0.994   4.387   1.00 33.19  ? 167 GLN A C   1 
ATOM   542  O  O   . GLN A 1 146 ? -2.465  0.952   3.501   1.00 32.21  ? 167 GLN A O   1 
ATOM   543  C  CB  . GLN A 1 146 ? -3.247  3.315   4.984   1.00 25.10  ? 167 GLN A CB  1 
ATOM   544  C  CG  . GLN A 1 146 ? -2.974  4.275   6.092   1.00 32.91  ? 167 GLN A CG  1 
ATOM   545  C  CD  . GLN A 1 146 ? -2.704  5.692   5.576   1.00 36.58  ? 167 GLN A CD  1 
ATOM   546  O  OE1 . GLN A 1 146 ? -2.987  6.049   4.437   1.00 38.41  ? 167 GLN A OE1 1 
ATOM   547  N  NE2 . GLN A 1 146 ? -2.213  6.516   6.465   1.00 38.70  ? 167 GLN A NE2 1 
ATOM   548  N  N   . LEU A 1 147 ? -4.523  0.314   4.370   1.00 27.56  ? 168 LEU A N   1 
ATOM   549  C  CA  . LEU A 1 147 ? -4.925  -0.564  3.315   1.00 29.27  ? 168 LEU A CA  1 
ATOM   550  C  C   . LEU A 1 147 ? -6.120  0.050   2.575   1.00 33.23  ? 168 LEU A C   1 
ATOM   551  O  O   . LEU A 1 147 ? -7.062  0.554   3.228   1.00 30.83  ? 168 LEU A O   1 
ATOM   552  C  CB  . LEU A 1 147 ? -5.276  -1.845  3.912   1.00 28.81  ? 168 LEU A CB  1 
ATOM   553  C  CG  . LEU A 1 147 ? -5.646  -2.997  3.016   1.00 38.98  ? 168 LEU A CG  1 
ATOM   554  C  CD1 . LEU A 1 147 ? -4.432  -3.511  2.266   1.00 39.12  ? 168 LEU A CD1 1 
ATOM   555  C  CD2 . LEU A 1 147 ? -6.139  -4.135  3.889   1.00 36.31  ? 168 LEU A CD2 1 
ATOM   556  N  N   . VAL A 1 148 ? -6.016  0.062   1.248   1.00 34.35  ? 169 VAL A N   1 
ATOM   557  C  CA  . VAL A 1 148 ? -6.985  0.598   0.277   1.00 32.66  ? 169 VAL A CA  1 
ATOM   558  C  C   . VAL A 1 148 ? -7.220  -0.510  -0.760  1.00 36.63  ? 169 VAL A C   1 
ATOM   559  O  O   . VAL A 1 148 ? -6.277  -1.217  -1.190  1.00 30.81  ? 169 VAL A O   1 
ATOM   560  C  CB  . VAL A 1 148 ? -6.434  1.893   -0.367  1.00 33.43  ? 169 VAL A CB  1 
ATOM   561  C  CG1 . VAL A 1 148 ? -7.351  2.413   -1.436  1.00 39.40  ? 169 VAL A CG1 1 
ATOM   562  C  CG2 . VAL A 1 148 ? -6.322  2.999   0.655   1.00 34.52  ? 169 VAL A CG2 1 
ATOM   563  N  N   . VAL A 1 149 ? -8.480  -0.774  -1.096  1.00 31.34  ? 170 VAL A N   1 
ATOM   564  C  CA  . VAL A 1 149 ? -8.810  -1.859  -2.026  1.00 29.41  ? 170 VAL A CA  1 
ATOM   565  C  C   . VAL A 1 149 ? -9.799  -1.313  -3.068  1.00 35.85  ? 170 VAL A C   1 
ATOM   566  O  O   . VAL A 1 149 ? -10.844 -0.759  -2.680  1.00 35.89  ? 170 VAL A O   1 
ATOM   567  C  CB  . VAL A 1 149 ? -9.464  -3.023  -1.366  1.00 31.62  ? 170 VAL A CB  1 
ATOM   568  C  CG1 . VAL A 1 149 ? -9.907  -4.045  -2.402  1.00 34.70  ? 170 VAL A CG1 1 
ATOM   569  C  CG2 . VAL A 1 149 ? -8.624  -3.653  -0.322  1.00 33.82  ? 170 VAL A CG2 1 
ATOM   570  N  N   . TYR A 1 150 ? -9.438  -1.314  -4.340  1.00 33.98  ? 171 TYR A N   1 
ATOM   571  C  CA  . TYR A 1 150 ? -10.352 -0.780  -5.415  1.00 34.86  ? 171 TYR A CA  1 
ATOM   572  C  C   . TYR A 1 150 ? -10.719 -1.909  -6.282  1.00 40.30  ? 171 TYR A C   1 
ATOM   573  O  O   . TYR A 1 150 ? -9.838  -2.673  -6.709  1.00 34.95  ? 171 TYR A O   1 
ATOM   574  C  CB  . TYR A 1 150 ? -9.704  0.186   -6.346  1.00 34.72  ? 171 TYR A CB  1 
ATOM   575  C  CG  . TYR A 1 150 ? -9.296  1.467   -5.681  1.00 34.52  ? 171 TYR A CG  1 
ATOM   576  C  CD1 . TYR A 1 150 ? -10.206 2.443   -5.435  1.00 35.72  ? 171 TYR A CD1 1 
ATOM   577  C  CD2 . TYR A 1 150 ? -7.971  1.711   -5.345  1.00 38.00  ? 171 TYR A CD2 1 
ATOM   578  C  CE1 . TYR A 1 150 ? -9.848  3.618   -4.838  1.00 33.28  ? 171 TYR A CE1 1 
ATOM   579  C  CE2 . TYR A 1 150 ? -7.587  2.888   -4.763  1.00 36.90  ? 171 TYR A CE2 1 
ATOM   580  C  CZ  . TYR A 1 150 ? -8.526  3.828   -4.491  1.00 39.10  ? 171 TYR A CZ  1 
ATOM   581  O  OH  . TYR A 1 150 ? -8.151  5.025   -3.935  1.00 37.39  ? 171 TYR A OH  1 
ATOM   582  N  N   . ARG A 1 151 ? -12.026 -2.066  -6.535  1.00 37.81  ? 172 ARG A N   1 
ATOM   583  C  CA  . ARG A 1 151 ? -12.403 -2.899  -7.655  1.00 37.20  ? 172 ARG A CA  1 
ATOM   584  C  C   . ARG A 1 151 ? -12.117 -2.133  -8.935  1.00 30.18  ? 172 ARG A C   1 
ATOM   585  O  O   . ARG A 1 151 ? -12.460 -0.933  -9.073  1.00 29.21  ? 172 ARG A O   1 
ATOM   586  C  CB  . ARG A 1 151 ? -13.936 -3.283  -7.707  1.00 39.19  ? 172 ARG A CB  1 
ATOM   587  C  CG  . ARG A 1 151 ? -14.173 -4.435  -8.675  1.00 44.26  ? 172 ARG A CG  1 
ATOM   588  C  CD  . ARG A 1 151 ? -15.347 -5.276  -8.189  1.00 63.59  ? 172 ARG A CD  1 
ATOM   589  N  NE  . ARG A 1 151 ? -16.510 -4.438  -8.390  1.00 69.18  ? 172 ARG A NE  1 
ATOM   590  C  CZ  . ARG A 1 151 ? -17.162 -4.400  -9.545  1.00 83.33  ? 172 ARG A CZ  1 
ATOM   591  N  NH1 . ARG A 1 151 ? -16.786 -5.207  -10.550 1.00 79.50  ? 172 ARG A NH1 1 
ATOM   592  N  NH2 . ARG A 1 151 ? -18.184 -3.564  -9.697  1.00 78.87  ? 172 ARG A NH2 1 
ATOM   593  N  N   . LEU A 1 152 ? -11.567 -2.861  -9.889  1.00 30.99  ? 173 LEU A N   1 
ATOM   594  C  CA  . LEU A 1 152 ? -11.154 -2.168  -11.151 1.00 35.55  ? 173 LEU A CA  1 
ATOM   595  C  C   . LEU A 1 152 ? -12.141 -2.539  -12.291 1.00 38.81  ? 173 LEU A C   1 
ATOM   596  O  O   . LEU A 1 152 ? -12.261 -3.680  -12.612 1.00 34.99  ? 173 LEU A O   1 
ATOM   597  C  CB  . LEU A 1 152 ? -9.725  -2.582  -11.555 1.00 31.17  ? 173 LEU A CB  1 
ATOM   598  C  CG  . LEU A 1 152 ? -8.644  -2.264  -10.472 1.00 30.38  ? 173 LEU A CG  1 
ATOM   599  C  CD1 . LEU A 1 152 ? -7.295  -2.727  -10.938 1.00 33.83  ? 173 LEU A CD1 1 
ATOM   600  C  CD2 . LEU A 1 152 ? -8.650  -0.797  -10.120 1.00 33.63  ? 173 LEU A CD2 1 
ATOM   601  N  N   . ILE A 1 153 ? -12.826 -1.564  -12.842 1.00 36.40  ? 174 ILE A N   1 
ATOM   602  C  CA  . ILE A 1 153 ? -13.773 -1.793  -13.947 1.00 41.88  ? 174 ILE A CA  1 
ATOM   603  C  C   . ILE A 1 153 ? -13.248 -1.267  -15.287 1.00 33.11  ? 174 ILE A C   1 
ATOM   604  O  O   . ILE A 1 153 ? -13.043 -0.019  -15.426 1.00 38.96  ? 174 ILE A O   1 
ATOM   605  C  CB  . ILE A 1 153 ? -15.083 -0.940  -13.728 1.00 50.92  ? 174 ILE A CB  1 
ATOM   606  C  CG1 . ILE A 1 153 ? -15.621 -1.024  -12.305 1.00 52.10  ? 174 ILE A CG1 1 
ATOM   607  C  CG2 . ILE A 1 153 ? -16.166 -1.391  -14.723 1.00 50.10  ? 174 ILE A CG2 1 
ATOM   608  C  CD1 . ILE A 1 153 ? -15.919 -2.431  -11.922 1.00 50.77  ? 174 ILE A CD1 1 
ATOM   609  N  N   . GLY A 1 154 ? -13.122 -2.183  -16.246 1.00 41.52  ? 175 GLY A N   1 
ATOM   610  C  CA  . GLY A 1 154 ? -12.548 -1.941  -17.621 1.00 43.81  ? 175 GLY A CA  1 
ATOM   611  C  C   . GLY A 1 154 ? -11.418 -2.967  -17.867 1.00 48.13  ? 175 GLY A C   1 
ATOM   612  O  O   . GLY A 1 154 ? -10.882 -3.497  -16.915 1.00 52.36  ? 175 GLY A O   1 
ATOM   613  N  N   . ASP A 1 155 ? -11.008 -3.277  -19.096 1.00 44.85  ? 176 ASP A N   1 
ATOM   614  C  CA  . ASP A 1 155 ? -9.892  -4.268  -19.265 1.00 45.78  ? 176 ASP A CA  1 
ATOM   615  C  C   . ASP A 1 155 ? -8.560  -3.526  -19.310 1.00 41.03  ? 176 ASP A C   1 
ATOM   616  O  O   . ASP A 1 155 ? -8.571  -2.376  -19.656 1.00 40.45  ? 176 ASP A O   1 
ATOM   617  C  CB  . ASP A 1 155 ? -10.053 -5.057  -20.557 1.00 57.44  ? 176 ASP A CB  1 
ATOM   618  C  CG  . ASP A 1 155 ? -11.312 -5.836  -20.556 1.00 71.25  ? 176 ASP A CG  1 
ATOM   619  O  OD1 . ASP A 1 155 ? -11.326 -6.936  -19.951 1.00 85.22  ? 176 ASP A OD1 1 
ATOM   620  O  OD2 . ASP A 1 155 ? -12.300 -5.312  -21.096 1.00 72.12  ? 176 ASP A OD2 1 
ATOM   621  N  N   . PHE A 1 156 ? -7.439  -4.145  -18.919 1.00 38.71  ? 177 PHE A N   1 
ATOM   622  C  CA  . PHE A 1 156 ? -6.172  -3.439  -18.977 1.00 39.45  ? 177 PHE A CA  1 
ATOM   623  C  C   . PHE A 1 156 ? -5.262  -4.565  -18.763 1.00 38.28  ? 177 PHE A C   1 
ATOM   624  O  O   . PHE A 1 156 ? -5.727  -5.624  -18.384 1.00 40.53  ? 177 PHE A O   1 
ATOM   625  C  CB  . PHE A 1 156 ? -6.062  -2.370  -17.897 1.00 41.31  ? 177 PHE A CB  1 
ATOM   626  C  CG  . PHE A 1 156 ? -6.143  -2.930  -16.486 1.00 41.69  ? 177 PHE A CG  1 
ATOM   627  C  CD1 . PHE A 1 156 ? -4.983  -3.193  -15.767 1.00 40.60  ? 177 PHE A CD1 1 
ATOM   628  C  CD2 . PHE A 1 156 ? -7.369  -3.309  -15.949 1.00 46.86  ? 177 PHE A CD2 1 
ATOM   629  C  CE1 . PHE A 1 156 ? -5.054  -3.732  -14.495 1.00 46.33  ? 177 PHE A CE1 1 
ATOM   630  C  CE2 . PHE A 1 156 ? -7.443  -3.866  -14.681 1.00 48.42  ? 177 PHE A CE2 1 
ATOM   631  C  CZ  . PHE A 1 156 ? -6.273  -4.067  -13.948 1.00 44.09  ? 177 PHE A CZ  1 
ATOM   632  N  N   . ASP A 1 157 ? -3.998  -4.401  -19.062 1.00 37.17  ? 178 ASP A N   1 
ATOM   633  C  CA  . ASP A 1 157 ? -3.020  -5.418  -18.764 1.00 39.33  ? 178 ASP A CA  1 
ATOM   634  C  C   . ASP A 1 157 ? -2.403  -5.130  -17.377 1.00 39.39  ? 178 ASP A C   1 
ATOM   635  O  O   . ASP A 1 157 ? -1.712  -4.099  -17.200 1.00 37.75  ? 178 ASP A O   1 
ATOM   636  C  CB  . ASP A 1 157 ? -1.922  -5.404  -19.804 1.00 43.78  ? 178 ASP A CB  1 
ATOM   637  C  CG  . ASP A 1 157 ? -0.745  -6.342  -19.459 1.00 45.88  ? 178 ASP A CG  1 
ATOM   638  O  OD1 . ASP A 1 157 ? -0.826  -7.246  -18.598 1.00 61.83  ? 178 ASP A OD1 1 
ATOM   639  O  OD2 . ASP A 1 157 ? 0.312   -6.172  -20.064 1.00 63.97  ? 178 ASP A OD2 1 
ATOM   640  N  N   . PRO A 1 158 ? -2.557  -6.052  -16.437 1.00 36.85  ? 179 PRO A N   1 
ATOM   641  C  CA  . PRO A 1 158 ? -2.016  -5.734  -15.082 1.00 38.47  ? 179 PRO A CA  1 
ATOM   642  C  C   . PRO A 1 158 ? -0.493  -5.601  -15.042 1.00 42.40  ? 179 PRO A C   1 
ATOM   643  O  O   . PRO A 1 158 ? -0.002  -4.773  -14.288 1.00 31.43  ? 179 PRO A O   1 
ATOM   644  C  CB  . PRO A 1 158 ? -2.419  -6.929  -14.247 1.00 37.89  ? 179 PRO A CB  1 
ATOM   645  C  CG  . PRO A 1 158 ? -3.683  -7.404  -14.946 1.00 43.96  ? 179 PRO A CG  1 
ATOM   646  C  CD  . PRO A 1 158 ? -3.350  -7.293  -16.419 1.00 40.38  ? 179 PRO A CD  1 
ATOM   647  N  N   . ALA A 1 159 ? 0.244   -6.448  -15.768 1.00 37.56  ? 180 ALA A N   1 
ATOM   648  C  CA  . ALA A 1 159 ? 1.706   -6.447  -15.682 1.00 38.82  ? 180 ALA A CA  1 
ATOM   649  C  C   . ALA A 1 159 ? 2.224   -5.126  -16.231 1.00 36.18  ? 180 ALA A C   1 
ATOM   650  O  O   . ALA A 1 159 ? 3.244   -4.671  -15.855 1.00 47.40  ? 180 ALA A O   1 
ATOM   651  C  CB  . ALA A 1 159 ? 2.287   -7.552  -16.505 1.00 41.83  ? 180 ALA A CB  1 
ATOM   652  N  N   . GLU A 1 160 ? 1.495   -4.534  -17.146 1.00 36.86  ? 181 GLU A N   1 
ATOM   653  C  CA  . GLU A 1 160 ? 1.864   -3.302  -17.643 1.00 39.79  ? 181 GLU A CA  1 
ATOM   654  C  C   . GLU A 1 160 ? 1.568   -2.154  -16.654 1.00 41.86  ? 181 GLU A C   1 
ATOM   655  O  O   . GLU A 1 160 ? 2.394   -1.257  -16.470 1.00 43.30  ? 181 GLU A O   1 
ATOM   656  C  CB  . GLU A 1 160 ? 1.222   -3.086  -18.988 1.00 41.71  ? 181 GLU A CB  1 
ATOM   657  C  CG  . GLU A 1 160 ? 1.318   -1.643  -19.393 1.00 54.40  ? 181 GLU A CG  1 
ATOM   658  C  CD  . GLU A 1 160 ? 0.633   -1.308  -20.709 1.00 65.42  ? 181 GLU A CD  1 
ATOM   659  O  OE1 . GLU A 1 160 ? 0.141   -2.229  -21.422 1.00 73.54  ? 181 GLU A OE1 1 
ATOM   660  O  OE2 . GLU A 1 160 ? 0.606   -0.094  -21.000 1.00 62.53  ? 181 GLU A OE2 1 
ATOM   661  N  N   . ALA A 1 161 ? 0.415   -2.183  -16.020 1.00 31.87  ? 182 ALA A N   1 
ATOM   662  C  CA  . ALA A 1 161 ? 0.048   -1.185  -15.062 1.00 33.10  ? 182 ALA A CA  1 
ATOM   663  C  C   . ALA A 1 161 ? 1.015   -1.217  -13.889 1.00 31.00  ? 182 ALA A C   1 
ATOM   664  O  O   . ALA A 1 161 ? 1.442   -0.185  -13.397 1.00 28.83  ? 182 ALA A O   1 
ATOM   665  C  CB  . ALA A 1 161 ? -1.339  -1.441  -14.535 1.00 37.25  ? 182 ALA A CB  1 
ATOM   666  N  N   . ILE A 1 162 ? 1.371   -2.388  -13.438 1.00 27.70  ? 183 ILE A N   1 
ATOM   667  C  CA  . ILE A 1 162 ? 2.179   -2.449  -12.275 1.00 30.89  ? 183 ILE A CA  1 
ATOM   668  C  C   . ILE A 1 162 ? 3.548   -1.754  -12.368 1.00 32.25  ? 183 ILE A C   1 
ATOM   669  O  O   . ILE A 1 162 ? 4.166   -1.385  -11.368 1.00 32.66  ? 183 ILE A O   1 
ATOM   670  C  CB  . ILE A 1 162 ? 2.291   -3.896  -11.771 1.00 34.73  ? 183 ILE A CB  1 
ATOM   671  C  CG1 . ILE A 1 162 ? 2.541   -3.851  -10.308 1.00 40.06  ? 183 ILE A CG1 1 
ATOM   672  C  CG2 . ILE A 1 162 ? 3.480   -4.676  -12.299 1.00 40.78  ? 183 ILE A CG2 1 
ATOM   673  C  CD1 . ILE A 1 162 ? 1.280   -3.458  -9.546  1.00 38.28  ? 183 ILE A CD1 1 
ATOM   674  N  N   . THR A 1 163 ? 4.049   -1.589  -13.559 1.00 34.00  ? 184 THR A N   1 
ATOM   675  C  CA  . THR A 1 163 ? 5.348   -0.932  -13.755 1.00 29.57  ? 184 THR A CA  1 
ATOM   676  C  C   . THR A 1 163 ? 5.270   0.566   -13.441 1.00 25.46  ? 184 THR A C   1 
ATOM   677  O  O   . THR A 1 163 ? 6.334   1.239   -13.355 1.00 25.99  ? 184 THR A O   1 
ATOM   678  C  CB  . THR A 1 163 ? 5.871   -1.111  -15.207 1.00 31.00  ? 184 THR A CB  1 
ATOM   679  O  OG1 . THR A 1 163 ? 5.082   -0.365  -16.127 1.00 27.47  ? 184 THR A OG1 1 
ATOM   680  C  CG2 . THR A 1 163 ? 5.960   -2.516  -15.635 1.00 31.40  ? 184 THR A CG2 1 
ATOM   681  N  N   . HIS A 1 164 ? 4.075   1.065   -13.159 1.00 23.76  ? 185 HIS A N   1 
ATOM   682  C  CA  . HIS A 1 164 ? 3.917   2.438   -12.659 1.00 24.45  ? 185 HIS A CA  1 
ATOM   683  C  C   . HIS A 1 164 ? 3.888   2.553   -11.146 1.00 26.58  ? 185 HIS A C   1 
ATOM   684  O  O   . HIS A 1 164 ? 3.632   3.628   -10.573 1.00 25.93  ? 185 HIS A O   1 
ATOM   685  C  CB  . HIS A 1 164 ? 2.667   3.004   -13.193 1.00 27.75  ? 185 HIS A CB  1 
ATOM   686  C  CG  . HIS A 1 164 ? 2.671   3.171   -14.677 1.00 29.48  ? 185 HIS A CG  1 
ATOM   687  N  ND1 . HIS A 1 164 ? 2.757   4.410   -15.275 1.00 28.65  ? 185 HIS A ND1 1 
ATOM   688  C  CD2 . HIS A 1 164 ? 2.600   2.263   -15.680 1.00 29.85  ? 185 HIS A CD2 1 
ATOM   689  C  CE1 . HIS A 1 164 ? 2.680   4.263   -16.584 1.00 27.25  ? 185 HIS A CE1 1 
ATOM   690  N  NE2 . HIS A 1 164 ? 2.657   2.966   -16.854 1.00 28.80  ? 185 HIS A NE2 1 
ATOM   691  N  N   . GLY A 1 165 ? 4.089   1.417   -10.509 1.00 28.17  ? 186 GLY A N   1 
ATOM   692  C  CA  . GLY A 1 165 ? 3.857   1.243   -9.078  1.00 29.44  ? 186 GLY A CA  1 
ATOM   693  C  C   . GLY A 1 165 ? 4.707   1.993   -8.088  1.00 30.18  ? 186 GLY A C   1 
ATOM   694  O  O   . GLY A 1 165 ? 4.284   2.290   -6.948  1.00 29.29  ? 186 GLY A O   1 
ATOM   695  N  N   . TYR A 1 166 ? 5.900   2.366   -8.492  1.00 27.84  ? 187 TYR A N   1 
ATOM   696  C  CA  . TYR A 1 166 ? 6.736   3.175   -7.643  1.00 27.18  ? 187 TYR A CA  1 
ATOM   697  C  C   . TYR A 1 166 ? 6.465   4.659   -7.701  1.00 27.96  ? 187 TYR A C   1 
ATOM   698  O  O   . TYR A 1 166 ? 6.916   5.443   -6.821  1.00 27.16  ? 187 TYR A O   1 
ATOM   699  C  CB  . TYR A 1 166 ? 8.212   3.033   -8.063  1.00 28.13  ? 187 TYR A CB  1 
ATOM   700  C  CG  . TYR A 1 166 ? 8.788   1.647   -8.131  1.00 20.33  ? 187 TYR A CG  1 
ATOM   701  C  CD1 . TYR A 1 166 ? 8.361   0.663   -7.311  1.00 22.84  ? 187 TYR A CD1 1 
ATOM   702  C  CD2 . TYR A 1 166 ? 9.924   1.408   -8.886  1.00 22.09  ? 187 TYR A CD2 1 
ATOM   703  C  CE1 . TYR A 1 166 ? 8.953   -0.585  -7.331  1.00 23.20  ? 187 TYR A CE1 1 
ATOM   704  C  CE2 . TYR A 1 166 ? 10.522  0.176   -8.958  1.00 23.49  ? 187 TYR A CE2 1 
ATOM   705  C  CZ  . TYR A 1 166 ? 10.009  -0.857  -8.176  1.00 24.20  ? 187 TYR A CZ  1 
ATOM   706  O  OH  . TYR A 1 166 ? 10.561  -2.096  -8.145  1.00 22.58  ? 187 TYR A OH  1 
ATOM   707  N  N   . ILE A 1 167 ? 5.823   5.100   -8.764  1.00 25.92  ? 188 ILE A N   1 
ATOM   708  C  CA  . ILE A 1 167 ? 5.833   6.511   -9.078  1.00 24.46  ? 188 ILE A CA  1 
ATOM   709  C  C   . ILE A 1 167 ? 5.101   7.389   -8.035  1.00 30.19  ? 188 ILE A C   1 
ATOM   710  O  O   . ILE A 1 167 ? 5.575   8.470   -7.715  1.00 28.71  ? 188 ILE A O   1 
ATOM   711  C  CB  . ILE A 1 167 ? 5.218   6.649   -10.452 1.00 25.12  ? 188 ILE A CB  1 
ATOM   712  C  CG1 . ILE A 1 167 ? 6.111   5.990   -11.462 1.00 27.05  ? 188 ILE A CG1 1 
ATOM   713  C  CG2 . ILE A 1 167 ? 4.913   8.095   -10.811 1.00 27.88  ? 188 ILE A CG2 1 
ATOM   714  C  CD1 . ILE A 1 167 ? 5.626   6.023   -12.907 1.00 26.74  ? 188 ILE A CD1 1 
ATOM   715  N  N   . ASP A 1 168 ? 3.967   6.937   -7.461  1.00 26.55  ? 189 ASP A N   1 
ATOM   716  C  CA  . ASP A 1 168 ? 3.309   7.751   -6.422  1.00 28.30  ? 189 ASP A CA  1 
ATOM   717  C  C   . ASP A 1 168 ? 4.195   7.957   -5.186  1.00 28.45  ? 189 ASP A C   1 
ATOM   718  O  O   . ASP A 1 168 ? 4.088   8.954   -4.493  1.00 32.41  ? 189 ASP A O   1 
ATOM   719  C  CB  . ASP A 1 168 ? 1.898   7.157   -5.960  1.00 29.65  ? 189 ASP A CB  1 
ATOM   720  C  CG  . ASP A 1 168 ? 1.978   5.657   -5.480  1.00 34.02  ? 189 ASP A CG  1 
ATOM   721  O  OD1 . ASP A 1 168 ? 2.049   5.451   -4.278  1.00 40.65  ? 189 ASP A OD1 1 
ATOM   722  O  OD2 . ASP A 1 168 ? 2.052   4.697   -6.302  1.00 36.98  ? 189 ASP A OD2 1 
ATOM   723  N  N   . SER A 1 169 ? 5.056   7.005   -4.864  1.00 26.20  ? 190 SER A N   1 
ATOM   724  C  CA  . SER A 1 169 ? 5.962   7.168   -3.752  1.00 23.36  ? 190 SER A CA  1 
ATOM   725  C  C   . SER A 1 169 ? 7.107   8.080   -4.183  1.00 26.19  ? 190 SER A C   1 
ATOM   726  O  O   . SER A 1 169 ? 7.508   8.950   -3.432  1.00 27.01  ? 190 SER A O   1 
ATOM   727  C  CB  . SER A 1 169 ? 6.574   5.803   -3.347  1.00 26.15  ? 190 SER A CB  1 
ATOM   728  O  OG  . SER A 1 169 ? 5.550   4.895   -2.945  1.00 26.29  ? 190 SER A OG  1 
ATOM   729  N  N   . GLN A 1 170 ? 7.610   7.903   -5.419  1.00 27.56  ? 191 GLN A N   1 
ATOM   730  C  CA  . GLN A 1 170 ? 8.750   8.665   -5.843  1.00 27.78  ? 191 GLN A CA  1 
ATOM   731  C  C   . GLN A 1 170 ? 8.460   10.163  -6.048  1.00 30.81  ? 191 GLN A C   1 
ATOM   732  O  O   . GLN A 1 170 ? 9.391   10.926  -6.104  1.00 29.48  ? 191 GLN A O   1 
ATOM   733  C  CB  . GLN A 1 170 ? 9.377   8.113   -7.137  1.00 26.24  ? 191 GLN A CB  1 
ATOM   734  C  CG  . GLN A 1 170 ? 9.910   6.693   -7.033  1.00 28.14  ? 191 GLN A CG  1 
ATOM   735  C  CD  . GLN A 1 170 ? 10.141  6.080   -8.380  1.00 28.33  ? 191 GLN A CD  1 
ATOM   736  O  OE1 . GLN A 1 170 ? 9.293   6.206   -9.356  1.00 30.85  ? 191 GLN A OE1 1 
ATOM   737  N  NE2 . GLN A 1 170 ? 11.293  5.399   -8.493  1.00 32.34  ? 191 GLN A NE2 1 
ATOM   738  N  N   . LYS A 1 171 ? 7.213   10.548  -6.149  1.00 31.72  ? 192 LYS A N   1 
ATOM   739  C  CA  . LYS A 1 171 ? 6.814   11.935  -6.149  1.00 34.98  ? 192 LYS A CA  1 
ATOM   740  C  C   . LYS A 1 171 ? 6.823   12.591  -4.770  1.00 34.80  ? 192 LYS A C   1 
ATOM   741  O  O   . LYS A 1 171 ? 6.647   13.776  -4.686  1.00 34.14  ? 192 LYS A O   1 
ATOM   742  C  CB  . LYS A 1 171 ? 5.353   12.044  -6.550  1.00 34.23  ? 192 LYS A CB  1 
ATOM   743  C  CG  . LYS A 1 171 ? 5.099   11.877  -7.993  1.00 43.27  ? 192 LYS A CG  1 
ATOM   744  C  CD  . LYS A 1 171 ? 3.588   11.789  -8.343  1.00 47.85  ? 192 LYS A CD  1 
ATOM   745  C  CE  . LYS A 1 171 ? 3.262   12.800  -9.457  1.00 57.22  ? 192 LYS A CE  1 
ATOM   746  N  NZ  . LYS A 1 171 ? 2.396   12.411  -10.631 1.00 62.56  ? 192 LYS A NZ  1 
ATOM   747  N  N   . LEU A 1 172 ? 6.847   11.829  -3.690  1.00 36.81  ? 193 LEU A N   1 
ATOM   748  C  CA  . LEU A 1 172 ? 6.834   12.457  -2.368  1.00 33.21  ? 193 LEU A CA  1 
ATOM   749  C  C   . LEU A 1 172 ? 8.093   13.236  -2.115  1.00 32.72  ? 193 LEU A C   1 
ATOM   750  O  O   . LEU A 1 172 ? 9.219   12.848  -2.555  1.00 34.99  ? 193 LEU A O   1 
ATOM   751  C  CB  . LEU A 1 172 ? 6.739   11.431  -1.273  1.00 33.59  ? 193 LEU A CB  1 
ATOM   752  C  CG  . LEU A 1 172 ? 5.448   10.647  -1.429  1.00 34.31  ? 193 LEU A CG  1 
ATOM   753  C  CD1 . LEU A 1 172 ? 5.462   9.539   -0.452  1.00 32.65  ? 193 LEU A CD1 1 
ATOM   754  C  CD2 . LEU A 1 172 ? 4.208   11.524  -1.253  1.00 37.24  ? 193 LEU A CD2 1 
ATOM   755  N  N   . LEU A 1 173 ? 7.946   14.277  -1.310  1.00 37.55  ? 194 LEU A N   1 
ATOM   756  C  CA  . LEU A 1 173 ? 9.018   15.253  -1.034  1.00 35.20  ? 194 LEU A CA  1 
ATOM   757  C  C   . LEU A 1 173 ? 10.241  14.568  -0.467  1.00 33.92  ? 194 LEU A C   1 
ATOM   758  O  O   . LEU A 1 173 ? 10.166  13.909  0.537   1.00 36.61  ? 194 LEU A O   1 
ATOM   759  C  CB  . LEU A 1 173 ? 8.495   16.244  0.011   1.00 40.78  ? 194 LEU A CB  1 
ATOM   760  C  CG  . LEU A 1 173 ? 9.500   17.313  0.401   1.00 47.67  ? 194 LEU A CG  1 
ATOM   761  C  CD1 . LEU A 1 173 ? 10.010  18.037  -0.849  1.00 47.88  ? 194 LEU A CD1 1 
ATOM   762  C  CD2 . LEU A 1 173 ? 8.804   18.243  1.412   1.00 48.07  ? 194 LEU A CD2 1 
ATOM   763  N  N   . ALA A 1 174 ? 11.375  14.761  -1.101  1.00 34.40  ? 195 ALA A N   1 
ATOM   764  C  CA  . ALA A 1 174 ? 12.664  14.236  -0.647  1.00 34.02  ? 195 ALA A CA  1 
ATOM   765  C  C   . ALA A 1 174 ? 12.710  12.718  -0.656  1.00 35.43  ? 195 ALA A C   1 
ATOM   766  O  O   . ALA A 1 174 ? 13.476  12.168  0.140   1.00 35.06  ? 195 ALA A O   1 
ATOM   767  C  CB  . ALA A 1 174 ? 12.989  14.741  0.747   1.00 31.48  ? 195 ALA A CB  1 
ATOM   768  N  N   . TRP A 1 175 ? 11.860  12.050  -1.465  1.00 34.10  ? 196 TRP A N   1 
ATOM   769  C  CA  . TRP A 1 175 ? 11.842  10.579  -1.461  1.00 30.04  ? 196 TRP A CA  1 
ATOM   770  C  C   . TRP A 1 175 ? 13.249  10.042  -1.607  1.00 30.33  ? 196 TRP A C   1 
ATOM   771  O  O   . TRP A 1 175 ? 13.950  10.399  -2.506  1.00 31.02  ? 196 TRP A O   1 
ATOM   772  C  CB  . TRP A 1 175 ? 11.111  9.993   -2.623  1.00 30.50  ? 196 TRP A CB  1 
ATOM   773  C  CG  . TRP A 1 175 ? 11.156  8.520   -2.585  1.00 27.44  ? 196 TRP A CG  1 
ATOM   774  C  CD1 . TRP A 1 175 ? 11.967  7.663   -3.301  1.00 26.81  ? 196 TRP A CD1 1 
ATOM   775  C  CD2 . TRP A 1 175 ? 10.287  7.710   -1.808  1.00 28.11  ? 196 TRP A CD2 1 
ATOM   776  N  NE1 . TRP A 1 175 ? 11.708  6.356   -2.928  1.00 29.92  ? 196 TRP A NE1 1 
ATOM   777  C  CE2 . TRP A 1 175 ? 10.636  6.364   -2.039  1.00 26.67  ? 196 TRP A CE2 1 
ATOM   778  C  CE3 . TRP A 1 175 ? 9.300   8.005   -0.859  1.00 29.38  ? 196 TRP A CE3 1 
ATOM   779  C  CZ2 . TRP A 1 175 ? 10.041  5.319   -1.349  1.00 26.59  ? 196 TRP A CZ2 1 
ATOM   780  C  CZ3 . TRP A 1 175 ? 8.649   6.951   -0.200  1.00 28.59  ? 196 TRP A CZ3 1 
ATOM   781  C  CH2 . TRP A 1 175 ? 9.043   5.615   -0.432  1.00 27.43  ? 196 TRP A CH2 1 
ATOM   782  N  N   . GLN A 1 176 ? 13.637  9.131   -0.758  1.00 29.98  ? 197 GLN A N   1 
ATOM   783  C  CA  . GLN A 1 176 ? 14.774  8.263   -1.069  1.00 28.08  ? 197 GLN A CA  1 
ATOM   784  C  C   . GLN A 1 176 ? 14.491  6.839   -0.867  1.00 26.17  ? 197 GLN A C   1 
ATOM   785  O  O   . GLN A 1 176 ? 13.942  6.426   0.173   1.00 24.68  ? 197 GLN A O   1 
ATOM   786  C  CB  . GLN A 1 176 ? 15.874  8.604   -0.071  1.00 36.27  ? 197 GLN A CB  1 
ATOM   787  C  CG  . GLN A 1 176 ? 16.223  10.047  -0.228  1.00 47.67  ? 197 GLN A CG  1 
ATOM   788  C  CD  . GLN A 1 176 ? 17.708  10.178  -0.201  1.00 65.57  ? 197 GLN A CD  1 
ATOM   789  O  OE1 . GLN A 1 176 ? 18.366  10.000  -1.218  1.00 80.94  ? 197 GLN A OE1 1 
ATOM   790  N  NE2 . GLN A 1 176 ? 18.250  10.399  0.980   1.00 67.25  ? 197 GLN A NE2 1 
ATOM   791  N  N   . THR A 1 177 ? 15.022  6.039   -1.739  1.00 27.36  ? 198 THR A N   1 
ATOM   792  C  CA  . THR A 1 177 ? 14.714  4.678   -1.758  1.00 28.32  ? 198 THR A CA  1 
ATOM   793  C  C   . THR A 1 177 ? 15.596  3.829   -0.984  1.00 31.21  ? 198 THR A C   1 
ATOM   794  O  O   . THR A 1 177 ? 16.771  3.829   -1.215  1.00 32.73  ? 198 THR A O   1 
ATOM   795  C  CB  . THR A 1 177 ? 14.738  4.210   -3.161  1.00 24.96  ? 198 THR A CB  1 
ATOM   796  O  OG1 . THR A 1 177 ? 13.739  4.936   -3.816  1.00 29.82  ? 198 THR A OG1 1 
ATOM   797  C  CG2 . THR A 1 177 ? 14.276  2.779   -3.266  1.00 29.62  ? 198 THR A CG2 1 
ATOM   798  N  N   . THR A 1 178 ? 15.017  2.879   -0.258  1.00 27.40  ? 199 THR A N   1 
ATOM   799  C  CA  . THR A 1 178 ? 15.794  1.879   0.467   1.00 28.22  ? 199 THR A CA  1 
ATOM   800  C  C   . THR A 1 178 ? 15.617  0.517   -0.139  1.00 28.36  ? 199 THR A C   1 
ATOM   801  O  O   . THR A 1 178 ? 16.491  -0.298  -0.089  1.00 32.67  ? 199 THR A O   1 
ATOM   802  C  CB  . THR A 1 178 ? 15.202  1.722   1.872   1.00 31.16  ? 199 THR A CB  1 
ATOM   803  O  OG1 . THR A 1 178 ? 15.385  2.901   2.557   1.00 33.83  ? 199 THR A OG1 1 
ATOM   804  C  CG2 . THR A 1 178 ? 15.902  0.638   2.621   1.00 37.07  ? 199 THR A CG2 1 
ATOM   805  N  N   . ASN A 1 179 ? 14.451  0.220   -0.697  1.00 31.21  ? 200 ASN A N   1 
ATOM   806  C  CA  . ASN A 1 179 ? 14.187  -1.134  -1.230  1.00 25.96  ? 200 ASN A CA  1 
ATOM   807  C  C   . ASN A 1 179 ? 13.086  -0.993  -2.283  1.00 26.00  ? 200 ASN A C   1 
ATOM   808  O  O   . ASN A 1 179 ? 12.165  -0.132  -2.155  1.00 26.29  ? 200 ASN A O   1 
ATOM   809  C  CB  . ASN A 1 179 ? 13.883  -2.055  -0.022  1.00 32.56  ? 200 ASN A CB  1 
ATOM   810  C  CG  . ASN A 1 179 ? 13.537  -3.505  -0.422  1.00 35.39  ? 200 ASN A CG  1 
ATOM   811  O  OD1 . ASN A 1 179 ? 14.104  -4.028  -1.311  1.00 37.21  ? 200 ASN A OD1 1 
ATOM   812  N  ND2 . ASN A 1 179 ? 12.534  -4.077  0.190   1.00 37.99  ? 200 ASN A ND2 1 
ATOM   813  N  N   . ALA A 1 180 ? 13.247  -1.711  -3.386  1.00 24.42  ? 201 ALA A N   1 
ATOM   814  C  CA  . ALA A 1 180 ? 12.232  -1.737  -4.423  1.00 26.07  ? 201 ALA A CA  1 
ATOM   815  C  C   . ALA A 1 180 ? 12.145  -3.074  -5.091  1.00 30.49  ? 201 ALA A C   1 
ATOM   816  O  O   . ALA A 1 180 ? 13.147  -3.576  -5.449  1.00 27.16  ? 201 ALA A O   1 
ATOM   817  C  CB  . ALA A 1 180 ? 12.566  -0.706  -5.460  1.00 26.26  ? 201 ALA A CB  1 
ATOM   818  N  N   . SER A 1 181 ? 10.968  -3.579  -5.382  1.00 26.10  ? 202 SER A N   1 
ATOM   819  C  CA  . SER A 1 181 ? 10.860  -4.743  -6.116  1.00 26.68  ? 202 SER A CA  1 
ATOM   820  C  C   . SER A 1 181 ? 9.613   -4.783  -6.881  1.00 27.72  ? 202 SER A C   1 
ATOM   821  O  O   . SER A 1 181 ? 8.527   -4.468  -6.349  1.00 27.13  ? 202 SER A O   1 
ATOM   822  C  CB  . SER A 1 181 ? 10.867  -5.964  -5.184  1.00 31.92  ? 202 SER A CB  1 
ATOM   823  O  OG  . SER A 1 181 ? 10.569  -7.167  -5.917  1.00 30.08  ? 202 SER A OG  1 
ATOM   824  N  N   . MET A 1 182 ? 9.725   -5.255  -8.120  1.00 26.27  ? 203 MET A N   1 
ATOM   825  C  CA  . MET A 1 182 ? 8.530   -5.587  -8.919  1.00 27.91  ? 203 MET A CA  1 
ATOM   826  C  C   . MET A 1 182 ? 8.240   -7.085  -9.141  1.00 28.75  ? 203 MET A C   1 
ATOM   827  O  O   . MET A 1 182 ? 7.497   -7.442  -10.025 1.00 27.47  ? 203 MET A O   1 
ATOM   828  C  CB  . MET A 1 182 ? 8.515   -4.847  -10.249 1.00 28.59  ? 203 MET A CB  1 
ATOM   829  C  CG  . MET A 1 182 ? 7.811   -3.488  -10.089 1.00 29.61  ? 203 MET A CG  1 
ATOM   830  S  SD  . MET A 1 182 ? 8.147   -2.441  -11.449 1.00 35.47  ? 203 MET A SD  1 
ATOM   831  C  CE  . MET A 1 182 ? 7.485   -0.861  -10.821 1.00 28.52  ? 203 MET A CE  1 
ATOM   832  N  N   . ALA A 1 183 ? 8.702   -7.896  -8.241  1.00 28.86  ? 204 ALA A N   1 
ATOM   833  C  CA  . ALA A 1 183 ? 8.380   -9.316  -8.221  1.00 34.53  ? 204 ALA A CA  1 
ATOM   834  C  C   . ALA A 1 183 ? 6.934   -9.503  -7.869  1.00 36.02  ? 204 ALA A C   1 
ATOM   835  O  O   . ALA A 1 183 ? 6.369   -8.777  -7.056  1.00 37.94  ? 204 ALA A O   1 
ATOM   836  C  CB  . ALA A 1 183 ? 9.204   -10.031 -7.158  1.00 32.01  ? 204 ALA A CB  1 
ATOM   837  N  N   . ASN A 1 184 ? 6.386   -10.591 -8.361  1.00 33.91  ? 205 ASN A N   1 
ATOM   838  C  CA  . ASN A 1 184 ? 5.029   -10.961 -8.041  1.00 33.76  ? 205 ASN A CA  1 
ATOM   839  C  C   . ASN A 1 184 ? 4.815   -11.238 -6.574  1.00 35.31  ? 205 ASN A C   1 
ATOM   840  O  O   . ASN A 1 184 ? 5.693   -11.638 -5.922  1.00 32.39  ? 205 ASN A O   1 
ATOM   841  C  CB  . ASN A 1 184 ? 4.757   -12.250 -8.777  1.00 39.03  ? 205 ASN A CB  1 
ATOM   842  C  CG  . ASN A 1 184 ? 4.435   -12.001 -10.210 1.00 41.13  ? 205 ASN A CG  1 
ATOM   843  O  OD1 . ASN A 1 184 ? 4.355   -10.840 -10.686 1.00 40.80  ? 205 ASN A OD1 1 
ATOM   844  N  ND2 . ASN A 1 184 ? 4.150   -13.067 -10.891 1.00 42.16  ? 205 ASN A ND2 1 
ATOM   845  N  N   . PHE A 1 185 ? 3.597   -11.086 -6.075  1.00 31.91  ? 206 PHE A N   1 
ATOM   846  C  CA  . PHE A 1 185 ? 3.375   -11.236 -4.649  1.00 34.91  ? 206 PHE A CA  1 
ATOM   847  C  C   . PHE A 1 185 ? 2.108   -12.144 -4.545  1.00 31.98  ? 206 PHE A C   1 
ATOM   848  O  O   . PHE A 1 185 ? 1.112   -11.803 -5.161  1.00 32.22  ? 206 PHE A O   1 
ATOM   849  C  CB  . PHE A 1 185 ? 3.074   -9.861  -4.077  1.00 31.70  ? 206 PHE A CB  1 
ATOM   850  C  CG  . PHE A 1 185 ? 2.839   -9.842  -2.638  1.00 33.70  ? 206 PHE A CG  1 
ATOM   851  C  CD1 . PHE A 1 185 ? 3.889   -10.001 -1.767  1.00 37.68  ? 206 PHE A CD1 1 
ATOM   852  C  CD2 . PHE A 1 185 ? 1.572   -9.726  -2.128  1.00 38.07  ? 206 PHE A CD2 1 
ATOM   853  C  CE1 . PHE A 1 185 ? 3.678   -10.031 -0.388  1.00 39.20  ? 206 PHE A CE1 1 
ATOM   854  C  CE2 . PHE A 1 185 ? 1.363   -9.773  -0.747  1.00 38.21  ? 206 PHE A CE2 1 
ATOM   855  C  CZ  . PHE A 1 185 ? 2.415   -9.912  0.122   1.00 34.36  ? 206 PHE A CZ  1 
ATOM   856  N  N   . ASP A 1 186 ? 2.184   -13.271 -3.840  1.00 38.16  ? 207 ASP A N   1 
ATOM   857  C  CA  . ASP A 1 186 ? 1.002   -14.211 -3.728  1.00 36.85  ? 207 ASP A CA  1 
ATOM   858  C  C   . ASP A 1 186 ? 0.487   -14.493 -5.127  1.00 35.37  ? 207 ASP A C   1 
ATOM   859  O  O   . ASP A 1 186 ? -0.687  -14.428 -5.406  1.00 36.60  ? 207 ASP A O   1 
ATOM   860  C  CB  . ASP A 1 186 ? -0.097  -13.564 -2.845  1.00 38.64  ? 207 ASP A CB  1 
ATOM   861  C  CG  . ASP A 1 186 ? 0.373   -13.370 -1.383  1.00 43.84  ? 207 ASP A CG  1 
ATOM   862  O  OD1 . ASP A 1 186 ? 1.420   -13.928 -1.019  1.00 46.43  ? 207 ASP A OD1 1 
ATOM   863  O  OD2 . ASP A 1 186 ? -0.219  -12.624 -0.590  1.00 39.94  ? 207 ASP A OD2 1 
ATOM   864  N  N   . GLY A 1 187 ? 1.391   -14.662 -6.060  1.00 38.69  ? 208 GLY A N   1 
ATOM   865  C  CA  . GLY A 1 187 ? 0.964   -14.970 -7.426  1.00 39.03  ? 208 GLY A CA  1 
ATOM   866  C  C   . GLY A 1 187 ? 0.468   -13.839 -8.247  1.00 42.12  ? 208 GLY A C   1 
ATOM   867  O  O   . GLY A 1 187 ? 0.102   -14.078 -9.355  1.00 41.00  ? 208 GLY A O   1 
ATOM   868  N  N   . PHE A 1 188 ? 0.475   -12.595 -7.778  1.00 39.60  ? 209 PHE A N   1 
ATOM   869  C  CA  . PHE A 1 188 ? -0.118  -11.536 -8.572  1.00 33.45  ? 209 PHE A CA  1 
ATOM   870  C  C   . PHE A 1 188 ? 0.973   -10.518 -8.904  1.00 36.27  ? 209 PHE A C   1 
ATOM   871  O  O   . PHE A 1 188 ? 1.960   -10.412 -8.180  1.00 34.20  ? 209 PHE A O   1 
ATOM   872  C  CB  . PHE A 1 188 ? -1.212  -10.790 -7.776  1.00 40.17  ? 209 PHE A CB  1 
ATOM   873  C  CG  . PHE A 1 188 ? -2.350  -11.690 -7.284  1.00 41.71  ? 209 PHE A CG  1 
ATOM   874  C  CD1 . PHE A 1 188 ? -3.153  -12.379 -8.199  1.00 41.38  ? 209 PHE A CD1 1 
ATOM   875  C  CD2 . PHE A 1 188 ? -2.610  -11.848 -5.924  1.00 41.21  ? 209 PHE A CD2 1 
ATOM   876  C  CE1 . PHE A 1 188 ? -4.183  -13.231 -7.763  1.00 41.76  ? 209 PHE A CE1 1 
ATOM   877  C  CE2 . PHE A 1 188 ? -3.634  -12.689 -5.479  1.00 42.55  ? 209 PHE A CE2 1 
ATOM   878  C  CZ  . PHE A 1 188 ? -4.429  -13.374 -6.403  1.00 39.95  ? 209 PHE A CZ  1 
ATOM   879  N  N   . PRO A 1 189 ? 0.764   -9.750  -9.981  1.00 36.31  ? 210 PRO A N   1 
ATOM   880  C  CA  . PRO A 1 189 ? 1.563   -8.610  -10.243 1.00 38.79  ? 210 PRO A CA  1 
ATOM   881  C  C   . PRO A 1 189 ? 1.529   -7.641  -9.067  1.00 34.93  ? 210 PRO A C   1 
ATOM   882  O  O   . PRO A 1 189 ? 0.445   -7.213  -8.583  1.00 26.56  ? 210 PRO A O   1 
ATOM   883  C  CB  . PRO A 1 189 ? 0.898   -7.939  -11.460 1.00 36.24  ? 210 PRO A CB  1 
ATOM   884  C  CG  . PRO A 1 189 ? 0.120   -9.025  -12.065 1.00 40.93  ? 210 PRO A CG  1 
ATOM   885  C  CD  . PRO A 1 189 ? -0.291  -9.933  -10.987 1.00 36.34  ? 210 PRO A CD  1 
ATOM   886  N  N   . SER A 1 190 ? 2.740   -7.217  -8.740  1.00 28.26  ? 211 SER A N   1 
ATOM   887  C  CA  . SER A 1 190 ? 2.942   -6.386  -7.598  1.00 27.62  ? 211 SER A CA  1 
ATOM   888  C  C   . SER A 1 190 ? 4.216   -5.517  -7.674  1.00 25.37  ? 211 SER A C   1 
ATOM   889  O  O   . SER A 1 190 ? 5.283   -5.920  -8.264  1.00 30.47  ? 211 SER A O   1 
ATOM   890  C  CB  . SER A 1 190 ? 3.012   -7.297  -6.391  1.00 25.56  ? 211 SER A CB  1 
ATOM   891  O  OG  . SER A 1 190 ? 2.978   -6.489  -5.240  1.00 26.68  ? 211 SER A OG  1 
ATOM   892  N  N   . SER A 1 191 ? 4.130   -4.372  -7.021  1.00 25.60  ? 212 SER A N   1 
ATOM   893  C  CA  . SER A 1 191 ? 5.278   -3.520  -6.722  1.00 25.62  ? 212 SER A CA  1 
ATOM   894  C  C   . SER A 1 191 ? 5.357   -3.175  -5.262  1.00 28.25  ? 212 SER A C   1 
ATOM   895  O  O   . SER A 1 191 ? 4.323   -3.048  -4.577  1.00 30.82  ? 212 SER A O   1 
ATOM   896  C  CB  . SER A 1 191 ? 5.097   -2.231  -7.486  1.00 24.13  ? 212 SER A CB  1 
ATOM   897  O  OG  . SER A 1 191 ? 4.045   -1.408  -7.002  1.00 27.21  ? 212 SER A OG  1 
ATOM   898  N  N   . ILE A 1 192 ? 6.558   -3.102  -4.765  1.00 25.25  ? 213 ILE A N   1 
ATOM   899  C  CA  . ILE A 1 192 ? 6.843   -2.594  -3.419  1.00 22.44  ? 213 ILE A CA  1 
ATOM   900  C  C   . ILE A 1 192 ? 8.043   -1.679  -3.506  1.00 26.54  ? 213 ILE A C   1 
ATOM   901  O  O   . ILE A 1 192 ? 9.044   -2.005  -4.175  1.00 26.64  ? 213 ILE A O   1 
ATOM   902  C  CB  . ILE A 1 192 ? 7.087   -3.704  -2.417  1.00 24.06  ? 213 ILE A CB  1 
ATOM   903  C  CG1 . ILE A 1 192 ? 7.320   -3.141  -1.033  1.00 27.78  ? 213 ILE A CG1 1 
ATOM   904  C  CG2 . ILE A 1 192 ? 8.225   -4.644  -2.719  1.00 23.12  ? 213 ILE A CG2 1 
ATOM   905  C  CD1 . ILE A 1 192 ? 6.979   -4.107  0.028   1.00 31.53  ? 213 ILE A CD1 1 
ATOM   906  N  N   . ILE A 1 193 ? 7.917   -0.544  -2.865  1.00 26.14  ? 214 ILE A N   1 
ATOM   907  C  CA  . ILE A 1 193 ? 8.948   0.380   -2.685  1.00 25.56  ? 214 ILE A CA  1 
ATOM   908  C  C   . ILE A 1 193 ? 8.971   0.887   -1.259  1.00 23.79  ? 214 ILE A C   1 
ATOM   909  O  O   . ILE A 1 193 ? 7.888   1.108   -0.647  1.00 24.53  ? 214 ILE A O   1 
ATOM   910  C  CB  . ILE A 1 193 ? 8.889   1.509   -3.709  1.00 25.08  ? 214 ILE A CB  1 
ATOM   911  C  CG1 . ILE A 1 193 ? 10.242  2.272   -3.689  1.00 24.50  ? 214 ILE A CG1 1 
ATOM   912  C  CG2 . ILE A 1 193 ? 7.720   2.473   -3.528  1.00 29.06  ? 214 ILE A CG2 1 
ATOM   913  C  CD1 . ILE A 1 193 ? 10.454  3.278   -4.867  1.00 26.72  ? 214 ILE A CD1 1 
ATOM   914  N  N   . GLU A 1 194 ? 10.178  1.018   -0.662  1.00 22.31  ? 215 GLU A N   1 
ATOM   915  C  CA  . GLU A 1 194 ? 10.333  1.438   0.722   1.00 23.29  ? 215 GLU A CA  1 
ATOM   916  C  C   . GLU A 1 194 ? 11.332  2.566   0.727   1.00 26.04  ? 215 GLU A C   1 
ATOM   917  O  O   . GLU A 1 194 ? 12.240  2.558   -0.077  1.00 26.86  ? 215 GLU A O   1 
ATOM   918  C  CB  . GLU A 1 194 ? 10.861  0.342   1.613   1.00 27.48  ? 215 GLU A CB  1 
ATOM   919  C  CG  . GLU A 1 194 ? 10.136  -0.977  1.445   1.00 35.71  ? 215 GLU A CG  1 
ATOM   920  C  CD  . GLU A 1 194 ? 10.501  -2.041  2.495   1.00 41.94  ? 215 GLU A CD  1 
ATOM   921  O  OE1 . GLU A 1 194 ? 11.665  -2.519  2.604   1.00 37.41  ? 215 GLU A OE1 1 
ATOM   922  O  OE2 . GLU A 1 194 ? 9.547   -2.521  3.151   1.00 55.99  ? 215 GLU A OE2 1 
ATOM   923  N  N   . GLY A 1 195 ? 11.256  3.448   1.695   1.00 25.24  ? 216 GLY A N   1 
ATOM   924  C  CA  . GLY A 1 195 ? 12.137  4.648   1.668   1.00 26.65  ? 216 GLY A CA  1 
ATOM   925  C  C   . GLY A 1 195 ? 11.626  5.709   2.598   1.00 32.12  ? 216 GLY A C   1 
ATOM   926  O  O   . GLY A 1 195 ? 10.636  5.498   3.337   1.00 26.02  ? 216 GLY A O   1 
ATOM   927  N  N   . THR A 1 196 ? 12.287  6.860   2.536   1.00 29.26  ? 217 THR A N   1 
ATOM   928  C  CA  . THR A 1 196 ? 12.040  8.008   3.440   1.00 27.90  ? 217 THR A CA  1 
ATOM   929  C  C   . THR A 1 196 ? 11.635  9.162   2.648   1.00 27.29  ? 217 THR A C   1 
ATOM   930  O  O   . THR A 1 196 ? 11.904  9.206   1.502   1.00 27.56  ? 217 THR A O   1 
ATOM   931  C  CB  . THR A 1 196 ? 13.299  8.425   4.246   1.00 28.87  ? 217 THR A CB  1 
ATOM   932  O  OG1 . THR A 1 196 ? 14.345  8.672   3.328   1.00 34.24  ? 217 THR A OG1 1 
ATOM   933  C  CG2 . THR A 1 196 ? 13.747  7.348   5.180   1.00 29.47  ? 217 THR A CG2 1 
ATOM   934  N  N   . TYR A 1 197 ? 10.822  10.030  3.261   1.00 33.54  ? 218 TYR A N   1 
ATOM   935  C  CA  . TYR A 1 197 ? 10.376  11.219  2.674   1.00 28.48  ? 218 TYR A CA  1 
ATOM   936  C  C   . TYR A 1 197 ? 9.982   12.224  3.781   1.00 31.72  ? 218 TYR A C   1 
ATOM   937  O  O   . TYR A 1 197 ? 9.908   11.911  4.951   1.00 34.27  ? 218 TYR A O   1 
ATOM   938  C  CB  . TYR A 1 197 ? 9.198   10.996  1.766   1.00 29.87  ? 218 TYR A CB  1 
ATOM   939  C  CG  . TYR A 1 197 ? 7.828   10.599  2.451   1.00 27.29  ? 218 TYR A CG  1 
ATOM   940  C  CD1 . TYR A 1 197 ? 6.778   11.525  2.593   1.00 29.73  ? 218 TYR A CD1 1 
ATOM   941  C  CD2 . TYR A 1 197 ? 7.586   9.307   2.835   1.00 30.63  ? 218 TYR A CD2 1 
ATOM   942  C  CE1 . TYR A 1 197 ? 5.525   11.165  3.158   1.00 31.06  ? 218 TYR A CE1 1 
ATOM   943  C  CE2 . TYR A 1 197 ? 6.324   8.919   3.425   1.00 32.45  ? 218 TYR A CE2 1 
ATOM   944  C  CZ  . TYR A 1 197 ? 5.338   9.871   3.587   1.00 31.50  ? 218 TYR A CZ  1 
ATOM   945  O  OH  . TYR A 1 197 ? 4.173   9.498   4.128   1.00 40.98  ? 218 TYR A OH  1 
ATOM   946  N  N   . ARG A 1 198 ? 9.724   13.442  3.374   1.00 35.41  ? 219 ARG A N   1 
ATOM   947  C  CA  . ARG A 1 198 ? 9.437   14.525  4.313   1.00 41.66  ? 219 ARG A CA  1 
ATOM   948  C  C   . ARG A 1 198 ? 8.029   14.909  4.220   1.00 37.71  ? 219 ARG A C   1 
ATOM   949  O  O   . ARG A 1 198 ? 7.469   14.991  3.155   1.00 38.97  ? 219 ARG A O   1 
ATOM   950  C  CB  . ARG A 1 198 ? 10.269  15.757  4.002   1.00 44.68  ? 219 ARG A CB  1 
ATOM   951  C  CG  . ARG A 1 198 ? 11.767  15.508  3.993   1.00 50.23  ? 219 ARG A CG  1 
ATOM   952  C  CD  . ARG A 1 198 ? 12.454  15.569  5.363   1.00 57.52  ? 219 ARG A CD  1 
ATOM   953  N  NE  . ARG A 1 198 ? 12.075  16.806  6.080   1.00 61.28  ? 219 ARG A NE  1 
ATOM   954  C  CZ  . ARG A 1 198 ? 12.308  17.055  7.371   1.00 64.60  ? 219 ARG A CZ  1 
ATOM   955  N  NH1 . ARG A 1 198 ? 11.880  18.178  7.907   1.00 67.60  ? 219 ARG A NH1 1 
ATOM   956  N  NH2 . ARG A 1 198 ? 12.936  16.187  8.143   1.00 62.77  ? 219 ARG A NH2 1 
ATOM   957  N  N   . GLU A 1 199 ? 7.448   15.132  5.359   1.00 41.98  ? 220 GLU A N   1 
ATOM   958  C  CA  . GLU A 1 199 ? 6.105   15.595  5.425   1.00 42.84  ? 220 GLU A CA  1 
ATOM   959  C  C   . GLU A 1 199 ? 5.987   16.344  6.754   1.00 50.56  ? 220 GLU A C   1 
ATOM   960  O  O   . GLU A 1 199 ? 6.417   15.810  7.777   1.00 45.90  ? 220 GLU A O   1 
ATOM   961  C  CB  . GLU A 1 199 ? 5.195   14.382  5.486   1.00 46.02  ? 220 GLU A CB  1 
ATOM   962  C  CG  . GLU A 1 199 ? 3.704   14.664  5.581   1.00 50.00  ? 220 GLU A CG  1 
ATOM   963  C  CD  . GLU A 1 199 ? 2.866   13.372  5.615   1.00 59.26  ? 220 GLU A CD  1 
ATOM   964  O  OE1 . GLU A 1 199 ? 2.643   12.747  4.547   1.00 64.55  ? 220 GLU A OE1 1 
ATOM   965  O  OE2 . GLU A 1 199 ? 2.441   12.943  6.722   1.00 61.82  ? 220 GLU A OE2 1 
ATOM   966  N  N   . ASN A 1 200 ? 5.401   17.557  6.739   1.00 60.09  ? 221 ASN A N   1 
ATOM   967  C  CA  . ASN A 1 200 ? 5.262   18.402  7.949   1.00 53.33  ? 221 ASN A CA  1 
ATOM   968  C  C   . ASN A 1 200 ? 6.534   18.592  8.706   1.00 52.72  ? 221 ASN A C   1 
ATOM   969  O  O   . ASN A 1 200 ? 6.536   18.469  9.892   1.00 57.29  ? 221 ASN A O   1 
ATOM   970  C  CB  . ASN A 1 200 ? 4.295   17.773  8.932   1.00 53.65  ? 221 ASN A CB  1 
ATOM   971  C  CG  . ASN A 1 200 ? 2.919   17.701  8.373   1.00 56.44  ? 221 ASN A CG  1 
ATOM   972  O  OD1 . ASN A 1 200 ? 2.393   18.679  7.844   1.00 66.28  ? 221 ASN A OD1 1 
ATOM   973  N  ND2 . ASN A 1 200 ? 2.323   16.553  8.465   1.00 65.26  ? 221 ASN A ND2 1 
ATOM   974  N  N   . ASP A 1 201 ? 7.645   18.805  8.038   1.00 56.40  ? 222 ASP A N   1 
ATOM   975  C  CA  . ASP A 1 201 ? 8.895   18.962  8.770   1.00 62.67  ? 222 ASP A CA  1 
ATOM   976  C  C   . ASP A 1 201 ? 9.413   17.760  9.533   1.00 58.27  ? 222 ASP A C   1 
ATOM   977  O  O   . ASP A 1 201 ? 10.241  17.868  10.418  1.00 61.18  ? 222 ASP A O   1 
ATOM   978  C  CB  . ASP A 1 201 ? 8.780   20.190  9.646   1.00 69.83  ? 222 ASP A CB  1 
ATOM   979  C  CG  . ASP A 1 201 ? 8.426   21.398  8.806   1.00 83.80  ? 222 ASP A CG  1 
ATOM   980  O  OD1 . ASP A 1 201 ? 7.216   21.721  8.635   1.00 82.83  ? 222 ASP A OD1 1 
ATOM   981  O  OD2 . ASP A 1 201 ? 9.377   21.936  8.203   1.00 93.04  ? 222 ASP A OD2 1 
ATOM   982  N  N   . MET A 1 202 ? 8.999   16.592  9.097   1.00 54.78  ? 223 MET A N   1 
ATOM   983  C  CA  . MET A 1 202 ? 9.361   15.380  9.757   1.00 46.59  ? 223 MET A CA  1 
ATOM   984  C  C   . MET A 1 202 ? 9.746   14.424  8.612   1.00 43.82  ? 223 MET A C   1 
ATOM   985  O  O   . MET A 1 202 ? 9.127   14.448  7.530   1.00 40.53  ? 223 MET A O   1 
ATOM   986  C  CB  . MET A 1 202 ? 8.107   14.937  10.449  1.00 52.73  ? 223 MET A CB  1 
ATOM   987  C  CG  . MET A 1 202 ? 8.190   13.803  11.432  1.00 65.03  ? 223 MET A CG  1 
ATOM   988  S  SD  . MET A 1 202 ? 6.732   14.000  12.504  1.00 75.20  ? 223 MET A SD  1 
ATOM   989  C  CE  . MET A 1 202 ? 5.343   14.327  11.355  1.00 79.69  ? 223 MET A CE  1 
ATOM   990  N  N   . THR A 1 203 ? 10.768  13.615  8.870   1.00 36.04  ? 224 THR A N   1 
ATOM   991  C  CA  . THR A 1 203 ? 11.141  12.474  8.050   1.00 38.97  ? 224 THR A CA  1 
ATOM   992  C  C   . THR A 1 203 ? 10.412  11.182  8.454   1.00 33.66  ? 224 THR A C   1 
ATOM   993  O  O   . THR A 1 203 ? 10.490  10.763  9.622   1.00 31.70  ? 224 THR A O   1 
ATOM   994  C  CB  . THR A 1 203 ? 12.607  12.214  8.166   1.00 37.48  ? 224 THR A CB  1 
ATOM   995  O  OG1 . THR A 1 203 ? 13.253  13.369  7.713   1.00 41.39  ? 224 THR A OG1 1 
ATOM   996  C  CG2 . THR A 1 203 ? 13.011  11.109  7.185   1.00 42.25  ? 224 THR A CG2 1 
ATOM   997  N  N   . LEU A 1 204 ? 9.655   10.637  7.490   1.00 33.43  ? 225 LEU A N   1 
ATOM   998  C  CA  . LEU A 1 204 ? 8.888   9.364   7.670   1.00 32.55  ? 225 LEU A CA  1 
ATOM   999  C  C   . LEU A 1 204 ? 9.617   8.281   6.914   1.00 30.24  ? 225 LEU A C   1 
ATOM   1000 O  O   . LEU A 1 204 ? 10.323  8.567   5.931   1.00 31.41  ? 225 LEU A O   1 
ATOM   1001 C  CB  . LEU A 1 204 ? 7.451   9.526   7.187   1.00 33.17  ? 225 LEU A CB  1 
ATOM   1002 C  CG  . LEU A 1 204 ? 6.735   10.697  7.833   1.00 35.22  ? 225 LEU A CG  1 
ATOM   1003 C  CD1 . LEU A 1 204 ? 5.365   10.899  7.241   1.00 37.09  ? 225 LEU A CD1 1 
ATOM   1004 C  CD2 . LEU A 1 204 ? 6.699   10.522  9.362   1.00 32.35  ? 225 LEU A CD2 1 
ATOM   1005 N  N   . ASN A 1 205 ? 9.541   7.083   7.472   1.00 29.39  ? 226 ASN A N   1 
ATOM   1006 C  CA  . ASN A 1 205 ? 9.937   5.883   6.806   1.00 28.07  ? 226 ASN A CA  1 
ATOM   1007 C  C   . ASN A 1 205 ? 8.724   5.086   6.410   1.00 30.99  ? 226 ASN A C   1 
ATOM   1008 O  O   . ASN A 1 205 ? 7.829   4.821   7.242   1.00 24.98  ? 226 ASN A O   1 
ATOM   1009 C  CB  . ASN A 1 205 ? 10.768  5.015   7.736   1.00 31.16  ? 226 ASN A CB  1 
ATOM   1010 C  CG  . ASN A 1 205 ? 11.564  3.954   6.966   1.00 32.18  ? 226 ASN A CG  1 
ATOM   1011 O  OD1 . ASN A 1 205 ? 12.162  4.252   5.943   1.00 31.23  ? 226 ASN A OD1 1 
ATOM   1012 N  ND2 . ASN A 1 205 ? 11.609  2.771   7.471   1.00 34.25  ? 226 ASN A ND2 1 
ATOM   1013 N  N   . THR A 1 206 ? 8.659   4.676   5.143   1.00 31.04  ? 227 THR A N   1 
ATOM   1014 C  CA  . THR A 1 206 ? 7.452   4.016   4.687   1.00 33.13  ? 227 THR A CA  1 
ATOM   1015 C  C   . THR A 1 206 ? 7.689   2.844   3.771   1.00 31.67  ? 227 THR A C   1 
ATOM   1016 O  O   . THR A 1 206 ? 8.738   2.726   3.088   1.00 30.57  ? 227 THR A O   1 
ATOM   1017 C  CB  . THR A 1 206 ? 6.488   5.020   3.978   1.00 32.41  ? 227 THR A CB  1 
ATOM   1018 O  OG1 . THR A 1 206 ? 5.200   4.448   3.815   1.00 28.72  ? 227 THR A OG1 1 
ATOM   1019 C  CG2 . THR A 1 206 ? 7.023   5.393   2.644   1.00 30.78  ? 227 THR A CG2 1 
ATOM   1020 N  N   . SER A 1 207 ? 6.719   1.960   3.756   1.00 27.71  ? 228 SER A N   1 
ATOM   1021 C  CA  . SER A 1 207 ? 6.762   0.807   2.867   1.00 27.22  ? 228 SER A CA  1 
ATOM   1022 C  C   . SER A 1 207 ? 5.428   0.744   2.074   1.00 27.45  ? 228 SER A C   1 
ATOM   1023 O  O   . SER A 1 207 ? 4.372   0.677   2.658   1.00 30.13  ? 228 SER A O   1 
ATOM   1024 C  CB  . SER A 1 207 ? 7.017   -0.421  3.698   1.00 33.01  ? 228 SER A CB  1 
ATOM   1025 O  OG  . SER A 1 207 ? 6.903   -1.628  2.855   1.00 33.74  ? 228 SER A OG  1 
ATOM   1026 N  N   . ARG A 1 208 ? 5.476   0.764   0.745   1.00 24.61  ? 229 ARG A N   1 
ATOM   1027 C  CA  . ARG A 1 208 ? 4.333   0.916   -0.093  1.00 25.52  ? 229 ARG A CA  1 
ATOM   1028 C  C   . ARG A 1 208 ? 4.214   -0.166  -1.125  1.00 25.97  ? 229 ARG A C   1 
ATOM   1029 O  O   . ARG A 1 208 ? 5.040   -0.248  -2.027  1.00 28.08  ? 229 ARG A O   1 
ATOM   1030 C  CB  . ARG A 1 208 ? 4.327   2.317   -0.751  1.00 31.01  ? 229 ARG A CB  1 
ATOM   1031 C  CG  . ARG A 1 208 ? 3.982   3.402   0.267   1.00 42.90  ? 229 ARG A CG  1 
ATOM   1032 C  CD  . ARG A 1 208 ? 4.578   4.846   0.099   1.00 47.03  ? 229 ARG A CD  1 
ATOM   1033 N  NE  . ARG A 1 208 ? 3.947   5.629   -0.961  1.00 44.91  ? 229 ARG A NE  1 
ATOM   1034 C  CZ  . ARG A 1 208 ? 2.908   6.461   -0.811  1.00 57.12  ? 229 ARG A CZ  1 
ATOM   1035 N  NH1 . ARG A 1 208 ? 2.418   6.696   0.414   1.00 58.10  ? 229 ARG A NH1 1 
ATOM   1036 N  NH2 . ARG A 1 208 ? 2.365   7.090   -1.894  1.00 47.20  ? 229 ARG A NH2 1 
ATOM   1037 N  N   . ARG A 1 209 ? 3.183   -1.006  -0.992  1.00 27.57  ? 230 ARG A N   1 
ATOM   1038 C  CA  . ARG A 1 209 ? 2.955   -2.133  -1.918  1.00 25.48  ? 230 ARG A CA  1 
ATOM   1039 C  C   . ARG A 1 209 ? 1.651   -1.957  -2.643  1.00 27.02  ? 230 ARG A C   1 
ATOM   1040 O  O   . ARG A 1 209 ? 0.597   -1.564  -2.038  1.00 27.53  ? 230 ARG A O   1 
ATOM   1041 C  CB  . ARG A 1 209 ? 2.923   -3.456  -1.173  1.00 25.49  ? 230 ARG A CB  1 
ATOM   1042 C  CG  . ARG A 1 209 ? 2.788   -4.658  -2.101  1.00 27.52  ? 230 ARG A CG  1 
ATOM   1043 C  CD  . ARG A 1 209 ? 2.879   -5.972  -1.386  1.00 27.89  ? 230 ARG A CD  1 
ATOM   1044 N  NE  . ARG A 1 209 ? 4.236   -6.422  -1.059  1.00 29.33  ? 230 ARG A NE  1 
ATOM   1045 C  CZ  . ARG A 1 209 ? 5.171   -6.797  -1.950  1.00 26.84  ? 230 ARG A CZ  1 
ATOM   1046 N  NH1 . ARG A 1 209 ? 5.043   -6.752  -3.289  1.00 27.45  ? 230 ARG A NH1 1 
ATOM   1047 N  NH2 . ARG A 1 209 ? 6.243   -7.220  -1.441  1.00 25.86  ? 230 ARG A NH2 1 
ATOM   1048 N  N   . HIS A 1 210 ? 1.697   -2.167  -3.964  1.00 27.68  ? 231 HIS A N   1 
ATOM   1049 C  CA  . HIS A 1 210 ? 0.526   -2.334  -4.789  1.00 25.86  ? 231 HIS A CA  1 
ATOM   1050 C  C   . HIS A 1 210 ? 0.402   -3.772  -5.303  1.00 26.11  ? 231 HIS A C   1 
ATOM   1051 O  O   . HIS A 1 210 ? 1.413   -4.394  -5.766  1.00 29.91  ? 231 HIS A O   1 
ATOM   1052 C  CB  . HIS A 1 210 ? 0.564   -1.436  -5.985  1.00 29.50  ? 231 HIS A CB  1 
ATOM   1053 C  CG  . HIS A 1 210 ? 0.602   -0.001  -5.676  1.00 29.76  ? 231 HIS A CG  1 
ATOM   1054 N  ND1 . HIS A 1 210 ? -0.433  0.646   -5.062  1.00 30.86  ? 231 HIS A ND1 1 
ATOM   1055 C  CD2 . HIS A 1 210 ? 1.536   0.940   -5.937  1.00 28.51  ? 231 HIS A CD2 1 
ATOM   1056 C  CE1 . HIS A 1 210 ? -0.187  1.922   -4.994  1.00 27.88  ? 231 HIS A CE1 1 
ATOM   1057 N  NE2 . HIS A 1 210 ? 1.004   2.138   -5.540  1.00 32.49  ? 231 HIS A NE2 1 
ATOM   1058 N  N   . VAL A 1 211 ? -0.789  -4.359  -5.181  1.00 27.84  ? 232 VAL A N   1 
ATOM   1059 C  CA  . VAL A 1 211 ? -1.054  -5.710  -5.720  1.00 24.79  ? 232 VAL A CA  1 
ATOM   1060 C  C   . VAL A 1 211 ? -2.278  -5.595  -6.649  1.00 29.71  ? 232 VAL A C   1 
ATOM   1061 O  O   . VAL A 1 211 ? -3.310  -4.995  -6.311  1.00 27.35  ? 232 VAL A O   1 
ATOM   1062 C  CB  . VAL A 1 211 ? -1.333  -6.712  -4.613  1.00 30.41  ? 232 VAL A CB  1 
ATOM   1063 C  CG1 . VAL A 1 211 ? -1.534  -8.118  -5.186  1.00 32.98  ? 232 VAL A CG1 1 
ATOM   1064 C  CG2 . VAL A 1 211 ? -0.238  -6.757  -3.603  1.00 31.72  ? 232 VAL A CG2 1 
ATOM   1065 N  N   . ILE A 1 212 ? -2.136  -6.079  -7.866  1.00 32.64  ? 233 ILE A N   1 
ATOM   1066 C  CA  . ILE A 1 212 ? -3.270  -6.137  -8.787  1.00 31.79  ? 233 ILE A CA  1 
ATOM   1067 C  C   . ILE A 1 212 ? -3.732  -7.595  -8.784  1.00 33.52  ? 233 ILE A C   1 
ATOM   1068 O  O   . ILE A 1 212 ? -3.125  -8.511  -9.315  1.00 32.81  ? 233 ILE A O   1 
ATOM   1069 C  CB  . ILE A 1 212 ? -2.950  -5.661  -10.159 1.00 37.43  ? 233 ILE A CB  1 
ATOM   1070 C  CG1 . ILE A 1 212 ? -2.581  -4.176  -10.075 1.00 34.86  ? 233 ILE A CG1 1 
ATOM   1071 C  CG2 . ILE A 1 212 ? -4.195  -5.790  -11.078 1.00 38.37  ? 233 ILE A CG2 1 
ATOM   1072 C  CD1 . ILE A 1 212 ? -2.358  -3.565  -11.418 1.00 40.49  ? 233 ILE A CD1 1 
ATOM   1073 N  N   . ALA A 1 213 ? -4.729  -7.812  -7.974  1.00 32.97  ? 234 ALA A N   1 
ATOM   1074 C  CA  . ALA A 1 213 ? -5.218  -9.148  -7.756  1.00 34.62  ? 234 ALA A CA  1 
ATOM   1075 C  C   . ALA A 1 213 ? -6.439  -9.452  -8.650  1.00 37.28  ? 234 ALA A C   1 
ATOM   1076 O  O   . ALA A 1 213 ? -7.275  -8.591  -8.916  1.00 39.03  ? 234 ALA A O   1 
ATOM   1077 C  CB  . ALA A 1 213 ? -5.629  -9.247  -6.318  1.00 35.89  ? 234 ALA A CB  1 
ATOM   1078 N  N   . THR A 1 214 ? -6.561  -10.713 -8.980  1.00 44.98  ? 235 THR A N   1 
ATOM   1079 C  CA  . THR A 1 214 ? -7.693  -11.236 -9.727  1.00 50.15  ? 235 THR A CA  1 
ATOM   1080 C  C   . THR A 1 214 ? -8.491  -12.222 -8.876  1.00 41.17  ? 235 THR A C   1 
ATOM   1081 O  O   . THR A 1 214 ? -7.909  -13.125 -8.331  1.00 41.30  ? 235 THR A O   1 
ATOM   1082 C  CB  . THR A 1 214 ? -7.182  -11.910 -10.994 1.00 44.55  ? 235 THR A CB  1 
ATOM   1083 O  OG1 . THR A 1 214 ? -6.797  -10.883 -11.880 1.00 49.76  ? 235 THR A OG1 1 
ATOM   1084 C  CG2 . THR A 1 214 ? -8.309  -12.721 -11.716 1.00 56.32  ? 235 THR A CG2 1 
ATOM   1085 N  N   . SER A 1 215 ? -9.799  -11.974 -8.766  1.00 48.18  ? 236 SER A N   1 
ATOM   1086 C  CA  . SER A 1 215 ? -10.760 -12.921 -8.144  1.00 50.70  ? 236 SER A CA  1 
ATOM   1087 C  C   . SER A 1 215 ? -11.774 -13.271 -9.186  1.00 44.90  ? 236 SER A C   1 
ATOM   1088 O  O   . SER A 1 215 ? -12.599 -12.413 -9.573  1.00 36.82  ? 236 SER A O   1 
ATOM   1089 C  CB  . SER A 1 215 ? -11.538 -12.310 -6.987  1.00 49.69  ? 236 SER A CB  1 
ATOM   1090 O  OG  . SER A 1 215 ? -11.830 -13.373 -6.103  1.00 49.90  ? 236 SER A OG  1 
ATOM   1091 N  N   . GLY A 1 216 ? -11.677 -14.504 -9.651  1.00 48.54  ? 237 GLY A N   1 
ATOM   1092 C  CA  . GLY A 1 216 ? -12.590 -15.029 -10.621 1.00 49.17  ? 237 GLY A CA  1 
ATOM   1093 C  C   . GLY A 1 216 ? -12.487 -14.176 -11.835 1.00 56.17  ? 237 GLY A C   1 
ATOM   1094 O  O   . GLY A 1 216 ? -11.480 -14.138 -12.499 1.00 59.58  ? 237 GLY A O   1 
ATOM   1095 N  N   . ALA A 1 217 ? -13.538 -13.435 -12.073 1.00 53.53  ? 238 ALA A N   1 
ATOM   1096 C  CA  . ALA A 1 217 ? -13.569 -12.540 -13.155 1.00 55.34  ? 238 ALA A CA  1 
ATOM   1097 C  C   . ALA A 1 217 ? -13.331 -11.099 -12.760 1.00 52.48  ? 238 ALA A C   1 
ATOM   1098 O  O   . ALA A 1 217 ? -13.500 -10.281 -13.591 1.00 54.61  ? 238 ALA A O   1 
ATOM   1099 C  CB  . ALA A 1 217 ? -14.947 -12.612 -13.810 1.00 59.34  ? 238 ALA A CB  1 
ATOM   1100 N  N   . ASP A 1 218 ? -13.063 -10.729 -11.523 1.00 54.05  ? 239 ASP A N   1 
ATOM   1101 C  CA  . ASP A 1 218 ? -12.783 -9.310  -11.283 1.00 53.00  ? 239 ASP A CA  1 
ATOM   1102 C  C   . ASP A 1 218 ? -11.313 -9.093  -10.970 1.00 42.55  ? 239 ASP A C   1 
ATOM   1103 O  O   . ASP A 1 218 ? -10.610 -10.002 -10.520 1.00 42.80  ? 239 ASP A O   1 
ATOM   1104 C  CB  . ASP A 1 218 ? -13.624 -8.739  -10.146 1.00 61.69  ? 239 ASP A CB  1 
ATOM   1105 C  CG  . ASP A 1 218 ? -15.054 -8.613  -10.516 1.00 70.10  ? 239 ASP A CG  1 
ATOM   1106 O  OD1 . ASP A 1 218 ? -15.627 -9.690  -10.706 1.00 75.93  ? 239 ASP A OD1 1 
ATOM   1107 O  OD2 . ASP A 1 218 ? -15.593 -7.481  -10.631 1.00 71.03  ? 239 ASP A OD2 1 
ATOM   1108 N  N   . LYS A 1 219 ? -10.949 -7.828  -11.067 1.00 43.50  ? 240 LYS A N   1 
ATOM   1109 C  CA  . LYS A 1 219 ? -9.638  -7.317  -10.736 1.00 41.81  ? 240 LYS A CA  1 
ATOM   1110 C  C   . LYS A 1 219 ? -9.752  -6.239  -9.686  1.00 32.92  ? 240 LYS A C   1 
ATOM   1111 O  O   . LYS A 1 219 ? -10.659 -5.430  -9.719  1.00 36.48  ? 240 LYS A O   1 
ATOM   1112 C  CB  . LYS A 1 219 ? -9.029  -6.664  -11.939 1.00 45.69  ? 240 LYS A CB  1 
ATOM   1113 C  CG  . LYS A 1 219 ? -8.868  -7.593  -13.083 1.00 52.16  ? 240 LYS A CG  1 
ATOM   1114 C  CD  . LYS A 1 219 ? -7.477  -7.551  -13.610 1.00 64.97  ? 240 LYS A CD  1 
ATOM   1115 C  CE  . LYS A 1 219 ? -7.478  -7.905  -15.088 1.00 75.23  ? 240 LYS A CE  1 
ATOM   1116 N  NZ  . LYS A 1 219 ? -7.193  -9.370  -15.151 1.00 88.17  ? 240 LYS A NZ  1 
ATOM   1117 N  N   . TYR A 1 220 ? -8.812  -6.269  -8.764  1.00 29.08  ? 241 TYR A N   1 
ATOM   1118 C  CA  . TYR A 1 220 ? -8.702  -5.324  -7.666  1.00 29.76  ? 241 TYR A CA  1 
ATOM   1119 C  C   . TYR A 1 220 ? -7.275  -4.743  -7.557  1.00 29.80  ? 241 TYR A C   1 
ATOM   1120 O  O   . TYR A 1 220 ? -6.268  -5.460  -7.780  1.00 31.36  ? 241 TYR A O   1 
ATOM   1121 C  CB  . TYR A 1 220 ? -9.024  -6.079  -6.394  1.00 36.32  ? 241 TYR A CB  1 
ATOM   1122 C  CG  . TYR A 1 220 ? -10.488 -6.592  -6.371  1.00 35.61  ? 241 TYR A CG  1 
ATOM   1123 C  CD1 . TYR A 1 220 ? -11.486 -5.818  -5.875  1.00 36.80  ? 241 TYR A CD1 1 
ATOM   1124 C  CD2 . TYR A 1 220 ? -10.795 -7.860  -6.825  1.00 40.63  ? 241 TYR A CD2 1 
ATOM   1125 C  CE1 . TYR A 1 220 ? -12.827 -6.251  -5.830  1.00 40.71  ? 241 TYR A CE1 1 
ATOM   1126 C  CE2 . TYR A 1 220 ? -12.114 -8.343  -6.792  1.00 46.79  ? 241 TYR A CE2 1 
ATOM   1127 C  CZ  . TYR A 1 220 ? -13.127 -7.528  -6.320  1.00 43.14  ? 241 TYR A CZ  1 
ATOM   1128 O  OH  . TYR A 1 220 ? -14.386 -7.987  -6.342  1.00 52.34  ? 241 TYR A OH  1 
ATOM   1129 N  N   . LEU A 1 221 ? -7.196  -3.478  -7.179  1.00 29.60  ? 242 LEU A N   1 
ATOM   1130 C  CA  . LEU A 1 221 ? -5.983  -2.915  -6.755  1.00 31.93  ? 242 LEU A CA  1 
ATOM   1131 C  C   . LEU A 1 221 ? -6.003  -2.875  -5.263  1.00 32.14  ? 242 LEU A C   1 
ATOM   1132 O  O   . LEU A 1 221 ? -6.839  -2.172  -4.651  1.00 31.96  ? 242 LEU A O   1 
ATOM   1133 C  CB  . LEU A 1 221 ? -5.863  -1.486  -7.284  1.00 31.90  ? 242 LEU A CB  1 
ATOM   1134 C  CG  . LEU A 1 221 ? -4.590  -0.737  -6.815  1.00 30.46  ? 242 LEU A CG  1 
ATOM   1135 C  CD1 . LEU A 1 221 ? -3.272  -1.423  -7.168  1.00 31.81  ? 242 LEU A CD1 1 
ATOM   1136 C  CD2 . LEU A 1 221 ? -4.569  0.626   -7.441  1.00 28.33  ? 242 LEU A CD2 1 
ATOM   1137 N  N   . VAL A 1 222 ? -5.080  -3.621  -4.666  1.00 26.35  ? 243 VAL A N   1 
ATOM   1138 C  CA  . VAL A 1 222 ? -4.850  -3.566  -3.222  1.00 24.08  ? 243 VAL A CA  1 
ATOM   1139 C  C   . VAL A 1 222 ? -3.572  -2.795  -2.932  1.00 27.26  ? 243 VAL A C   1 
ATOM   1140 O  O   . VAL A 1 222 ? -2.482  -3.229  -3.403  1.00 32.40  ? 243 VAL A O   1 
ATOM   1141 C  CB  . VAL A 1 222 ? -4.726  -4.952  -2.688  1.00 25.81  ? 243 VAL A CB  1 
ATOM   1142 C  CG1 . VAL A 1 222 ? -4.490  -4.945  -1.182  1.00 26.17  ? 243 VAL A CG1 1 
ATOM   1143 C  CG2 . VAL A 1 222 ? -5.910  -5.848  -3.123  1.00 28.02  ? 243 VAL A CG2 1 
ATOM   1144 N  N   . SER A 1 223 ? -3.650  -1.706  -2.195  1.00 24.44  ? 244 SER A N   1 
ATOM   1145 C  CA  . SER A 1 223 ? -2.486  -0.899  -1.818  1.00 29.73  ? 244 SER A CA  1 
ATOM   1146 C  C   . SER A 1 223 ? -2.302  -0.782  -0.277  1.00 36.14  ? 244 SER A C   1 
ATOM   1147 O  O   . SER A 1 223 ? -3.234  -0.351  0.458   1.00 40.46  ? 244 SER A O   1 
ATOM   1148 C  CB  . SER A 1 223 ? -2.669  0.523   -2.380  1.00 28.33  ? 244 SER A CB  1 
ATOM   1149 O  OG  . SER A 1 223 ? -2.914  0.468   -3.795  1.00 31.26  ? 244 SER A OG  1 
ATOM   1150 N  N   . LEU A 1 224 ? -1.084  -1.080  0.184   1.00 30.71  ? 245 LEU A N   1 
ATOM   1151 C  CA  . LEU A 1 224 ? -0.699  -1.038  1.571   1.00 26.97  ? 245 LEU A CA  1 
ATOM   1152 C  C   . LEU A 1 224 ? 0.464   -0.114  1.783   1.00 26.34  ? 245 LEU A C   1 
ATOM   1153 O  O   . LEU A 1 224 ? 1.528   -0.257  1.101   1.00 26.48  ? 245 LEU A O   1 
ATOM   1154 C  CB  . LEU A 1 224 ? -0.348  -2.427  2.003   1.00 27.12  ? 245 LEU A CB  1 
ATOM   1155 C  CG  . LEU A 1 224 ? 0.228   -2.570  3.392   1.00 25.55  ? 245 LEU A CG  1 
ATOM   1156 C  CD1 . LEU A 1 224 ? -0.858  -2.321  4.461   1.00 26.47  ? 245 LEU A CD1 1 
ATOM   1157 C  CD2 . LEU A 1 224 ? 0.863   -3.891  3.611   1.00 26.63  ? 245 LEU A CD2 1 
ATOM   1158 N  N   . SER A 1 225 ? 0.249   0.879   2.602   1.00 25.15  ? 246 SER A N   1 
ATOM   1159 C  CA  . SER A 1 225 ? 1.294   1.697   3.207   1.00 29.82  ? 246 SER A CA  1 
ATOM   1160 C  C   . SER A 1 225 ? 1.490   1.460   4.651   1.00 32.50  ? 246 SER A C   1 
ATOM   1161 O  O   . SER A 1 225 ? 0.532   1.495   5.436   1.00 30.38  ? 246 SER A O   1 
ATOM   1162 C  CB  . SER A 1 225 ? 0.993   3.155   3.041   1.00 30.36  ? 246 SER A CB  1 
ATOM   1163 O  OG  . SER A 1 225 ? 0.743   3.199   1.711   1.00 43.41  ? 246 SER A OG  1 
ATOM   1164 N  N   . VAL A 1 226 ? 2.755   1.250   5.012   1.00 28.24  ? 247 VAL A N   1 
ATOM   1165 C  CA  . VAL A 1 226 ? 3.161   1.165   6.410   1.00 24.60  ? 247 VAL A CA  1 
ATOM   1166 C  C   . VAL A 1 226 ? 4.205   2.241   6.677   1.00 28.82  ? 247 VAL A C   1 
ATOM   1167 O  O   . VAL A 1 226 ? 5.214   2.256   6.065   1.00 26.83  ? 247 VAL A O   1 
ATOM   1168 C  CB  . VAL A 1 226 ? 3.727   -0.183  6.661   1.00 23.41  ? 247 VAL A CB  1 
ATOM   1169 C  CG1 . VAL A 1 226 ? 4.102   -0.380  8.102   1.00 25.86  ? 247 VAL A CG1 1 
ATOM   1170 C  CG2 . VAL A 1 226 ? 2.719   -1.212  6.270   1.00 26.93  ? 247 VAL A CG2 1 
ATOM   1171 N  N   . THR A 1 227 ? 3.866   3.173   7.536   1.00 27.81  ? 248 THR A N   1 
ATOM   1172 C  CA  . THR A 1 227 ? 4.615   4.330   7.801   1.00 28.83  ? 248 THR A CA  1 
ATOM   1173 C  C   . THR A 1 227 ? 4.850   4.561   9.313   1.00 33.91  ? 248 THR A C   1 
ATOM   1174 O  O   . THR A 1 227 ? 3.994   4.323   10.171  1.00 29.54  ? 248 THR A O   1 
ATOM   1175 C  CB  . THR A 1 227 ? 3.912   5.518   7.253   1.00 29.66  ? 248 THR A CB  1 
ATOM   1176 O  OG1 . THR A 1 227 ? 3.446   5.195   5.942   1.00 27.49  ? 248 THR A OG1 1 
ATOM   1177 C  CG2 . THR A 1 227 ? 4.849   6.678   7.198   1.00 31.27  ? 248 THR A CG2 1 
ATOM   1178 N  N   . THR A 1 228 ? 6.012   5.116   9.574   1.00 26.84  ? 249 THR A N   1 
ATOM   1179 C  CA  . THR A 1 228 ? 6.535   5.385   10.901  1.00 30.56  ? 249 THR A CA  1 
ATOM   1180 C  C   . THR A 1 228 ? 7.346   6.678   10.775  1.00 31.97  ? 249 THR A C   1 
ATOM   1181 O  O   . THR A 1 228 ? 7.802   7.054   9.661   1.00 27.11  ? 249 THR A O   1 
ATOM   1182 C  CB  . THR A 1 228 ? 7.379   4.165   11.143  1.00 36.54  ? 249 THR A CB  1 
ATOM   1183 O  OG1 . THR A 1 228 ? 6.738   3.259   12.011  1.00 42.92  ? 249 THR A OG1 1 
ATOM   1184 C  CG2 . THR A 1 228 ? 8.666   4.398   11.453  1.00 26.37  ? 249 THR A CG2 1 
ATOM   1185 N  N   . ALA A 1 229 ? 7.547   7.387   11.875  1.00 31.74  ? 250 ALA A N   1 
ATOM   1186 C  CA  . ALA A 1 229 ? 8.577   8.423   11.866  1.00 32.45  ? 250 ALA A CA  1 
ATOM   1187 C  C   . ALA A 1 229 ? 9.913   7.693   11.636  1.00 31.41  ? 250 ALA A C   1 
ATOM   1188 O  O   . ALA A 1 229 ? 10.134  6.621   12.153  1.00 26.27  ? 250 ALA A O   1 
ATOM   1189 C  CB  . ALA A 1 229 ? 8.641   9.191   13.216  1.00 35.70  ? 250 ALA A CB  1 
ATOM   1190 N  N   . LEU A 1 230 ? 10.839  8.302   10.921  1.00 28.58  ? 251 LEU A N   1 
ATOM   1191 C  CA  . LEU A 1 230 ? 12.148  7.695   10.775  1.00 29.11  ? 251 LEU A CA  1 
ATOM   1192 C  C   . LEU A 1 230 ? 12.829  7.400   12.080  1.00 33.40  ? 251 LEU A C   1 
ATOM   1193 O  O   . LEU A 1 230 ? 13.455  6.345   12.236  1.00 30.41  ? 251 LEU A O   1 
ATOM   1194 C  CB  . LEU A 1 230 ? 13.036  8.565   9.907   1.00 32.83  ? 251 LEU A CB  1 
ATOM   1195 C  CG  . LEU A 1 230 ? 14.433  7.971   9.761   1.00 35.57  ? 251 LEU A CG  1 
ATOM   1196 C  CD1 . LEU A 1 230 ? 14.475  6.534   9.223   1.00 36.69  ? 251 LEU A CD1 1 
ATOM   1197 C  CD2 . LEU A 1 230 ? 15.249  8.875   8.870   1.00 40.12  ? 251 LEU A CD2 1 
ATOM   1198 N  N   . SER A 1 231 ? 12.566  8.240   13.072  1.00 32.40  ? 252 SER A N   1 
ATOM   1199 C  CA  . SER A 1 231 ? 13.112  8.011   14.436  1.00 38.00  ? 252 SER A CA  1 
ATOM   1200 C  C   . SER A 1 231 ? 12.525  6.829   15.125  1.00 35.79  ? 252 SER A C   1 
ATOM   1201 O  O   . SER A 1 231 ? 13.117  6.322   16.021  1.00 37.56  ? 252 SER A O   1 
ATOM   1202 C  CB  . SER A 1 231 ? 12.889  9.219   15.376  1.00 37.95  ? 252 SER A CB  1 
ATOM   1203 O  OG  . SER A 1 231 ? 11.478  9.420   15.568  1.00 39.72  ? 252 SER A OG  1 
ATOM   1204 N  N   . GLN A 1 232 ? 11.374  6.358   14.723  1.00 30.91  ? 253 GLN A N   1 
ATOM   1205 C  CA  . GLN A 1 232 ? 10.870  5.137   15.294  1.00 34.38  ? 253 GLN A CA  1 
ATOM   1206 C  C   . GLN A 1 232 ? 11.129  3.901   14.428  1.00 28.67  ? 253 GLN A C   1 
ATOM   1207 O  O   . GLN A 1 232 ? 10.541  2.842   14.689  1.00 35.70  ? 253 GLN A O   1 
ATOM   1208 C  CB  . GLN A 1 232 ? 9.336   5.276   15.416  1.00 32.36  ? 253 GLN A CB  1 
ATOM   1209 C  CG  . GLN A 1 232 ? 8.925   6.478   16.223  1.00 37.53  ? 253 GLN A CG  1 
ATOM   1210 C  CD  . GLN A 1 232 ? 9.320   6.339   17.674  1.00 45.45  ? 253 GLN A CD  1 
ATOM   1211 O  OE1 . GLN A 1 232 ? 9.977   7.217   18.249  1.00 49.83  ? 253 GLN A OE1 1 
ATOM   1212 N  NE2 . GLN A 1 232 ? 9.022   5.202   18.231  1.00 45.71  ? 253 GLN A NE2 1 
ATOM   1213 N  N   . ALA A 1 233 ? 11.816  4.041   13.315  1.00 34.88  ? 254 ALA A N   1 
ATOM   1214 C  CA  . ALA A 1 233 ? 11.876  2.882   12.352  1.00 34.19  ? 254 ALA A CA  1 
ATOM   1215 C  C   . ALA A 1 233 ? 12.481  1.656   12.966  1.00 34.65  ? 254 ALA A C   1 
ATOM   1216 O  O   . ALA A 1 233 ? 12.048  0.532   12.678  1.00 33.85  ? 254 ALA A O   1 
ATOM   1217 C  CB  . ALA A 1 233 ? 12.631  3.210   11.075  1.00 38.32  ? 254 ALA A CB  1 
ATOM   1218 N  N   . VAL A 1 234 ? 13.419  1.818   13.896  1.00 33.00  ? 255 VAL A N   1 
ATOM   1219 C  CA  . VAL A 1 234 ? 13.916  0.607   14.563  1.00 32.89  ? 255 VAL A CA  1 
ATOM   1220 C  C   . VAL A 1 234 ? 13.028  0.179   15.744  1.00 32.52  ? 255 VAL A C   1 
ATOM   1221 O  O   . VAL A 1 234 ? 12.694  -0.961  15.940  1.00 31.68  ? 255 VAL A O   1 
ATOM   1222 C  CB  . VAL A 1 234 ? 15.393  0.840   15.024  1.00 34.24  ? 255 VAL A CB  1 
ATOM   1223 C  CG1 . VAL A 1 234 ? 15.890  -0.401  15.726  1.00 37.50  ? 255 VAL A CG1 1 
ATOM   1224 C  CG2 . VAL A 1 234 ? 16.237  1.187   13.839  1.00 35.43  ? 255 VAL A CG2 1 
ATOM   1225 N  N   . THR A 1 235 ? 12.587  1.111   16.553  1.00 38.24  ? 256 THR A N   1 
ATOM   1226 C  CA  . THR A 1 235 ? 11.706  0.713   17.669  1.00 34.88  ? 256 THR A CA  1 
ATOM   1227 C  C   . THR A 1 235 ? 10.459  0.082   17.206  1.00 31.39  ? 256 THR A C   1 
ATOM   1228 O  O   . THR A 1 235 ? 10.011  -0.875  17.873  1.00 33.10  ? 256 THR A O   1 
ATOM   1229 C  CB  . THR A 1 235 ? 11.211  1.891   18.407  1.00 40.18  ? 256 THR A CB  1 
ATOM   1230 O  OG1 . THR A 1 235 ? 12.305  2.539   18.904  1.00 38.62  ? 256 THR A OG1 1 
ATOM   1231 C  CG2 . THR A 1 235 ? 10.339  1.492   19.600  1.00 50.43  ? 256 THR A CG2 1 
ATOM   1232 N  N   . ASP A 1 236 ? 9.860   0.564   16.112  1.00 27.12  ? 257 ASP A N   1 
ATOM   1233 C  CA  . ASP A 1 236 ? 8.609   -0.096  15.675  1.00 30.82  ? 257 ASP A CA  1 
ATOM   1234 C  C   . ASP A 1 236 ? 8.837   -1.192  14.651  1.00 33.82  ? 257 ASP A C   1 
ATOM   1235 O  O   . ASP A 1 236 ? 7.883   -1.739  14.106  1.00 31.27  ? 257 ASP A O   1 
ATOM   1236 C  CB  . ASP A 1 236 ? 7.663   0.943   15.072  1.00 35.82  ? 257 ASP A CB  1 
ATOM   1237 C  CG  . ASP A 1 236 ? 7.048   1.880   16.137  1.00 45.73  ? 257 ASP A CG  1 
ATOM   1238 O  OD1 . ASP A 1 236 ? 7.017   1.473   17.322  1.00 43.80  ? 257 ASP A OD1 1 
ATOM   1239 O  OD2 . ASP A 1 236 ? 6.618   2.999   15.756  1.00 48.76  ? 257 ASP A OD2 1 
ATOM   1240 N  N   . GLY A 1 237 ? 10.106  -1.522  14.396  1.00 34.21  ? 258 GLY A N   1 
ATOM   1241 C  CA  . GLY A 1 237 ? 10.468  -2.538  13.426  1.00 30.57  ? 258 GLY A CA  1 
ATOM   1242 C  C   . GLY A 1 237 ? 9.697   -3.839  13.589  1.00 27.16  ? 258 GLY A C   1 
ATOM   1243 O  O   . GLY A 1 237 ? 9.156   -4.361  12.659  1.00 30.08  ? 258 GLY A O   1 
ATOM   1244 N  N   . PRO A 1 238 ? 9.618   -4.389  14.750  1.00 26.48  ? 259 PRO A N   1 
ATOM   1245 C  CA  . PRO A 1 238 ? 8.849   -5.681  14.779  1.00 29.74  ? 259 PRO A CA  1 
ATOM   1246 C  C   . PRO A 1 238 ? 7.357   -5.570  14.391  1.00 32.61  ? 259 PRO A C   1 
ATOM   1247 O  O   . PRO A 1 238 ? 6.822   -6.466  13.793  1.00 35.82  ? 259 PRO A O   1 
ATOM   1248 C  CB  . PRO A 1 238 ? 8.936   -6.092  16.260  1.00 32.57  ? 259 PRO A CB  1 
ATOM   1249 C  CG  . PRO A 1 238 ? 10.184  -5.356  16.768  1.00 32.15  ? 259 PRO A CG  1 
ATOM   1250 C  CD  . PRO A 1 238 ? 10.267  -4.097  16.038  1.00 28.98  ? 259 PRO A CD  1 
ATOM   1251 N  N   . ALA A 1 239 ? 6.748   -4.407  14.648  1.00 29.16  ? 260 ALA A N   1 
ATOM   1252 C  CA  . ALA A 1 239 ? 5.386   -4.176  14.247  1.00 33.12  ? 260 ALA A CA  1 
ATOM   1253 C  C   . ALA A 1 239 ? 5.361   -4.022  12.749  1.00 27.43  ? 260 ALA A C   1 
ATOM   1254 O  O   . ALA A 1 239 ? 4.557   -4.645  12.078  1.00 31.47  ? 260 ALA A O   1 
ATOM   1255 C  CB  . ALA A 1 239 ? 4.901   -2.872  14.893  1.00 32.34  ? 260 ALA A CB  1 
ATOM   1256 N  N   . THR A 1 240 ? 6.157   -3.110  12.201  1.00 24.42  ? 261 THR A N   1 
ATOM   1257 C  CA  . THR A 1 240 ? 6.044   -2.846  10.790  1.00 23.73  ? 261 THR A CA  1 
ATOM   1258 C  C   . THR A 1 240 ? 6.482   -4.075  9.983   1.00 25.84  ? 261 THR A C   1 
ATOM   1259 O  O   . THR A 1 240 ? 5.991   -4.383  8.934   1.00 27.81  ? 261 THR A O   1 
ATOM   1260 C  CB  . THR A 1 240 ? 6.934   -1.672  10.404  1.00 30.88  ? 261 THR A CB  1 
ATOM   1261 O  OG1 . THR A 1 240 ? 8.289   -1.977  10.721  1.00 32.76  ? 261 THR A OG1 1 
ATOM   1262 C  CG2 . THR A 1 240 ? 6.478   -0.392  11.133  1.00 30.83  ? 261 THR A CG2 1 
ATOM   1263 N  N   . ASP A 1 241 ? 7.440   -4.816  10.497  1.00 26.73  ? 262 ASP A N   1 
ATOM   1264 C  CA  . ASP A 1 241 ? 7.816   -6.012  9.845   1.00 29.54  ? 262 ASP A CA  1 
ATOM   1265 C  C   . ASP A 1 241 ? 6.802   -7.124  9.789   1.00 26.95  ? 262 ASP A C   1 
ATOM   1266 O  O   . ASP A 1 241 ? 6.645   -7.787  8.803   1.00 25.70  ? 262 ASP A O   1 
ATOM   1267 C  CB  . ASP A 1 241 ? 8.724   -6.555  10.835  1.00 41.22  ? 262 ASP A CB  1 
ATOM   1268 C  CG  . ASP A 1 241 ? 9.830   -6.787  10.331  1.00 45.34  ? 262 ASP A CG  1 
ATOM   1269 O  OD1 . ASP A 1 241 ? 10.480  -5.677  10.075  1.00 40.85  ? 262 ASP A OD1 1 
ATOM   1270 O  OD2 . ASP A 1 241 ? 9.892   -8.050  10.127  1.00 49.58  ? 262 ASP A OD2 1 
ATOM   1271 N  N   . ALA A 1 242 ? 6.101   -7.315  10.894  1.00 25.26  ? 263 ALA A N   1 
ATOM   1272 C  CA  . ALA A 1 242 ? 5.094   -8.371  10.943  1.00 33.31  ? 263 ALA A CA  1 
ATOM   1273 C  C   . ALA A 1 242 ? 3.969   -7.933  9.979   1.00 31.83  ? 263 ALA A C   1 
ATOM   1274 O  O   . ALA A 1 242 ? 3.428   -8.708  9.238   1.00 30.93  ? 263 ALA A O   1 
ATOM   1275 C  CB  . ALA A 1 242 ? 4.612   -8.521  12.370  1.00 28.67  ? 263 ALA A CB  1 
ATOM   1276 N  N   . ILE A 1 243 ? 3.774   -6.632  9.842   1.00 29.61  ? 264 ILE A N   1 
ATOM   1277 C  CA  . ILE A 1 243 ? 2.682   -6.178  8.924   1.00 28.73  ? 264 ILE A CA  1 
ATOM   1278 C  C   . ILE A 1 243 ? 3.073   -6.352  7.463   1.00 27.69  ? 264 ILE A C   1 
ATOM   1279 O  O   . ILE A 1 243 ? 2.378   -6.971  6.672   1.00 27.78  ? 264 ILE A O   1 
ATOM   1280 C  CB  . ILE A 1 243 ? 2.323   -4.725  9.192   1.00 28.86  ? 264 ILE A CB  1 
ATOM   1281 C  CG1 . ILE A 1 243 ? 1.798   -4.565  10.616  1.00 31.52  ? 264 ILE A CG1 1 
ATOM   1282 C  CG2 . ILE A 1 243 ? 1.280   -4.272  8.216   1.00 34.91  ? 264 ILE A CG2 1 
ATOM   1283 C  CD1 . ILE A 1 243 ? 1.634   -3.110  10.984  1.00 28.85  ? 264 ILE A CD1 1 
ATOM   1284 N  N   . VAL A 1 244 ? 4.255   -5.851  7.110   1.00 29.70  ? 265 VAL A N   1 
ATOM   1285 C  CA  . VAL A 1 244 ? 4.741   -5.864  5.746   1.00 25.52  ? 265 VAL A CA  1 
ATOM   1286 C  C   . VAL A 1 244 ? 4.976   -7.278  5.272   1.00 29.82  ? 265 VAL A C   1 
ATOM   1287 O  O   . VAL A 1 244 ? 4.634   -7.566  4.148   1.00 32.15  ? 265 VAL A O   1 
ATOM   1288 C  CB  . VAL A 1 244 ? 6.030   -5.019  5.612   1.00 30.01  ? 265 VAL A CB  1 
ATOM   1289 C  CG1 . VAL A 1 244 ? 6.780   -5.272  4.296   1.00 29.38  ? 265 VAL A CG1 1 
ATOM   1290 C  CG2 . VAL A 1 244 ? 5.683   -3.536  5.743   1.00 27.87  ? 265 VAL A CG2 1 
ATOM   1291 N  N   . ASN A 1 245 ? 5.589   -8.125  6.096   1.00 32.77  ? 266 ASN A N   1 
ATOM   1292 C  CA  . ASN A 1 245 ? 5.967   -9.503  5.703   1.00 33.01  ? 266 ASN A CA  1 
ATOM   1293 C  C   . ASN A 1 245 ? 4.813   -10.480 5.978   1.00 33.64  ? 266 ASN A C   1 
ATOM   1294 O  O   . ASN A 1 245 ? 4.818   -11.501 5.403   1.00 37.89  ? 266 ASN A O   1 
ATOM   1295 C  CB  . ASN A 1 245 ? 7.269   -9.960  6.401   1.00 32.68  ? 266 ASN A CB  1 
ATOM   1296 C  CG  . ASN A 1 245 ? 8.465   -9.049  5.994   1.00 33.40  ? 266 ASN A CG  1 
ATOM   1297 O  OD1 . ASN A 1 245 ? 9.111   -9.255  4.961   1.00 30.96  ? 266 ASN A OD1 1 
ATOM   1298 N  ND2 . ASN A 1 245 ? 8.677   -7.986  6.727   1.00 30.49  ? 266 ASN A ND2 1 
ATOM   1299 N  N   . GLY A 1 246 ? 3.827   -10.143 6.796   1.00 34.51  ? 267 GLY A N   1 
ATOM   1300 C  CA  . GLY A 1 246 ? 2.678   -11.064 7.094   1.00 35.29  ? 267 GLY A CA  1 
ATOM   1301 C  C   . GLY A 1 246 ? 1.516   -10.772 6.143   1.00 35.90  ? 267 GLY A C   1 
ATOM   1302 O  O   . GLY A 1 246 ? 0.559   -11.504 6.017   1.00 29.93  ? 267 GLY A O   1 
ATOM   1303 N  N   . PHE A 1 247 ? 1.632   -9.699  5.427   1.00 32.66  ? 268 PHE A N   1 
ATOM   1304 C  CA  . PHE A 1 247 ? 0.625   -9.335  4.484   1.00 31.99  ? 268 PHE A CA  1 
ATOM   1305 C  C   . PHE A 1 247 ? 0.374   -10.406 3.447   1.00 32.18  ? 268 PHE A C   1 
ATOM   1306 O  O   . PHE A 1 247 ? 1.288   -11.058 2.889   1.00 31.15  ? 268 PHE A O   1 
ATOM   1307 C  CB  . PHE A 1 247 ? 1.041   -8.048  3.860   1.00 33.24  ? 268 PHE A CB  1 
ATOM   1308 C  CG  . PHE A 1 247 ? 0.080   -7.507  2.887   1.00 33.04  ? 268 PHE A CG  1 
ATOM   1309 C  CD1 . PHE A 1 247 ? -1.213  -7.228  3.250   1.00 37.91  ? 268 PHE A CD1 1 
ATOM   1310 C  CD2 . PHE A 1 247 ? 0.499   -7.196  1.629   1.00 35.92  ? 268 PHE A CD2 1 
ATOM   1311 C  CE1 . PHE A 1 247 ? -2.091  -6.655  2.342   1.00 35.07  ? 268 PHE A CE1 1 
ATOM   1312 C  CE2 . PHE A 1 247 ? -0.348  -6.644  0.703   1.00 34.35  ? 268 PHE A CE2 1 
ATOM   1313 C  CZ  . PHE A 1 247 ? -1.674  -6.399  1.057   1.00 37.71  ? 268 PHE A CZ  1 
ATOM   1314 N  N   . GLN A 1 248 ? -0.887  -10.596 3.160   1.00 34.51  ? 269 GLN A N   1 
ATOM   1315 C  CA  . GLN A 1 248 ? -1.265  -11.658 2.250   1.00 37.98  ? 269 GLN A CA  1 
ATOM   1316 C  C   . GLN A 1 248 ? -2.578  -11.368 1.543   1.00 36.89  ? 269 GLN A C   1 
ATOM   1317 O  O   . GLN A 1 248 ? -3.518  -10.801 2.125   1.00 36.87  ? 269 GLN A O   1 
ATOM   1318 C  CB  . GLN A 1 248 ? -1.340  -12.898 3.101   1.00 46.77  ? 269 GLN A CB  1 
ATOM   1319 C  CG  . GLN A 1 248 ? -1.306  -14.179 2.350   1.00 57.37  ? 269 GLN A CG  1 
ATOM   1320 C  CD  . GLN A 1 248 ? -1.601  -15.327 3.295   1.00 66.61  ? 269 GLN A CD  1 
ATOM   1321 O  OE1 . GLN A 1 248 ? -1.575  -15.186 4.531   1.00 70.42  ? 269 GLN A OE1 1 
ATOM   1322 N  NE2 . GLN A 1 248 ? -1.898  -16.460 2.728   1.00 75.17  ? 269 GLN A NE2 1 
ATOM   1323 N  N   . VAL A 1 249 ? -2.645  -11.695 0.251   1.00 36.86  ? 270 VAL A N   1 
ATOM   1324 C  CA  . VAL A 1 249 ? -3.859  -11.441 -0.520  1.00 34.39  ? 270 VAL A CA  1 
ATOM   1325 C  C   . VAL A 1 249 ? -4.152  -12.740 -1.271  1.00 45.45  ? 270 VAL A C   1 
ATOM   1326 O  O   . VAL A 1 249 ? -3.259  -13.256 -2.022  1.00 41.55  ? 270 VAL A O   1 
ATOM   1327 C  CB  . VAL A 1 249 ? -3.684  -10.362 -1.571  1.00 35.67  ? 270 VAL A CB  1 
ATOM   1328 C  CG1 . VAL A 1 249 ? -4.954  -10.241 -2.359  1.00 37.82  ? 270 VAL A CG1 1 
ATOM   1329 C  CG2 . VAL A 1 249 ? -3.296  -9.010  -0.984  1.00 33.14  ? 270 VAL A CG2 1 
ATOM   1330 N  N   . VAL A 1 250 ? -5.374  -13.248 -1.057  1.00 39.61  ? 271 VAL A N   1 
ATOM   1331 C  CA  . VAL A 1 250 ? -5.847  -14.579 -1.598  1.00 48.14  ? 271 VAL A CA  1 
ATOM   1332 C  C   . VAL A 1 250 ? -7.258  -14.435 -2.205  1.00 40.48  ? 271 VAL A C   1 
ATOM   1333 O  O   . VAL A 1 250 ? -8.152  -13.760 -1.649  1.00 43.81  ? 271 VAL A O   1 
ATOM   1334 C  CB  . VAL A 1 250 ? -5.847  -15.704 -0.536  1.00 50.07  ? 271 VAL A CB  1 
ATOM   1335 C  CG1 . VAL A 1 250 ? -6.351  -17.011 -1.131  1.00 54.56  ? 271 VAL A CG1 1 
ATOM   1336 C  CG2 . VAL A 1 250 ? -4.456  -15.967 0.019   1.00 47.16  ? 271 VAL A CG2 1 
ATOM   1337 N  N   . ALA A 1 251 ? -7.437  -14.976 -3.402  1.00 47.32  ? 272 ALA A N   1 
ATOM   1338 C  CA  . ALA A 1 251 ? -8.739  -14.832 -4.113  1.00 60.24  ? 272 ALA A CA  1 
ATOM   1339 C  C   . ALA A 1 251 ? -9.878  -15.698 -3.509  1.00 49.27  ? 272 ALA A C   1 
ATOM   1340 O  O   . ALA A 1 251 ? -9.533  -16.801 -3.090  1.00 51.04  ? 272 ALA A O   1 
ATOM   1341 C  CB  . ALA A 1 251 ? -8.543  -15.150 -5.582  1.00 54.26  ? 272 ALA A CB  1 
HETATM 1342 CL CL  . CL  B 2 .   ? -16.899 -8.990  -2.513  1.00 62.79  ? 401 CL  A CL  1 
HETATM 1343 O  O   . HOH C 3 .   ? 9.289   4.376   -11.454 1.00 21.57  ? 501 HOH A O   1 
HETATM 1344 O  O   . HOH C 3 .   ? 2.205   4.960   -8.774  1.00 27.03  ? 502 HOH A O   1 
HETATM 1345 O  O   . HOH C 3 .   ? 5.102   0.108   -4.818  1.00 30.87  ? 503 HOH A O   1 
HETATM 1346 O  O   . HOH C 3 .   ? -10.632 0.765   -0.003  1.00 27.90  ? 504 HOH A O   1 
HETATM 1347 O  O   . HOH C 3 .   ? -1.289  5.778   -7.755  1.00 26.28  ? 505 HOH A O   1 
HETATM 1348 O  O   . HOH C 3 .   ? 9.375   2.213   9.383   1.00 30.86  ? 506 HOH A O   1 
HETATM 1349 O  O   . HOH C 3 .   ? 4.321   3.557   -4.726  1.00 32.91  ? 507 HOH A O   1 
HETATM 1350 O  O   . HOH C 3 .   ? 4.284   -2.751  2.206   1.00 43.34  ? 508 HOH A O   1 
HETATM 1351 O  O   . HOH C 3 .   ? -4.027  2.820   -4.295  1.00 35.30  ? 509 HOH A O   1 
HETATM 1352 O  O   . HOH C 3 .   ? 4.199   -14.716 -6.214  1.00 40.55  ? 510 HOH A O   1 
HETATM 1353 O  O   . HOH C 3 .   ? 12.076  -6.122  -9.681  1.00 26.74  ? 511 HOH A O   1 
HETATM 1354 O  O   . HOH C 3 .   ? 6.974   -6.722  -5.563  1.00 27.74  ? 512 HOH A O   1 
HETATM 1355 O  O   . HOH C 3 .   ? 0.788   4.603   6.159   1.00 30.28  ? 513 HOH A O   1 
HETATM 1356 O  O   . HOH C 3 .   ? 17.084  -3.135  -0.427  1.00 32.01  ? 514 HOH A O   1 
HETATM 1357 O  O   . HOH C 3 .   ? -1.800  8.363   -7.242  1.00 39.24  ? 515 HOH A O   1 
HETATM 1358 O  O   . HOH C 3 .   ? 4.860   -8.163  -10.441 1.00 30.45  ? 516 HOH A O   1 
HETATM 1359 O  O   . HOH C 3 .   ? 4.360   12.505  -18.712 1.00 30.27  ? 517 HOH A O   1 
HETATM 1360 O  O   . HOH C 3 .   ? 7.118   2.711   -11.214 1.00 23.88  ? 518 HOH A O   1 
HETATM 1361 O  O   . HOH C 3 .   ? 14.047  -1.474  11.708  1.00 29.78  ? 519 HOH A O   1 
HETATM 1362 O  O   . HOH C 3 .   ? 6.026   6.864   14.228  1.00 30.95  ? 520 HOH A O   1 
HETATM 1363 O  O   . HOH C 3 .   ? -2.763  2.435   0.985   1.00 32.03  ? 521 HOH A O   1 
HETATM 1364 O  O   . HOH C 3 .   ? 14.060  11.305  2.719   1.00 37.13  ? 522 HOH A O   1 
HETATM 1365 O  O   . HOH C 3 .   ? -6.066  -9.824  8.914   1.00 44.27  ? 523 HOH A O   1 
HETATM 1366 O  O   . HOH C 3 .   ? 4.054   -15.779 -9.022  1.00 47.43  ? 524 HOH A O   1 
HETATM 1367 O  O   . HOH C 3 .   ? 12.250  16.413  -3.230  1.00 44.92  ? 525 HOH A O   1 
HETATM 1368 O  O   . HOH C 3 .   ? 4.492   -13.664 -2.403  1.00 48.48  ? 526 HOH A O   1 
HETATM 1369 O  O   . HOH C 3 .   ? 11.905  10.876  12.310  1.00 37.97  ? 527 HOH A O   1 
HETATM 1370 O  O   . HOH C 3 .   ? -17.384 -2.415  -0.503  1.00 41.12  ? 528 HOH A O   1 
HETATM 1371 O  O   . HOH C 3 .   ? -3.487  4.808   2.335   1.00 40.02  ? 529 HOH A O   1 
HETATM 1372 O  O   . HOH C 3 .   ? -4.959  -13.808 3.146   1.00 41.77  ? 530 HOH A O   1 
HETATM 1373 O  O   . HOH C 3 .   ? 0.291   10.755  -12.772 1.00 45.11  ? 531 HOH A O   1 
HETATM 1374 O  O   . HOH C 3 .   ? -17.615 -1.825  -6.396  1.00 53.70  ? 532 HOH A O   1 
HETATM 1375 O  O   . HOH C 3 .   ? 7.463   -2.999  17.696  1.00 48.66  ? 533 HOH A O   1 
HETATM 1376 O  O   . HOH C 3 .   ? 2.346   8.002   -19.001 1.00 41.59  ? 534 HOH A O   1 
HETATM 1377 O  O   . HOH C 3 .   ? 14.309  12.859  -3.494  1.00 42.70  ? 535 HOH A O   1 
HETATM 1378 O  O   . HOH C 3 .   ? 2.102   -12.943 1.317   1.00 46.97  ? 536 HOH A O   1 
HETATM 1379 O  O   . HOH C 3 .   ? 7.675   -8.895  14.104  1.00 45.22  ? 537 HOH A O   1 
HETATM 1380 O  O   . HOH C 3 .   ? -10.036 1.173   9.906   1.00 36.89  ? 538 HOH A O   1 
HETATM 1381 O  O   . HOH C 3 .   ? -4.184  -10.260 -11.192 1.00 41.89  ? 539 HOH A O   1 
HETATM 1382 O  O   . HOH C 3 .   ? 8.754   -2.952  -17.826 1.00 34.50  ? 540 HOH A O   1 
HETATM 1383 O  O   . HOH C 3 .   ? 13.839  3.697   16.038  1.00 45.22  ? 541 HOH A O   1 
HETATM 1384 O  O   . HOH C 3 .   ? -2.681  -15.233 -3.643  1.00 44.49  ? 542 HOH A O   1 
HETATM 1385 O  O   . HOH C 3 .   ? 4.223   -6.057  1.900   1.00 38.22  ? 543 HOH A O   1 
HETATM 1386 O  O   . HOH C 3 .   ? 4.532   -0.467  17.471  1.00 45.32  ? 544 HOH A O   1 
HETATM 1387 O  O   . HOH C 3 .   ? 10.281  13.447  -4.843  1.00 38.23  ? 545 HOH A O   1 
HETATM 1388 O  O   . HOH C 3 .   ? 12.878  -2.424  -9.459  1.00 45.04  ? 546 HOH A O   1 
HETATM 1389 O  O   . HOH C 3 .   ? 16.062  -3.537  -3.218  1.00 46.74  ? 547 HOH A O   1 
# 
loop_
_pdbx_poly_seq_scheme.asym_id 
_pdbx_poly_seq_scheme.entity_id 
_pdbx_poly_seq_scheme.seq_id 
_pdbx_poly_seq_scheme.mon_id 
_pdbx_poly_seq_scheme.ndb_seq_num 
_pdbx_poly_seq_scheme.pdb_seq_num 
_pdbx_poly_seq_scheme.auth_seq_num 
_pdbx_poly_seq_scheme.pdb_mon_id 
_pdbx_poly_seq_scheme.auth_mon_id 
_pdbx_poly_seq_scheme.pdb_strand_id 
_pdbx_poly_seq_scheme.pdb_ins_code 
_pdbx_poly_seq_scheme.hetero 
A 1 1   HIS 1   22  ?   ?   ?   A . n 
A 1 2   HIS 2   23  ?   ?   ?   A . n 
A 1 3   HIS 3   24  ?   ?   ?   A . n 
A 1 4   HIS 4   25  ?   ?   ?   A . n 
A 1 5   HIS 5   26  ?   ?   ?   A . n 
A 1 6   HIS 6   27  ?   ?   ?   A . n 
A 1 7   GLY 7   28  ?   ?   ?   A . n 
A 1 8   SER 8   29  ?   ?   ?   A . n 
A 1 9   ALA 9   30  ?   ?   ?   A . n 
A 1 10  CYS 10  31  ?   ?   ?   A . n 
A 1 11  ALA 11  32  ?   ?   ?   A . n 
A 1 12  ASP 12  33  ?   ?   ?   A . n 
A 1 13  PRO 13  34  ?   ?   ?   A . n 
A 1 14  LEU 14  35  ?   ?   ?   A . n 
A 1 15  LEU 15  36  ?   ?   ?   A . n 
A 1 16  PRO 16  37  ?   ?   ?   A . n 
A 1 17  PRO 17  38  ?   ?   ?   A . n 
A 1 18  PRO 18  39  ?   ?   ?   A . n 
A 1 19  PRO 19  40  ?   ?   ?   A . n 
A 1 20  ILE 20  41  ?   ?   ?   A . n 
A 1 21  PRO 21  42  ?   ?   ?   A . n 
A 1 22  ALA 22  43  ?   ?   ?   A . n 
A 1 23  PRO 23  44  ?   ?   ?   A . n 
A 1 24  VAL 24  45  ?   ?   ?   A . n 
A 1 25  SER 25  46  ?   ?   ?   A . n 
A 1 26  ALA 26  47  ?   ?   ?   A . n 
A 1 27  PRO 27  48  ?   ?   ?   A . n 
A 1 28  ALA 28  49  ?   ?   ?   A . n 
A 1 29  THR 29  50  ?   ?   ?   A . n 
A 1 30  VAL 30  51  ?   ?   ?   A . n 
A 1 31  PRO 31  52  ?   ?   ?   A . n 
A 1 32  PRO 32  53  ?   ?   ?   A . n 
A 1 33  VAL 33  54  ?   ?   ?   A . n 
A 1 34  GLN 34  55  ?   ?   ?   A . n 
A 1 35  ASN 35  56  ?   ?   ?   A . n 
A 1 36  LEU 36  57  ?   ?   ?   A . n 
A 1 37  THR 37  58  ?   ?   ?   A . n 
A 1 38  ALA 38  59  ?   ?   ?   A . n 
A 1 39  LEU 39  60  ?   ?   ?   A . n 
A 1 40  PRO 40  61  ?   ?   ?   A . n 
A 1 41  GLY 41  62  ?   ?   ?   A . n 
A 1 42  GLY 42  63  ?   ?   ?   A . n 
A 1 43  SER 43  64  ?   ?   ?   A . n 
A 1 44  SER 44  65  ?   ?   ?   A . n 
A 1 45  ASN 45  66  ?   ?   ?   A . n 
A 1 46  ARG 46  67  ?   ?   ?   A . n 
A 1 47  PHE 47  68  ?   ?   ?   A . n 
A 1 48  SER 48  69  ?   ?   ?   A . n 
A 1 49  PRO 49  70  ?   ?   ?   A . n 
A 1 50  ALA 50  71  ?   ?   ?   A . n 
A 1 51  PRO 51  72  ?   ?   ?   A . n 
A 1 52  ALA 52  73  ?   ?   ?   A . n 
A 1 53  PRO 53  74  ?   ?   ?   A . n 
A 1 54  ALA 54  75  ?   ?   ?   A . n 
A 1 55  PRO 55  76  ?   ?   ?   A . n 
A 1 56  ILE 56  77  ?   ?   ?   A . n 
A 1 57  ALA 57  78  ?   ?   ?   A . n 
A 1 58  SER 58  79  ?   ?   ?   A . n 
A 1 59  PRO 59  80  ?   ?   ?   A . n 
A 1 60  ILE 60  81  ?   ?   ?   A . n 
A 1 61  PRO 61  82  ?   ?   ?   A . n 
A 1 62  VAL 62  83  ?   ?   ?   A . n 
A 1 63  GLY 63  84  ?   ?   ?   A . n 
A 1 64  ALA 64  85  ?   ?   ?   A . n 
A 1 65  PRO 65  86  ?   ?   ?   A . n 
A 1 66  GLY 66  87  ?   ?   ?   A . n 
A 1 67  SER 67  88  ?   ?   ?   A . n 
A 1 68  THR 68  89  ?   ?   ?   A . n 
A 1 69  ALA 69  90  ?   ?   ?   A . n 
A 1 70  VAL 70  91  ?   ?   ?   A . n 
A 1 71  PRO 71  92  ?   ?   ?   A . n 
A 1 72  PRO 72  93  ?   ?   ?   A . n 
A 1 73  LEU 73  94  ?   ?   ?   A . n 
A 1 74  PRO 74  95  ?   ?   ?   A . n 
A 1 75  PRO 75  96  ?   ?   ?   A . n 
A 1 76  PRO 76  97  97  PRO PRO A . n 
A 1 77  VAL 77  98  98  VAL VAL A . n 
A 1 78  THR 78  99  99  THR THR A . n 
A 1 79  PRO 79  100 100 PRO PRO A . n 
A 1 80  ALA 80  101 101 ALA ALA A . n 
A 1 81  ILE 81  102 102 ILE ILE A . n 
A 1 82  SER 82  103 103 SER SER A . n 
A 1 83  GLY 83  104 104 GLY GLY A . n 
A 1 84  THR 84  105 105 THR THR A . n 
A 1 85  LEU 85  106 106 LEU LEU A . n 
A 1 86  ARG 86  107 107 ARG ARG A . n 
A 1 87  ASP 87  108 108 ASP ASP A . n 
A 1 88  HIS 88  109 109 HIS HIS A . n 
A 1 89  LEU 89  110 110 LEU LEU A . n 
A 1 90  ARG 90  111 111 ARG ARG A . n 
A 1 91  GLU 91  112 112 GLU GLU A . n 
A 1 92  LYS 92  113 113 LYS LYS A . n 
A 1 93  GLY 93  114 114 GLY GLY A . n 
A 1 94  VAL 94  115 115 VAL VAL A . n 
A 1 95  LYS 95  116 116 LYS LYS A . n 
A 1 96  LEU 96  117 117 LEU LEU A . n 
A 1 97  GLU 97  118 118 GLU GLU A . n 
A 1 98  ALA 98  119 119 ALA ALA A . n 
A 1 99  GLN 99  120 120 GLN GLN A . n 
A 1 100 ARG 100 121 121 ARG ARG A . n 
A 1 101 PRO 101 122 122 PRO PRO A . n 
A 1 102 HIS 102 123 123 HIS HIS A . n 
A 1 103 GLY 103 124 124 GLY GLY A . n 
A 1 104 PHE 104 125 125 PHE PHE A . n 
A 1 105 LYS 105 126 126 LYS LYS A . n 
A 1 106 ALA 106 127 127 ALA ALA A . n 
A 1 107 LEU 107 128 128 LEU LEU A . n 
A 1 108 ASP 108 129 129 ASP ASP A . n 
A 1 109 ILE 109 130 130 ILE ILE A . n 
A 1 110 THR 110 131 131 THR THR A . n 
A 1 111 LEU 111 132 132 LEU LEU A . n 
A 1 112 PRO 112 133 133 PRO PRO A . n 
A 1 113 MET 113 134 134 MET MET A . n 
A 1 114 PRO 114 135 135 PRO PRO A . n 
A 1 115 PRO 115 136 136 PRO PRO A . n 
A 1 116 ARG 116 137 137 ARG ARG A . n 
A 1 117 TRP 117 138 138 TRP TRP A . n 
A 1 118 THR 118 139 139 THR THR A . n 
A 1 119 GLN 119 140 140 GLN GLN A . n 
A 1 120 VAL 120 141 141 VAL VAL A . n 
A 1 121 PRO 121 142 142 PRO PRO A . n 
A 1 122 ASP 122 143 143 ASP ASP A . n 
A 1 123 PRO 123 144 144 PRO PRO A . n 
A 1 124 ASN 124 145 145 ASN ASN A . n 
A 1 125 VAL 125 146 146 VAL VAL A . n 
A 1 126 PRO 126 147 147 PRO PRO A . n 
A 1 127 ASP 127 148 148 ASP ASP A . n 
A 1 128 ALA 128 149 149 ALA ALA A . n 
A 1 129 PHE 129 150 150 PHE PHE A . n 
A 1 130 VAL 130 151 151 VAL VAL A . n 
A 1 131 VAL 131 152 152 VAL VAL A . n 
A 1 132 ILE 132 153 153 ILE ILE A . n 
A 1 133 ALA 133 154 154 ALA ALA A . n 
A 1 134 ASP 134 155 155 ASP ASP A . n 
A 1 135 ARG 135 156 156 ARG ARG A . n 
A 1 136 LEU 136 157 157 LEU LEU A . n 
A 1 137 GLY 137 158 158 GLY GLY A . n 
A 1 138 ASN 138 159 159 ASN ASN A . n 
A 1 139 SER 139 160 160 SER SER A . n 
A 1 140 VAL 140 161 161 VAL VAL A . n 
A 1 141 TYR 141 162 162 TYR TYR A . n 
A 1 142 THR 142 163 163 THR THR A . n 
A 1 143 SER 143 164 164 SER SER A . n 
A 1 144 ASN 144 165 165 ASN ASN A . n 
A 1 145 ALA 145 166 166 ALA ALA A . n 
A 1 146 GLN 146 167 167 GLN GLN A . n 
A 1 147 LEU 147 168 168 LEU LEU A . n 
A 1 148 VAL 148 169 169 VAL VAL A . n 
A 1 149 VAL 149 170 170 VAL VAL A . n 
A 1 150 TYR 150 171 171 TYR TYR A . n 
A 1 151 ARG 151 172 172 ARG ARG A . n 
A 1 152 LEU 152 173 173 LEU LEU A . n 
A 1 153 ILE 153 174 174 ILE ILE A . n 
A 1 154 GLY 154 175 175 GLY GLY A . n 
A 1 155 ASP 155 176 176 ASP ASP A . n 
A 1 156 PHE 156 177 177 PHE PHE A . n 
A 1 157 ASP 157 178 178 ASP ASP A . n 
A 1 158 PRO 158 179 179 PRO PRO A . n 
A 1 159 ALA 159 180 180 ALA ALA A . n 
A 1 160 GLU 160 181 181 GLU GLU A . n 
A 1 161 ALA 161 182 182 ALA ALA A . n 
A 1 162 ILE 162 183 183 ILE ILE A . n 
A 1 163 THR 163 184 184 THR THR A . n 
A 1 164 HIS 164 185 185 HIS HIS A . n 
A 1 165 GLY 165 186 186 GLY GLY A . n 
A 1 166 TYR 166 187 187 TYR TYR A . n 
A 1 167 ILE 167 188 188 ILE ILE A . n 
A 1 168 ASP 168 189 189 ASP ASP A . n 
A 1 169 SER 169 190 190 SER SER A . n 
A 1 170 GLN 170 191 191 GLN GLN A . n 
A 1 171 LYS 171 192 192 LYS LYS A . n 
A 1 172 LEU 172 193 193 LEU LEU A . n 
A 1 173 LEU 173 194 194 LEU LEU A . n 
A 1 174 ALA 174 195 195 ALA ALA A . n 
A 1 175 TRP 175 196 196 TRP TRP A . n 
A 1 176 GLN 176 197 197 GLN GLN A . n 
A 1 177 THR 177 198 198 THR THR A . n 
A 1 178 THR 178 199 199 THR THR A . n 
A 1 179 ASN 179 200 200 ASN ASN A . n 
A 1 180 ALA 180 201 201 ALA ALA A . n 
A 1 181 SER 181 202 202 SER SER A . n 
A 1 182 MET 182 203 203 MET MET A . n 
A 1 183 ALA 183 204 204 ALA ALA A . n 
A 1 184 ASN 184 205 205 ASN ASN A . n 
A 1 185 PHE 185 206 206 PHE PHE A . n 
A 1 186 ASP 186 207 207 ASP ASP A . n 
A 1 187 GLY 187 208 208 GLY GLY A . n 
A 1 188 PHE 188 209 209 PHE PHE A . n 
A 1 189 PRO 189 210 210 PRO PRO A . n 
A 1 190 SER 190 211 211 SER SER A . n 
A 1 191 SER 191 212 212 SER SER A . n 
A 1 192 ILE 192 213 213 ILE ILE A . n 
A 1 193 ILE 193 214 214 ILE ILE A . n 
A 1 194 GLU 194 215 215 GLU GLU A . n 
A 1 195 GLY 195 216 216 GLY GLY A . n 
A 1 196 THR 196 217 217 THR THR A . n 
A 1 197 TYR 197 218 218 TYR TYR A . n 
A 1 198 ARG 198 219 219 ARG ARG A . n 
A 1 199 GLU 199 220 220 GLU GLU A . n 
A 1 200 ASN 200 221 221 ASN ASN A . n 
A 1 201 ASP 201 222 222 ASP ASP A . n 
A 1 202 MET 202 223 223 MET MET A . n 
A 1 203 THR 203 224 224 THR THR A . n 
A 1 204 LEU 204 225 225 LEU LEU A . n 
A 1 205 ASN 205 226 226 ASN ASN A . n 
A 1 206 THR 206 227 227 THR THR A . n 
A 1 207 SER 207 228 228 SER SER A . n 
A 1 208 ARG 208 229 229 ARG ARG A . n 
A 1 209 ARG 209 230 230 ARG ARG A . n 
A 1 210 HIS 210 231 231 HIS HIS A . n 
A 1 211 VAL 211 232 232 VAL VAL A . n 
A 1 212 ILE 212 233 233 ILE ILE A . n 
A 1 213 ALA 213 234 234 ALA ALA A . n 
A 1 214 THR 214 235 235 THR THR A . n 
A 1 215 SER 215 236 236 SER SER A . n 
A 1 216 GLY 216 237 237 GLY GLY A . n 
A 1 217 ALA 217 238 238 ALA ALA A . n 
A 1 218 ASP 218 239 239 ASP ASP A . n 
A 1 219 LYS 219 240 240 LYS LYS A . n 
A 1 220 TYR 220 241 241 TYR TYR A . n 
A 1 221 LEU 221 242 242 LEU LEU A . n 
A 1 222 VAL 222 243 243 VAL VAL A . n 
A 1 223 SER 223 244 244 SER SER A . n 
A 1 224 LEU 224 245 245 LEU LEU A . n 
A 1 225 SER 225 246 246 SER SER A . n 
A 1 226 VAL 226 247 247 VAL VAL A . n 
A 1 227 THR 227 248 248 THR THR A . n 
A 1 228 THR 228 249 249 THR THR A . n 
A 1 229 ALA 229 250 250 ALA ALA A . n 
A 1 230 LEU 230 251 251 LEU LEU A . n 
A 1 231 SER 231 252 252 SER SER A . n 
A 1 232 GLN 232 253 253 GLN GLN A . n 
A 1 233 ALA 233 254 254 ALA ALA A . n 
A 1 234 VAL 234 255 255 VAL VAL A . n 
A 1 235 THR 235 256 256 THR THR A . n 
A 1 236 ASP 236 257 257 ASP ASP A . n 
A 1 237 GLY 237 258 258 GLY GLY A . n 
A 1 238 PRO 238 259 259 PRO PRO A . n 
A 1 239 ALA 239 260 260 ALA ALA A . n 
A 1 240 THR 240 261 261 THR THR A . n 
A 1 241 ASP 241 262 262 ASP ASP A . n 
A 1 242 ALA 242 263 263 ALA ALA A . n 
A 1 243 ILE 243 264 264 ILE ILE A . n 
A 1 244 VAL 244 265 265 VAL VAL A . n 
A 1 245 ASN 245 266 266 ASN ASN A . n 
A 1 246 GLY 246 267 267 GLY GLY A . n 
A 1 247 PHE 247 268 268 PHE PHE A . n 
A 1 248 GLN 248 269 269 GLN GLN A . n 
A 1 249 VAL 249 270 270 VAL VAL A . n 
A 1 250 VAL 250 271 271 VAL VAL A . n 
A 1 251 ALA 251 272 272 ALA ALA A . n 
A 1 252 HIS 252 273 ?   ?   ?   A . n 
A 1 253 ALA 253 274 ?   ?   ?   A . n 
A 1 254 ALA 254 275 ?   ?   ?   A . n 
A 1 255 PRO 255 276 ?   ?   ?   A . n 
A 1 256 ALA 256 277 ?   ?   ?   A . n 
A 1 257 GLN 257 278 ?   ?   ?   A . n 
A 1 258 ALA 258 279 ?   ?   ?   A . n 
A 1 259 PRO 259 280 ?   ?   ?   A . n 
A 1 260 ALA 260 281 ?   ?   ?   A . n 
A 1 261 PRO 261 282 ?   ?   ?   A . n 
A 1 262 ALA 262 283 ?   ?   ?   A . n 
A 1 263 PRO 263 284 ?   ?   ?   A . n 
A 1 264 GLY 264 285 ?   ?   ?   A . n 
A 1 265 SER 265 286 ?   ?   ?   A . n 
A 1 266 ALA 266 287 ?   ?   ?   A . n 
A 1 267 PRO 267 288 ?   ?   ?   A . n 
A 1 268 VAL 268 289 ?   ?   ?   A . n 
A 1 269 GLY 269 290 ?   ?   ?   A . n 
A 1 270 LEU 270 291 ?   ?   ?   A . n 
A 1 271 PRO 271 292 ?   ?   ?   A . n 
A 1 272 GLY 272 293 ?   ?   ?   A . n 
A 1 273 GLN 273 294 ?   ?   ?   A . n 
A 1 274 ALA 274 295 ?   ?   ?   A . n 
A 1 275 PRO 275 296 ?   ?   ?   A . n 
A 1 276 GLY 276 297 ?   ?   ?   A . n 
A 1 277 TYR 277 298 ?   ?   ?   A . n 
A 1 278 PRO 278 299 ?   ?   ?   A . n 
A 1 279 PRO 279 300 ?   ?   ?   A . n 
A 1 280 ALA 280 301 ?   ?   ?   A . n 
A 1 281 GLY 281 302 ?   ?   ?   A . n 
A 1 282 THR 282 303 ?   ?   ?   A . n 
A 1 283 LEU 283 304 ?   ?   ?   A . n 
A 1 284 THR 284 305 ?   ?   ?   A . n 
A 1 285 PRO 285 306 ?   ?   ?   A . n 
A 1 286 VAL 286 307 ?   ?   ?   A . n 
A 1 287 PRO 287 308 ?   ?   ?   A . n 
A 1 288 PRO 288 309 ?   ?   ?   A . n 
A 1 289 ARG 289 310 ?   ?   ?   A . n 
# 
loop_
_pdbx_nonpoly_scheme.asym_id 
_pdbx_nonpoly_scheme.entity_id 
_pdbx_nonpoly_scheme.mon_id 
_pdbx_nonpoly_scheme.ndb_seq_num 
_pdbx_nonpoly_scheme.pdb_seq_num 
_pdbx_nonpoly_scheme.auth_seq_num 
_pdbx_nonpoly_scheme.pdb_mon_id 
_pdbx_nonpoly_scheme.auth_mon_id 
_pdbx_nonpoly_scheme.pdb_strand_id 
_pdbx_nonpoly_scheme.pdb_ins_code 
B 2 CL  1  401 1  CL  CL  A . 
C 3 HOH 1  501 1  HOH HOH A . 
C 3 HOH 2  502 2  HOH HOH A . 
C 3 HOH 3  503 3  HOH HOH A . 
C 3 HOH 4  504 4  HOH HOH A . 
C 3 HOH 5  505 5  HOH HOH A . 
C 3 HOH 6  506 6  HOH HOH A . 
C 3 HOH 7  507 7  HOH HOH A . 
C 3 HOH 8  508 8  HOH HOH A . 
C 3 HOH 9  509 9  HOH HOH A . 
C 3 HOH 10 510 10 HOH HOH A . 
C 3 HOH 11 511 11 HOH HOH A . 
C 3 HOH 12 512 12 HOH HOH A . 
C 3 HOH 13 513 13 HOH HOH A . 
C 3 HOH 14 514 14 HOH HOH A . 
C 3 HOH 15 515 15 HOH HOH A . 
C 3 HOH 16 516 16 HOH HOH A . 
C 3 HOH 17 517 17 HOH HOH A . 
C 3 HOH 18 518 18 HOH HOH A . 
C 3 HOH 19 519 19 HOH HOH A . 
C 3 HOH 20 520 20 HOH HOH A . 
C 3 HOH 21 521 21 HOH HOH A . 
C 3 HOH 22 522 22 HOH HOH A . 
C 3 HOH 23 523 23 HOH HOH A . 
C 3 HOH 24 524 24 HOH HOH A . 
C 3 HOH 25 525 25 HOH HOH A . 
C 3 HOH 26 526 27 HOH HOH A . 
C 3 HOH 27 527 28 HOH HOH A . 
C 3 HOH 28 528 29 HOH HOH A . 
C 3 HOH 29 529 30 HOH HOH A . 
C 3 HOH 30 530 31 HOH HOH A . 
C 3 HOH 31 531 32 HOH HOH A . 
C 3 HOH 32 532 33 HOH HOH A . 
C 3 HOH 33 533 34 HOH HOH A . 
C 3 HOH 34 534 35 HOH HOH A . 
C 3 HOH 35 535 36 HOH HOH A . 
C 3 HOH 36 536 37 HOH HOH A . 
C 3 HOH 37 537 38 HOH HOH A . 
C 3 HOH 38 538 39 HOH HOH A . 
C 3 HOH 39 539 40 HOH HOH A . 
C 3 HOH 40 540 41 HOH HOH A . 
C 3 HOH 41 541 42 HOH HOH A . 
C 3 HOH 42 542 43 HOH HOH A . 
C 3 HOH 43 543 44 HOH HOH A . 
C 3 HOH 44 544 45 HOH HOH A . 
C 3 HOH 45 545 46 HOH HOH A . 
C 3 HOH 46 546 47 HOH HOH A . 
C 3 HOH 47 547 48 HOH HOH A . 
# 
_pdbx_struct_assembly.id                   1 
_pdbx_struct_assembly.details              author_and_software_defined_assembly 
_pdbx_struct_assembly.method_details       PISA 
_pdbx_struct_assembly.oligomeric_details   monomeric 
_pdbx_struct_assembly.oligomeric_count     1 
# 
_pdbx_struct_assembly_gen.assembly_id       1 
_pdbx_struct_assembly_gen.oper_expression   1 
_pdbx_struct_assembly_gen.asym_id_list      A,B,C 
# 
_pdbx_struct_oper_list.id                   1 
_pdbx_struct_oper_list.type                 'identity operation' 
_pdbx_struct_oper_list.name                 1_555 
_pdbx_struct_oper_list.symmetry_operation   x,y,z 
_pdbx_struct_oper_list.matrix[1][1]         1.0000000000 
_pdbx_struct_oper_list.matrix[1][2]         0.0000000000 
_pdbx_struct_oper_list.matrix[1][3]         0.0000000000 
_pdbx_struct_oper_list.vector[1]            0.0000000000 
_pdbx_struct_oper_list.matrix[2][1]         0.0000000000 
_pdbx_struct_oper_list.matrix[2][2]         1.0000000000 
_pdbx_struct_oper_list.matrix[2][3]         0.0000000000 
_pdbx_struct_oper_list.vector[2]            0.0000000000 
_pdbx_struct_oper_list.matrix[3][1]         0.0000000000 
_pdbx_struct_oper_list.matrix[3][2]         0.0000000000 
_pdbx_struct_oper_list.matrix[3][3]         1.0000000000 
_pdbx_struct_oper_list.vector[3]            0.0000000000 
# 
loop_
_pdbx_audit_revision_history.ordinal 
_pdbx_audit_revision_history.data_content_type 
_pdbx_audit_revision_history.major_revision 
_pdbx_audit_revision_history.minor_revision 
_pdbx_audit_revision_history.revision_date 
1 'Structure model' 1 0 2015-03-25 
2 'Structure model' 1 1 2015-06-24 
3 'Structure model' 1 2 2017-01-11 
4 'Structure model' 1 3 2019-12-18 
5 'Structure model' 1 4 2023-11-08 
# 
_pdbx_audit_revision_details.ordinal             1 
_pdbx_audit_revision_details.revision_ordinal    1 
_pdbx_audit_revision_details.data_content_type   'Structure model' 
_pdbx_audit_revision_details.provider            repository 
_pdbx_audit_revision_details.type                'Initial release' 
_pdbx_audit_revision_details.description         ? 
_pdbx_audit_revision_details.details             ? 
# 
loop_
_pdbx_audit_revision_group.ordinal 
_pdbx_audit_revision_group.revision_ordinal 
_pdbx_audit_revision_group.data_content_type 
_pdbx_audit_revision_group.group 
1 2 'Structure model' 'Data collection'        
2 3 'Structure model' 'Database references'    
3 4 'Structure model' 'Data collection'        
4 4 'Structure model' 'Database references'    
5 5 'Structure model' 'Data collection'        
6 5 'Structure model' 'Database references'    
7 5 'Structure model' 'Derived calculations'   
8 5 'Structure model' 'Refinement description' 
# 
loop_
_pdbx_audit_revision_category.ordinal 
_pdbx_audit_revision_category.revision_ordinal 
_pdbx_audit_revision_category.data_content_type 
_pdbx_audit_revision_category.category 
1 4 'Structure model' reflns_shell                  
2 4 'Structure model' struct_ref_seq_dif            
3 5 'Structure model' chem_comp_atom                
4 5 'Structure model' chem_comp_bond                
5 5 'Structure model' database_2                    
6 5 'Structure model' pdbx_initial_refinement_model 
7 5 'Structure model' struct_site                   
# 
loop_
_pdbx_audit_revision_item.ordinal 
_pdbx_audit_revision_item.revision_ordinal 
_pdbx_audit_revision_item.data_content_type 
_pdbx_audit_revision_item.item 
1 4 'Structure model' '_reflns_shell.Rmerge_I_obs'          
2 4 'Structure model' '_struct_ref_seq_dif.details'         
3 5 'Structure model' '_database_2.pdbx_DOI'                
4 5 'Structure model' '_database_2.pdbx_database_accession' 
5 5 'Structure model' '_struct_site.pdbx_auth_asym_id'      
6 5 'Structure model' '_struct_site.pdbx_auth_comp_id'      
7 5 'Structure model' '_struct_site.pdbx_auth_seq_id'       
# 
loop_
_software.pdbx_ordinal 
_software.name 
_software.version 
_software.date 
_software.type 
_software.contact_author 
_software.contact_author_email 
_software.classification 
_software.location 
_software.language 
_software.citation_id 
1 XSCALE      .        ?               package 'Wolfgang Kabsch'    ?                        'data scaling'    
http://www.mpimf-heidelberg.mpg.de/~kabsch/xds/html_doc/xscale_program.html ?          ? 
2 REFMAC      5.7.0029 ?               program 'Garib N. Murshudov' garib@ysbl.york.ac.uk    refinement        
http://www.ccp4.ac.uk/dist/html/refmac5.html                                Fortran_77 ? 
3 PDB_EXTRACT 3.14     'Dec. 10, 2013' package PDB                  deposit@deposit.rcsb.org 'data extraction' 
http://sw-tools.pdb.org/apps/PDB_EXTRACT/                                   C++        ? 
4 HKL-2000    .        ?               ?       ?                    ?                        'data collection' ? ?          ? 
5 XDS         .        ?               ?       ?                    ?                        'data reduction'  ? ?          ? 
6 SHARP       .        ?               ?       ?                    ?                        phasing           ? ?          ? 
# 
_pdbx_validate_rmsd_bond.id                        1 
_pdbx_validate_rmsd_bond.PDB_model_num             1 
_pdbx_validate_rmsd_bond.auth_atom_id_1            CB 
_pdbx_validate_rmsd_bond.auth_asym_id_1            A 
_pdbx_validate_rmsd_bond.auth_comp_id_1            ASP 
_pdbx_validate_rmsd_bond.auth_seq_id_1             262 
_pdbx_validate_rmsd_bond.PDB_ins_code_1            ? 
_pdbx_validate_rmsd_bond.label_alt_id_1            ? 
_pdbx_validate_rmsd_bond.auth_atom_id_2            CG 
_pdbx_validate_rmsd_bond.auth_asym_id_2            A 
_pdbx_validate_rmsd_bond.auth_comp_id_2            ASP 
_pdbx_validate_rmsd_bond.auth_seq_id_2             262 
_pdbx_validate_rmsd_bond.PDB_ins_code_2            ? 
_pdbx_validate_rmsd_bond.label_alt_id_2            ? 
_pdbx_validate_rmsd_bond.bond_value                1.237 
_pdbx_validate_rmsd_bond.bond_target_value         1.513 
_pdbx_validate_rmsd_bond.bond_deviation            -0.276 
_pdbx_validate_rmsd_bond.bond_standard_deviation   0.021 
_pdbx_validate_rmsd_bond.linker_flag               N 
# 
loop_
_pdbx_validate_rmsd_angle.id 
_pdbx_validate_rmsd_angle.PDB_model_num 
_pdbx_validate_rmsd_angle.auth_atom_id_1 
_pdbx_validate_rmsd_angle.auth_asym_id_1 
_pdbx_validate_rmsd_angle.auth_comp_id_1 
_pdbx_validate_rmsd_angle.auth_seq_id_1 
_pdbx_validate_rmsd_angle.PDB_ins_code_1 
_pdbx_validate_rmsd_angle.label_alt_id_1 
_pdbx_validate_rmsd_angle.auth_atom_id_2 
_pdbx_validate_rmsd_angle.auth_asym_id_2 
_pdbx_validate_rmsd_angle.auth_comp_id_2 
_pdbx_validate_rmsd_angle.auth_seq_id_2 
_pdbx_validate_rmsd_angle.PDB_ins_code_2 
_pdbx_validate_rmsd_angle.label_alt_id_2 
_pdbx_validate_rmsd_angle.auth_atom_id_3 
_pdbx_validate_rmsd_angle.auth_asym_id_3 
_pdbx_validate_rmsd_angle.auth_comp_id_3 
_pdbx_validate_rmsd_angle.auth_seq_id_3 
_pdbx_validate_rmsd_angle.PDB_ins_code_3 
_pdbx_validate_rmsd_angle.label_alt_id_3 
_pdbx_validate_rmsd_angle.angle_value 
_pdbx_validate_rmsd_angle.angle_target_value 
_pdbx_validate_rmsd_angle.angle_deviation 
_pdbx_validate_rmsd_angle.angle_standard_deviation 
_pdbx_validate_rmsd_angle.linker_flag 
1 1 N   A THR 105 ? ? CA A THR 105 ? ? CB  A THR 105 ? ? 97.36  110.30 -12.94 1.90 N 
2 1 NE  A ARG 230 ? ? CZ A ARG 230 ? ? NH1 A ARG 230 ? ? 125.71 120.30 5.41   0.50 N 
3 1 NE  A ARG 230 ? ? CZ A ARG 230 ? ? NH2 A ARG 230 ? ? 114.73 120.30 -5.57  0.50 N 
4 1 N   A ASP 262 ? ? CA A ASP 262 ? ? CB  A ASP 262 ? ? 99.73  110.60 -10.87 1.80 N 
5 1 OD1 A ASP 262 ? ? CG A ASP 262 ? ? OD2 A ASP 262 ? ? 141.21 123.30 17.91  1.90 N 
6 1 CB  A ASP 262 ? ? CG A ASP 262 ? ? OD1 A ASP 262 ? ? 111.35 118.30 -6.95  0.90 N 
7 1 CB  A ASP 262 ? ? CG A ASP 262 ? ? OD2 A ASP 262 ? ? 107.02 118.30 -11.28 0.90 N 
# 
loop_
_pdbx_validate_torsion.id 
_pdbx_validate_torsion.PDB_model_num 
_pdbx_validate_torsion.auth_comp_id 
_pdbx_validate_torsion.auth_asym_id 
_pdbx_validate_torsion.auth_seq_id 
_pdbx_validate_torsion.PDB_ins_code 
_pdbx_validate_torsion.label_alt_id 
_pdbx_validate_torsion.phi 
_pdbx_validate_torsion.psi 
1 1 ARG A 137 ? ? 80.24  -8.38   
2 1 ASN A 159 ? ? -73.25 -153.73 
3 1 SER A 160 ? ? 56.98  138.16  
# 
loop_
_pdbx_unobs_or_zero_occ_atoms.id 
_pdbx_unobs_or_zero_occ_atoms.PDB_model_num 
_pdbx_unobs_or_zero_occ_atoms.polymer_flag 
_pdbx_unobs_or_zero_occ_atoms.occupancy_flag 
_pdbx_unobs_or_zero_occ_atoms.auth_asym_id 
_pdbx_unobs_or_zero_occ_atoms.auth_comp_id 
_pdbx_unobs_or_zero_occ_atoms.auth_seq_id 
_pdbx_unobs_or_zero_occ_atoms.PDB_ins_code 
_pdbx_unobs_or_zero_occ_atoms.auth_atom_id 
_pdbx_unobs_or_zero_occ_atoms.label_alt_id 
_pdbx_unobs_or_zero_occ_atoms.label_asym_id 
_pdbx_unobs_or_zero_occ_atoms.label_comp_id 
_pdbx_unobs_or_zero_occ_atoms.label_seq_id 
_pdbx_unobs_or_zero_occ_atoms.label_atom_id 
1 1 Y 1 A ASN 159 ? CG  ? A ASN 138 CG  
2 1 Y 1 A ASN 159 ? OD1 ? A ASN 138 OD1 
3 1 Y 1 A ASN 159 ? ND2 ? A ASN 138 ND2 
# 
loop_
_pdbx_unobs_or_zero_occ_residues.id 
_pdbx_unobs_or_zero_occ_residues.PDB_model_num 
_pdbx_unobs_or_zero_occ_residues.polymer_flag 
_pdbx_unobs_or_zero_occ_residues.occupancy_flag 
_pdbx_unobs_or_zero_occ_residues.auth_asym_id 
_pdbx_unobs_or_zero_occ_residues.auth_comp_id 
_pdbx_unobs_or_zero_occ_residues.auth_seq_id 
_pdbx_unobs_or_zero_occ_residues.PDB_ins_code 
_pdbx_unobs_or_zero_occ_residues.label_asym_id 
_pdbx_unobs_or_zero_occ_residues.label_comp_id 
_pdbx_unobs_or_zero_occ_residues.label_seq_id 
1   1 Y 1 A HIS 22  ? A HIS 1   
2   1 Y 1 A HIS 23  ? A HIS 2   
3   1 Y 1 A HIS 24  ? A HIS 3   
4   1 Y 1 A HIS 25  ? A HIS 4   
5   1 Y 1 A HIS 26  ? A HIS 5   
6   1 Y 1 A HIS 27  ? A HIS 6   
7   1 Y 1 A GLY 28  ? A GLY 7   
8   1 Y 1 A SER 29  ? A SER 8   
9   1 Y 1 A ALA 30  ? A ALA 9   
10  1 Y 1 A CYS 31  ? A CYS 10  
11  1 Y 1 A ALA 32  ? A ALA 11  
12  1 Y 1 A ASP 33  ? A ASP 12  
13  1 Y 1 A PRO 34  ? A PRO 13  
14  1 Y 1 A LEU 35  ? A LEU 14  
15  1 Y 1 A LEU 36  ? A LEU 15  
16  1 Y 1 A PRO 37  ? A PRO 16  
17  1 Y 1 A PRO 38  ? A PRO 17  
18  1 Y 1 A PRO 39  ? A PRO 18  
19  1 Y 1 A PRO 40  ? A PRO 19  
20  1 Y 1 A ILE 41  ? A ILE 20  
21  1 Y 1 A PRO 42  ? A PRO 21  
22  1 Y 1 A ALA 43  ? A ALA 22  
23  1 Y 1 A PRO 44  ? A PRO 23  
24  1 Y 1 A VAL 45  ? A VAL 24  
25  1 Y 1 A SER 46  ? A SER 25  
26  1 Y 1 A ALA 47  ? A ALA 26  
27  1 Y 1 A PRO 48  ? A PRO 27  
28  1 Y 1 A ALA 49  ? A ALA 28  
29  1 Y 1 A THR 50  ? A THR 29  
30  1 Y 1 A VAL 51  ? A VAL 30  
31  1 Y 1 A PRO 52  ? A PRO 31  
32  1 Y 1 A PRO 53  ? A PRO 32  
33  1 Y 1 A VAL 54  ? A VAL 33  
34  1 Y 1 A GLN 55  ? A GLN 34  
35  1 Y 1 A ASN 56  ? A ASN 35  
36  1 Y 1 A LEU 57  ? A LEU 36  
37  1 Y 1 A THR 58  ? A THR 37  
38  1 Y 1 A ALA 59  ? A ALA 38  
39  1 Y 1 A LEU 60  ? A LEU 39  
40  1 Y 1 A PRO 61  ? A PRO 40  
41  1 Y 1 A GLY 62  ? A GLY 41  
42  1 Y 1 A GLY 63  ? A GLY 42  
43  1 Y 1 A SER 64  ? A SER 43  
44  1 Y 1 A SER 65  ? A SER 44  
45  1 Y 1 A ASN 66  ? A ASN 45  
46  1 Y 1 A ARG 67  ? A ARG 46  
47  1 Y 1 A PHE 68  ? A PHE 47  
48  1 Y 1 A SER 69  ? A SER 48  
49  1 Y 1 A PRO 70  ? A PRO 49  
50  1 Y 1 A ALA 71  ? A ALA 50  
51  1 Y 1 A PRO 72  ? A PRO 51  
52  1 Y 1 A ALA 73  ? A ALA 52  
53  1 Y 1 A PRO 74  ? A PRO 53  
54  1 Y 1 A ALA 75  ? A ALA 54  
55  1 Y 1 A PRO 76  ? A PRO 55  
56  1 Y 1 A ILE 77  ? A ILE 56  
57  1 Y 1 A ALA 78  ? A ALA 57  
58  1 Y 1 A SER 79  ? A SER 58  
59  1 Y 1 A PRO 80  ? A PRO 59  
60  1 Y 1 A ILE 81  ? A ILE 60  
61  1 Y 1 A PRO 82  ? A PRO 61  
62  1 Y 1 A VAL 83  ? A VAL 62  
63  1 Y 1 A GLY 84  ? A GLY 63  
64  1 Y 1 A ALA 85  ? A ALA 64  
65  1 Y 1 A PRO 86  ? A PRO 65  
66  1 Y 1 A GLY 87  ? A GLY 66  
67  1 Y 1 A SER 88  ? A SER 67  
68  1 Y 1 A THR 89  ? A THR 68  
69  1 Y 1 A ALA 90  ? A ALA 69  
70  1 Y 1 A VAL 91  ? A VAL 70  
71  1 Y 1 A PRO 92  ? A PRO 71  
72  1 Y 1 A PRO 93  ? A PRO 72  
73  1 Y 1 A LEU 94  ? A LEU 73  
74  1 Y 1 A PRO 95  ? A PRO 74  
75  1 Y 1 A PRO 96  ? A PRO 75  
76  1 Y 1 A HIS 273 ? A HIS 252 
77  1 Y 1 A ALA 274 ? A ALA 253 
78  1 Y 1 A ALA 275 ? A ALA 254 
79  1 Y 1 A PRO 276 ? A PRO 255 
80  1 Y 1 A ALA 277 ? A ALA 256 
81  1 Y 1 A GLN 278 ? A GLN 257 
82  1 Y 1 A ALA 279 ? A ALA 258 
83  1 Y 1 A PRO 280 ? A PRO 259 
84  1 Y 1 A ALA 281 ? A ALA 260 
85  1 Y 1 A PRO 282 ? A PRO 261 
86  1 Y 1 A ALA 283 ? A ALA 262 
87  1 Y 1 A PRO 284 ? A PRO 263 
88  1 Y 1 A GLY 285 ? A GLY 264 
89  1 Y 1 A SER 286 ? A SER 265 
90  1 Y 1 A ALA 287 ? A ALA 266 
91  1 Y 1 A PRO 288 ? A PRO 267 
92  1 Y 1 A VAL 289 ? A VAL 268 
93  1 Y 1 A GLY 290 ? A GLY 269 
94  1 Y 1 A LEU 291 ? A LEU 270 
95  1 Y 1 A PRO 292 ? A PRO 271 
96  1 Y 1 A GLY 293 ? A GLY 272 
97  1 Y 1 A GLN 294 ? A GLN 273 
98  1 Y 1 A ALA 295 ? A ALA 274 
99  1 Y 1 A PRO 296 ? A PRO 275 
100 1 Y 1 A GLY 297 ? A GLY 276 
101 1 Y 1 A TYR 298 ? A TYR 277 
102 1 Y 1 A PRO 299 ? A PRO 278 
103 1 Y 1 A PRO 300 ? A PRO 279 
104 1 Y 1 A ALA 301 ? A ALA 280 
105 1 Y 1 A GLY 302 ? A GLY 281 
106 1 Y 1 A THR 303 ? A THR 282 
107 1 Y 1 A LEU 304 ? A LEU 283 
108 1 Y 1 A THR 305 ? A THR 284 
109 1 Y 1 A PRO 306 ? A PRO 285 
110 1 Y 1 A VAL 307 ? A VAL 286 
111 1 Y 1 A PRO 308 ? A PRO 287 
112 1 Y 1 A PRO 309 ? A PRO 288 
113 1 Y 1 A ARG 310 ? A ARG 289 
# 
loop_
_chem_comp_atom.comp_id 
_chem_comp_atom.atom_id 
_chem_comp_atom.type_symbol 
_chem_comp_atom.pdbx_aromatic_flag 
_chem_comp_atom.pdbx_stereo_config 
_chem_comp_atom.pdbx_ordinal 
ALA N    N  N N 1   
ALA CA   C  N S 2   
ALA C    C  N N 3   
ALA O    O  N N 4   
ALA CB   C  N N 5   
ALA OXT  O  N N 6   
ALA H    H  N N 7   
ALA H2   H  N N 8   
ALA HA   H  N N 9   
ALA HB1  H  N N 10  
ALA HB2  H  N N 11  
ALA HB3  H  N N 12  
ALA HXT  H  N N 13  
ARG N    N  N N 14  
ARG CA   C  N S 15  
ARG C    C  N N 16  
ARG O    O  N N 17  
ARG CB   C  N N 18  
ARG CG   C  N N 19  
ARG CD   C  N N 20  
ARG NE   N  N N 21  
ARG CZ   C  N N 22  
ARG NH1  N  N N 23  
ARG NH2  N  N N 24  
ARG OXT  O  N N 25  
ARG H    H  N N 26  
ARG H2   H  N N 27  
ARG HA   H  N N 28  
ARG HB2  H  N N 29  
ARG HB3  H  N N 30  
ARG HG2  H  N N 31  
ARG HG3  H  N N 32  
ARG HD2  H  N N 33  
ARG HD3  H  N N 34  
ARG HE   H  N N 35  
ARG HH11 H  N N 36  
ARG HH12 H  N N 37  
ARG HH21 H  N N 38  
ARG HH22 H  N N 39  
ARG HXT  H  N N 40  
ASN N    N  N N 41  
ASN CA   C  N S 42  
ASN C    C  N N 43  
ASN O    O  N N 44  
ASN CB   C  N N 45  
ASN CG   C  N N 46  
ASN OD1  O  N N 47  
ASN ND2  N  N N 48  
ASN OXT  O  N N 49  
ASN H    H  N N 50  
ASN H2   H  N N 51  
ASN HA   H  N N 52  
ASN HB2  H  N N 53  
ASN HB3  H  N N 54  
ASN HD21 H  N N 55  
ASN HD22 H  N N 56  
ASN HXT  H  N N 57  
ASP N    N  N N 58  
ASP CA   C  N S 59  
ASP C    C  N N 60  
ASP O    O  N N 61  
ASP CB   C  N N 62  
ASP CG   C  N N 63  
ASP OD1  O  N N 64  
ASP OD2  O  N N 65  
ASP OXT  O  N N 66  
ASP H    H  N N 67  
ASP H2   H  N N 68  
ASP HA   H  N N 69  
ASP HB2  H  N N 70  
ASP HB3  H  N N 71  
ASP HD2  H  N N 72  
ASP HXT  H  N N 73  
CL  CL   CL N N 74  
CYS N    N  N N 75  
CYS CA   C  N R 76  
CYS C    C  N N 77  
CYS O    O  N N 78  
CYS CB   C  N N 79  
CYS SG   S  N N 80  
CYS OXT  O  N N 81  
CYS H    H  N N 82  
CYS H2   H  N N 83  
CYS HA   H  N N 84  
CYS HB2  H  N N 85  
CYS HB3  H  N N 86  
CYS HG   H  N N 87  
CYS HXT  H  N N 88  
GLN N    N  N N 89  
GLN CA   C  N S 90  
GLN C    C  N N 91  
GLN O    O  N N 92  
GLN CB   C  N N 93  
GLN CG   C  N N 94  
GLN CD   C  N N 95  
GLN OE1  O  N N 96  
GLN NE2  N  N N 97  
GLN OXT  O  N N 98  
GLN H    H  N N 99  
GLN H2   H  N N 100 
GLN HA   H  N N 101 
GLN HB2  H  N N 102 
GLN HB3  H  N N 103 
GLN HG2  H  N N 104 
GLN HG3  H  N N 105 
GLN HE21 H  N N 106 
GLN HE22 H  N N 107 
GLN HXT  H  N N 108 
GLU N    N  N N 109 
GLU CA   C  N S 110 
GLU C    C  N N 111 
GLU O    O  N N 112 
GLU CB   C  N N 113 
GLU CG   C  N N 114 
GLU CD   C  N N 115 
GLU OE1  O  N N 116 
GLU OE2  O  N N 117 
GLU OXT  O  N N 118 
GLU H    H  N N 119 
GLU H2   H  N N 120 
GLU HA   H  N N 121 
GLU HB2  H  N N 122 
GLU HB3  H  N N 123 
GLU HG2  H  N N 124 
GLU HG3  H  N N 125 
GLU HE2  H  N N 126 
GLU HXT  H  N N 127 
GLY N    N  N N 128 
GLY CA   C  N N 129 
GLY C    C  N N 130 
GLY O    O  N N 131 
GLY OXT  O  N N 132 
GLY H    H  N N 133 
GLY H2   H  N N 134 
GLY HA2  H  N N 135 
GLY HA3  H  N N 136 
GLY HXT  H  N N 137 
HIS N    N  N N 138 
HIS CA   C  N S 139 
HIS C    C  N N 140 
HIS O    O  N N 141 
HIS CB   C  N N 142 
HIS CG   C  Y N 143 
HIS ND1  N  Y N 144 
HIS CD2  C  Y N 145 
HIS CE1  C  Y N 146 
HIS NE2  N  Y N 147 
HIS OXT  O  N N 148 
HIS H    H  N N 149 
HIS H2   H  N N 150 
HIS HA   H  N N 151 
HIS HB2  H  N N 152 
HIS HB3  H  N N 153 
HIS HD1  H  N N 154 
HIS HD2  H  N N 155 
HIS HE1  H  N N 156 
HIS HE2  H  N N 157 
HIS HXT  H  N N 158 
HOH O    O  N N 159 
HOH H1   H  N N 160 
HOH H2   H  N N 161 
ILE N    N  N N 162 
ILE CA   C  N S 163 
ILE C    C  N N 164 
ILE O    O  N N 165 
ILE CB   C  N S 166 
ILE CG1  C  N N 167 
ILE CG2  C  N N 168 
ILE CD1  C  N N 169 
ILE OXT  O  N N 170 
ILE H    H  N N 171 
ILE H2   H  N N 172 
ILE HA   H  N N 173 
ILE HB   H  N N 174 
ILE HG12 H  N N 175 
ILE HG13 H  N N 176 
ILE HG21 H  N N 177 
ILE HG22 H  N N 178 
ILE HG23 H  N N 179 
ILE HD11 H  N N 180 
ILE HD12 H  N N 181 
ILE HD13 H  N N 182 
ILE HXT  H  N N 183 
LEU N    N  N N 184 
LEU CA   C  N S 185 
LEU C    C  N N 186 
LEU O    O  N N 187 
LEU CB   C  N N 188 
LEU CG   C  N N 189 
LEU CD1  C  N N 190 
LEU CD2  C  N N 191 
LEU OXT  O  N N 192 
LEU H    H  N N 193 
LEU H2   H  N N 194 
LEU HA   H  N N 195 
LEU HB2  H  N N 196 
LEU HB3  H  N N 197 
LEU HG   H  N N 198 
LEU HD11 H  N N 199 
LEU HD12 H  N N 200 
LEU HD13 H  N N 201 
LEU HD21 H  N N 202 
LEU HD22 H  N N 203 
LEU HD23 H  N N 204 
LEU HXT  H  N N 205 
LYS N    N  N N 206 
LYS CA   C  N S 207 
LYS C    C  N N 208 
LYS O    O  N N 209 
LYS CB   C  N N 210 
LYS CG   C  N N 211 
LYS CD   C  N N 212 
LYS CE   C  N N 213 
LYS NZ   N  N N 214 
LYS OXT  O  N N 215 
LYS H    H  N N 216 
LYS H2   H  N N 217 
LYS HA   H  N N 218 
LYS HB2  H  N N 219 
LYS HB3  H  N N 220 
LYS HG2  H  N N 221 
LYS HG3  H  N N 222 
LYS HD2  H  N N 223 
LYS HD3  H  N N 224 
LYS HE2  H  N N 225 
LYS HE3  H  N N 226 
LYS HZ1  H  N N 227 
LYS HZ2  H  N N 228 
LYS HZ3  H  N N 229 
LYS HXT  H  N N 230 
MET N    N  N N 231 
MET CA   C  N S 232 
MET C    C  N N 233 
MET O    O  N N 234 
MET CB   C  N N 235 
MET CG   C  N N 236 
MET SD   S  N N 237 
MET CE   C  N N 238 
MET OXT  O  N N 239 
MET H    H  N N 240 
MET H2   H  N N 241 
MET HA   H  N N 242 
MET HB2  H  N N 243 
MET HB3  H  N N 244 
MET HG2  H  N N 245 
MET HG3  H  N N 246 
MET HE1  H  N N 247 
MET HE2  H  N N 248 
MET HE3  H  N N 249 
MET HXT  H  N N 250 
PHE N    N  N N 251 
PHE CA   C  N S 252 
PHE C    C  N N 253 
PHE O    O  N N 254 
PHE CB   C  N N 255 
PHE CG   C  Y N 256 
PHE CD1  C  Y N 257 
PHE CD2  C  Y N 258 
PHE CE1  C  Y N 259 
PHE CE2  C  Y N 260 
PHE CZ   C  Y N 261 
PHE OXT  O  N N 262 
PHE H    H  N N 263 
PHE H2   H  N N 264 
PHE HA   H  N N 265 
PHE HB2  H  N N 266 
PHE HB3  H  N N 267 
PHE HD1  H  N N 268 
PHE HD2  H  N N 269 
PHE HE1  H  N N 270 
PHE HE2  H  N N 271 
PHE HZ   H  N N 272 
PHE HXT  H  N N 273 
PRO N    N  N N 274 
PRO CA   C  N S 275 
PRO C    C  N N 276 
PRO O    O  N N 277 
PRO CB   C  N N 278 
PRO CG   C  N N 279 
PRO CD   C  N N 280 
PRO OXT  O  N N 281 
PRO H    H  N N 282 
PRO HA   H  N N 283 
PRO HB2  H  N N 284 
PRO HB3  H  N N 285 
PRO HG2  H  N N 286 
PRO HG3  H  N N 287 
PRO HD2  H  N N 288 
PRO HD3  H  N N 289 
PRO HXT  H  N N 290 
SER N    N  N N 291 
SER CA   C  N S 292 
SER C    C  N N 293 
SER O    O  N N 294 
SER CB   C  N N 295 
SER OG   O  N N 296 
SER OXT  O  N N 297 
SER H    H  N N 298 
SER H2   H  N N 299 
SER HA   H  N N 300 
SER HB2  H  N N 301 
SER HB3  H  N N 302 
SER HG   H  N N 303 
SER HXT  H  N N 304 
THR N    N  N N 305 
THR CA   C  N S 306 
THR C    C  N N 307 
THR O    O  N N 308 
THR CB   C  N R 309 
THR OG1  O  N N 310 
THR CG2  C  N N 311 
THR OXT  O  N N 312 
THR H    H  N N 313 
THR H2   H  N N 314 
THR HA   H  N N 315 
THR HB   H  N N 316 
THR HG1  H  N N 317 
THR HG21 H  N N 318 
THR HG22 H  N N 319 
THR HG23 H  N N 320 
THR HXT  H  N N 321 
TRP N    N  N N 322 
TRP CA   C  N S 323 
TRP C    C  N N 324 
TRP O    O  N N 325 
TRP CB   C  N N 326 
TRP CG   C  Y N 327 
TRP CD1  C  Y N 328 
TRP CD2  C  Y N 329 
TRP NE1  N  Y N 330 
TRP CE2  C  Y N 331 
TRP CE3  C  Y N 332 
TRP CZ2  C  Y N 333 
TRP CZ3  C  Y N 334 
TRP CH2  C  Y N 335 
TRP OXT  O  N N 336 
TRP H    H  N N 337 
TRP H2   H  N N 338 
TRP HA   H  N N 339 
TRP HB2  H  N N 340 
TRP HB3  H  N N 341 
TRP HD1  H  N N 342 
TRP HE1  H  N N 343 
TRP HE3  H  N N 344 
TRP HZ2  H  N N 345 
TRP HZ3  H  N N 346 
TRP HH2  H  N N 347 
TRP HXT  H  N N 348 
TYR N    N  N N 349 
TYR CA   C  N S 350 
TYR C    C  N N 351 
TYR O    O  N N 352 
TYR CB   C  N N 353 
TYR CG   C  Y N 354 
TYR CD1  C  Y N 355 
TYR CD2  C  Y N 356 
TYR CE1  C  Y N 357 
TYR CE2  C  Y N 358 
TYR CZ   C  Y N 359 
TYR OH   O  N N 360 
TYR OXT  O  N N 361 
TYR H    H  N N 362 
TYR H2   H  N N 363 
TYR HA   H  N N 364 
TYR HB2  H  N N 365 
TYR HB3  H  N N 366 
TYR HD1  H  N N 367 
TYR HD2  H  N N 368 
TYR HE1  H  N N 369 
TYR HE2  H  N N 370 
TYR HH   H  N N 371 
TYR HXT  H  N N 372 
VAL N    N  N N 373 
VAL CA   C  N S 374 
VAL C    C  N N 375 
VAL O    O  N N 376 
VAL CB   C  N N 377 
VAL CG1  C  N N 378 
VAL CG2  C  N N 379 
VAL OXT  O  N N 380 
VAL H    H  N N 381 
VAL H2   H  N N 382 
VAL HA   H  N N 383 
VAL HB   H  N N 384 
VAL HG11 H  N N 385 
VAL HG12 H  N N 386 
VAL HG13 H  N N 387 
VAL HG21 H  N N 388 
VAL HG22 H  N N 389 
VAL HG23 H  N N 390 
VAL HXT  H  N N 391 
# 
loop_
_chem_comp_bond.comp_id 
_chem_comp_bond.atom_id_1 
_chem_comp_bond.atom_id_2 
_chem_comp_bond.value_order 
_chem_comp_bond.pdbx_aromatic_flag 
_chem_comp_bond.pdbx_stereo_config 
_chem_comp_bond.pdbx_ordinal 
ALA N   CA   sing N N 1   
ALA N   H    sing N N 2   
ALA N   H2   sing N N 3   
ALA CA  C    sing N N 4   
ALA CA  CB   sing N N 5   
ALA CA  HA   sing N N 6   
ALA C   O    doub N N 7   
ALA C   OXT  sing N N 8   
ALA CB  HB1  sing N N 9   
ALA CB  HB2  sing N N 10  
ALA CB  HB3  sing N N 11  
ALA OXT HXT  sing N N 12  
ARG N   CA   sing N N 13  
ARG N   H    sing N N 14  
ARG N   H2   sing N N 15  
ARG CA  C    sing N N 16  
ARG CA  CB   sing N N 17  
ARG CA  HA   sing N N 18  
ARG C   O    doub N N 19  
ARG C   OXT  sing N N 20  
ARG CB  CG   sing N N 21  
ARG CB  HB2  sing N N 22  
ARG CB  HB3  sing N N 23  
ARG CG  CD   sing N N 24  
ARG CG  HG2  sing N N 25  
ARG CG  HG3  sing N N 26  
ARG CD  NE   sing N N 27  
ARG CD  HD2  sing N N 28  
ARG CD  HD3  sing N N 29  
ARG NE  CZ   sing N N 30  
ARG NE  HE   sing N N 31  
ARG CZ  NH1  sing N N 32  
ARG CZ  NH2  doub N N 33  
ARG NH1 HH11 sing N N 34  
ARG NH1 HH12 sing N N 35  
ARG NH2 HH21 sing N N 36  
ARG NH2 HH22 sing N N 37  
ARG OXT HXT  sing N N 38  
ASN N   CA   sing N N 39  
ASN N   H    sing N N 40  
ASN N   H2   sing N N 41  
ASN CA  C    sing N N 42  
ASN CA  CB   sing N N 43  
ASN CA  HA   sing N N 44  
ASN C   O    doub N N 45  
ASN C   OXT  sing N N 46  
ASN CB  CG   sing N N 47  
ASN CB  HB2  sing N N 48  
ASN CB  HB3  sing N N 49  
ASN CG  OD1  doub N N 50  
ASN CG  ND2  sing N N 51  
ASN ND2 HD21 sing N N 52  
ASN ND2 HD22 sing N N 53  
ASN OXT HXT  sing N N 54  
ASP N   CA   sing N N 55  
ASP N   H    sing N N 56  
ASP N   H2   sing N N 57  
ASP CA  C    sing N N 58  
ASP CA  CB   sing N N 59  
ASP CA  HA   sing N N 60  
ASP C   O    doub N N 61  
ASP C   OXT  sing N N 62  
ASP CB  CG   sing N N 63  
ASP CB  HB2  sing N N 64  
ASP CB  HB3  sing N N 65  
ASP CG  OD1  doub N N 66  
ASP CG  OD2  sing N N 67  
ASP OD2 HD2  sing N N 68  
ASP OXT HXT  sing N N 69  
CYS N   CA   sing N N 70  
CYS N   H    sing N N 71  
CYS N   H2   sing N N 72  
CYS CA  C    sing N N 73  
CYS CA  CB   sing N N 74  
CYS CA  HA   sing N N 75  
CYS C   O    doub N N 76  
CYS C   OXT  sing N N 77  
CYS CB  SG   sing N N 78  
CYS CB  HB2  sing N N 79  
CYS CB  HB3  sing N N 80  
CYS SG  HG   sing N N 81  
CYS OXT HXT  sing N N 82  
GLN N   CA   sing N N 83  
GLN N   H    sing N N 84  
GLN N   H2   sing N N 85  
GLN CA  C    sing N N 86  
GLN CA  CB   sing N N 87  
GLN CA  HA   sing N N 88  
GLN C   O    doub N N 89  
GLN C   OXT  sing N N 90  
GLN CB  CG   sing N N 91  
GLN CB  HB2  sing N N 92  
GLN CB  HB3  sing N N 93  
GLN CG  CD   sing N N 94  
GLN CG  HG2  sing N N 95  
GLN CG  HG3  sing N N 96  
GLN CD  OE1  doub N N 97  
GLN CD  NE2  sing N N 98  
GLN NE2 HE21 sing N N 99  
GLN NE2 HE22 sing N N 100 
GLN OXT HXT  sing N N 101 
GLU N   CA   sing N N 102 
GLU N   H    sing N N 103 
GLU N   H2   sing N N 104 
GLU CA  C    sing N N 105 
GLU CA  CB   sing N N 106 
GLU CA  HA   sing N N 107 
GLU C   O    doub N N 108 
GLU C   OXT  sing N N 109 
GLU CB  CG   sing N N 110 
GLU CB  HB2  sing N N 111 
GLU CB  HB3  sing N N 112 
GLU CG  CD   sing N N 113 
GLU CG  HG2  sing N N 114 
GLU CG  HG3  sing N N 115 
GLU CD  OE1  doub N N 116 
GLU CD  OE2  sing N N 117 
GLU OE2 HE2  sing N N 118 
GLU OXT HXT  sing N N 119 
GLY N   CA   sing N N 120 
GLY N   H    sing N N 121 
GLY N   H2   sing N N 122 
GLY CA  C    sing N N 123 
GLY CA  HA2  sing N N 124 
GLY CA  HA3  sing N N 125 
GLY C   O    doub N N 126 
GLY C   OXT  sing N N 127 
GLY OXT HXT  sing N N 128 
HIS N   CA   sing N N 129 
HIS N   H    sing N N 130 
HIS N   H2   sing N N 131 
HIS CA  C    sing N N 132 
HIS CA  CB   sing N N 133 
HIS CA  HA   sing N N 134 
HIS C   O    doub N N 135 
HIS C   OXT  sing N N 136 
HIS CB  CG   sing N N 137 
HIS CB  HB2  sing N N 138 
HIS CB  HB3  sing N N 139 
HIS CG  ND1  sing Y N 140 
HIS CG  CD2  doub Y N 141 
HIS ND1 CE1  doub Y N 142 
HIS ND1 HD1  sing N N 143 
HIS CD2 NE2  sing Y N 144 
HIS CD2 HD2  sing N N 145 
HIS CE1 NE2  sing Y N 146 
HIS CE1 HE1  sing N N 147 
HIS NE2 HE2  sing N N 148 
HIS OXT HXT  sing N N 149 
HOH O   H1   sing N N 150 
HOH O   H2   sing N N 151 
ILE N   CA   sing N N 152 
ILE N   H    sing N N 153 
ILE N   H2   sing N N 154 
ILE CA  C    sing N N 155 
ILE CA  CB   sing N N 156 
ILE CA  HA   sing N N 157 
ILE C   O    doub N N 158 
ILE C   OXT  sing N N 159 
ILE CB  CG1  sing N N 160 
ILE CB  CG2  sing N N 161 
ILE CB  HB   sing N N 162 
ILE CG1 CD1  sing N N 163 
ILE CG1 HG12 sing N N 164 
ILE CG1 HG13 sing N N 165 
ILE CG2 HG21 sing N N 166 
ILE CG2 HG22 sing N N 167 
ILE CG2 HG23 sing N N 168 
ILE CD1 HD11 sing N N 169 
ILE CD1 HD12 sing N N 170 
ILE CD1 HD13 sing N N 171 
ILE OXT HXT  sing N N 172 
LEU N   CA   sing N N 173 
LEU N   H    sing N N 174 
LEU N   H2   sing N N 175 
LEU CA  C    sing N N 176 
LEU CA  CB   sing N N 177 
LEU CA  HA   sing N N 178 
LEU C   O    doub N N 179 
LEU C   OXT  sing N N 180 
LEU CB  CG   sing N N 181 
LEU CB  HB2  sing N N 182 
LEU CB  HB3  sing N N 183 
LEU CG  CD1  sing N N 184 
LEU CG  CD2  sing N N 185 
LEU CG  HG   sing N N 186 
LEU CD1 HD11 sing N N 187 
LEU CD1 HD12 sing N N 188 
LEU CD1 HD13 sing N N 189 
LEU CD2 HD21 sing N N 190 
LEU CD2 HD22 sing N N 191 
LEU CD2 HD23 sing N N 192 
LEU OXT HXT  sing N N 193 
LYS N   CA   sing N N 194 
LYS N   H    sing N N 195 
LYS N   H2   sing N N 196 
LYS CA  C    sing N N 197 
LYS CA  CB   sing N N 198 
LYS CA  HA   sing N N 199 
LYS C   O    doub N N 200 
LYS C   OXT  sing N N 201 
LYS CB  CG   sing N N 202 
LYS CB  HB2  sing N N 203 
LYS CB  HB3  sing N N 204 
LYS CG  CD   sing N N 205 
LYS CG  HG2  sing N N 206 
LYS CG  HG3  sing N N 207 
LYS CD  CE   sing N N 208 
LYS CD  HD2  sing N N 209 
LYS CD  HD3  sing N N 210 
LYS CE  NZ   sing N N 211 
LYS CE  HE2  sing N N 212 
LYS CE  HE3  sing N N 213 
LYS NZ  HZ1  sing N N 214 
LYS NZ  HZ2  sing N N 215 
LYS NZ  HZ3  sing N N 216 
LYS OXT HXT  sing N N 217 
MET N   CA   sing N N 218 
MET N   H    sing N N 219 
MET N   H2   sing N N 220 
MET CA  C    sing N N 221 
MET CA  CB   sing N N 222 
MET CA  HA   sing N N 223 
MET C   O    doub N N 224 
MET C   OXT  sing N N 225 
MET CB  CG   sing N N 226 
MET CB  HB2  sing N N 227 
MET CB  HB3  sing N N 228 
MET CG  SD   sing N N 229 
MET CG  HG2  sing N N 230 
MET CG  HG3  sing N N 231 
MET SD  CE   sing N N 232 
MET CE  HE1  sing N N 233 
MET CE  HE2  sing N N 234 
MET CE  HE3  sing N N 235 
MET OXT HXT  sing N N 236 
PHE N   CA   sing N N 237 
PHE N   H    sing N N 238 
PHE N   H2   sing N N 239 
PHE CA  C    sing N N 240 
PHE CA  CB   sing N N 241 
PHE CA  HA   sing N N 242 
PHE C   O    doub N N 243 
PHE C   OXT  sing N N 244 
PHE CB  CG   sing N N 245 
PHE CB  HB2  sing N N 246 
PHE CB  HB3  sing N N 247 
PHE CG  CD1  doub Y N 248 
PHE CG  CD2  sing Y N 249 
PHE CD1 CE1  sing Y N 250 
PHE CD1 HD1  sing N N 251 
PHE CD2 CE2  doub Y N 252 
PHE CD2 HD2  sing N N 253 
PHE CE1 CZ   doub Y N 254 
PHE CE1 HE1  sing N N 255 
PHE CE2 CZ   sing Y N 256 
PHE CE2 HE2  sing N N 257 
PHE CZ  HZ   sing N N 258 
PHE OXT HXT  sing N N 259 
PRO N   CA   sing N N 260 
PRO N   CD   sing N N 261 
PRO N   H    sing N N 262 
PRO CA  C    sing N N 263 
PRO CA  CB   sing N N 264 
PRO CA  HA   sing N N 265 
PRO C   O    doub N N 266 
PRO C   OXT  sing N N 267 
PRO CB  CG   sing N N 268 
PRO CB  HB2  sing N N 269 
PRO CB  HB3  sing N N 270 
PRO CG  CD   sing N N 271 
PRO CG  HG2  sing N N 272 
PRO CG  HG3  sing N N 273 
PRO CD  HD2  sing N N 274 
PRO CD  HD3  sing N N 275 
PRO OXT HXT  sing N N 276 
SER N   CA   sing N N 277 
SER N   H    sing N N 278 
SER N   H2   sing N N 279 
SER CA  C    sing N N 280 
SER CA  CB   sing N N 281 
SER CA  HA   sing N N 282 
SER C   O    doub N N 283 
SER C   OXT  sing N N 284 
SER CB  OG   sing N N 285 
SER CB  HB2  sing N N 286 
SER CB  HB3  sing N N 287 
SER OG  HG   sing N N 288 
SER OXT HXT  sing N N 289 
THR N   CA   sing N N 290 
THR N   H    sing N N 291 
THR N   H2   sing N N 292 
THR CA  C    sing N N 293 
THR CA  CB   sing N N 294 
THR CA  HA   sing N N 295 
THR C   O    doub N N 296 
THR C   OXT  sing N N 297 
THR CB  OG1  sing N N 298 
THR CB  CG2  sing N N 299 
THR CB  HB   sing N N 300 
THR OG1 HG1  sing N N 301 
THR CG2 HG21 sing N N 302 
THR CG2 HG22 sing N N 303 
THR CG2 HG23 sing N N 304 
THR OXT HXT  sing N N 305 
TRP N   CA   sing N N 306 
TRP N   H    sing N N 307 
TRP N   H2   sing N N 308 
TRP CA  C    sing N N 309 
TRP CA  CB   sing N N 310 
TRP CA  HA   sing N N 311 
TRP C   O    doub N N 312 
TRP C   OXT  sing N N 313 
TRP CB  CG   sing N N 314 
TRP CB  HB2  sing N N 315 
TRP CB  HB3  sing N N 316 
TRP CG  CD1  doub Y N 317 
TRP CG  CD2  sing Y N 318 
TRP CD1 NE1  sing Y N 319 
TRP CD1 HD1  sing N N 320 
TRP CD2 CE2  doub Y N 321 
TRP CD2 CE3  sing Y N 322 
TRP NE1 CE2  sing Y N 323 
TRP NE1 HE1  sing N N 324 
TRP CE2 CZ2  sing Y N 325 
TRP CE3 CZ3  doub Y N 326 
TRP CE3 HE3  sing N N 327 
TRP CZ2 CH2  doub Y N 328 
TRP CZ2 HZ2  sing N N 329 
TRP CZ3 CH2  sing Y N 330 
TRP CZ3 HZ3  sing N N 331 
TRP CH2 HH2  sing N N 332 
TRP OXT HXT  sing N N 333 
TYR N   CA   sing N N 334 
TYR N   H    sing N N 335 
TYR N   H2   sing N N 336 
TYR CA  C    sing N N 337 
TYR CA  CB   sing N N 338 
TYR CA  HA   sing N N 339 
TYR C   O    doub N N 340 
TYR C   OXT  sing N N 341 
TYR CB  CG   sing N N 342 
TYR CB  HB2  sing N N 343 
TYR CB  HB3  sing N N 344 
TYR CG  CD1  doub Y N 345 
TYR CG  CD2  sing Y N 346 
TYR CD1 CE1  sing Y N 347 
TYR CD1 HD1  sing N N 348 
TYR CD2 CE2  doub Y N 349 
TYR CD2 HD2  sing N N 350 
TYR CE1 CZ   doub Y N 351 
TYR CE1 HE1  sing N N 352 
TYR CE2 CZ   sing Y N 353 
TYR CE2 HE2  sing N N 354 
TYR CZ  OH   sing N N 355 
TYR OH  HH   sing N N 356 
TYR OXT HXT  sing N N 357 
VAL N   CA   sing N N 358 
VAL N   H    sing N N 359 
VAL N   H2   sing N N 360 
VAL CA  C    sing N N 361 
VAL CA  CB   sing N N 362 
VAL CA  HA   sing N N 363 
VAL C   O    doub N N 364 
VAL C   OXT  sing N N 365 
VAL CB  CG1  sing N N 366 
VAL CB  CG2  sing N N 367 
VAL CB  HB   sing N N 368 
VAL CG1 HG11 sing N N 369 
VAL CG1 HG12 sing N N 370 
VAL CG1 HG13 sing N N 371 
VAL CG2 HG21 sing N N 372 
VAL CG2 HG22 sing N N 373 
VAL CG2 HG23 sing N N 374 
VAL OXT HXT  sing N N 375 
# 
loop_
_pdbx_entity_nonpoly.entity_id 
_pdbx_entity_nonpoly.name 
_pdbx_entity_nonpoly.comp_id 
2 'CHLORIDE ION' CL  
3 water          HOH 
# 
_pdbx_initial_refinement_model.id               1 
_pdbx_initial_refinement_model.entity_id_list   ? 
_pdbx_initial_refinement_model.type             'experimental model' 
_pdbx_initial_refinement_model.source_name      PDB 
_pdbx_initial_refinement_model.accession_code   4OL4 
_pdbx_initial_refinement_model.details          ? 
# 
